data_4NV1
#
_entry.id   4NV1
#
_cell.length_a   71.942
_cell.length_b   80.065
_cell.length_c   109.852
_cell.angle_alpha   71.72
_cell.angle_beta   88.62
_cell.angle_gamma   89.78
#
_symmetry.space_group_name_H-M   'P 1'
#
loop_
_entity.id
_entity.type
_entity.pdbx_description
1 polymer Formyltransferase
2 non-polymer dTDP-4-amino-4,6-dideoxyglucose
3 non-polymer 'PHOSPHATE ION'
4 non-polymer "THYMIDINE-5'-DIPHOSPHATE"
5 non-polymer dTDP-4,6-dideoxy-4-formamido-glucose
6 water water
#
_entity_poly.entity_id   1
_entity_poly.type   'polypeptide(L)'
_entity_poly.pdbx_seq_one_letter_code
;GHMKKIFVVTDNRTILSDFKNIIGSKNDVQVDYFCSFKSQTSFAKEIYNSEIKPIDMKKNGNDLIGKYDLGFSCHSKQLF
PAKLVNSVLCINIHPGLNPYNRGWFPQVFSIINKLPIGATIHVMDEEIDHGDIIIQEEVEVNSFENSFDVYAKVQKKEVE
LFTKVIDDILNNKFTRIKPNSEGNYNSIHDYKNMCEIDLDKIVTMREAIDYLRAMTHPPYKNSYFIDEHGNKVFVALELE
KIS
;
_entity_poly.pdbx_strand_id   C,D,E,F,B,A,G,H
#
loop_
_chem_comp.id
_chem_comp.type
_chem_comp.name
_chem_comp.formula
0FX non-polymer dTDP-4-amino-4,6-dideoxyglucose 'C16 H27 N3 O14 P2'
4TG non-polymer dTDP-4,6-dideoxy-4-formamido-glucose 'C17 H27 N3 O15 P2'
PO4 non-polymer 'PHOSPHATE ION' 'O4 P -3'
TYD non-polymer THYMIDINE-5'-DIPHOSPHATE 'C10 H16 N2 O11 P2'
#
# COMPACT_ATOMS: atom_id res chain seq x y z
N MET A 3 40.00 26.22 -14.47
CA MET A 3 38.55 26.28 -14.14
C MET A 3 37.70 26.36 -15.39
N LYS A 4 37.47 25.21 -16.00
CA LYS A 4 36.66 25.14 -17.21
C LYS A 4 35.26 25.68 -16.99
N LYS A 5 34.74 26.36 -18.00
CA LYS A 5 33.45 27.00 -17.93
C LYS A 5 32.61 26.32 -18.98
N ILE A 6 31.44 25.86 -18.59
CA ILE A 6 30.63 24.94 -19.37
C ILE A 6 29.18 25.38 -19.48
N PHE A 7 28.61 25.21 -20.66
CA PHE A 7 27.15 25.28 -20.78
C PHE A 7 26.58 23.95 -21.25
N VAL A 8 25.38 23.67 -20.73
CA VAL A 8 24.64 22.45 -20.98
C VAL A 8 23.25 22.87 -21.33
N VAL A 9 22.84 22.57 -22.54
CA VAL A 9 21.50 22.70 -23.02
C VAL A 9 20.69 21.39 -23.05
N THR A 10 19.58 21.37 -22.31
CA THR A 10 18.65 20.24 -22.31
C THR A 10 17.21 20.64 -22.03
N ASP A 11 16.28 19.91 -22.65
CA ASP A 11 14.90 19.98 -22.24
C ASP A 11 14.42 18.71 -21.55
N ASN A 12 15.28 17.98 -20.85
CA ASN A 12 14.85 16.75 -20.18
C ASN A 12 15.16 16.78 -18.74
N ARG A 13 14.17 16.51 -17.89
CA ARG A 13 14.35 16.60 -16.46
C ARG A 13 15.34 15.57 -16.01
N THR A 14 15.23 14.36 -16.57
CA THR A 14 16.06 13.27 -16.05
C THR A 14 17.54 13.51 -16.40
N ILE A 15 17.79 13.80 -17.66
CA ILE A 15 19.10 14.23 -18.12
C ILE A 15 19.61 15.44 -17.33
N LEU A 16 18.75 16.44 -17.11
CA LEU A 16 19.14 17.63 -16.31
C LEU A 16 19.62 17.18 -14.95
N SER A 17 18.83 16.31 -14.33
CA SER A 17 19.21 15.75 -13.02
C SER A 17 20.50 14.88 -13.02
N ASP A 18 20.71 14.07 -14.04
CA ASP A 18 21.94 13.24 -14.08
C ASP A 18 23.25 14.02 -14.28
N PHE A 19 23.21 14.92 -15.24
CA PHE A 19 24.30 15.81 -15.49
C PHE A 19 24.73 16.60 -14.26
N LYS A 20 23.77 17.23 -13.59
CA LYS A 20 24.05 18.03 -12.39
C LYS A 20 24.88 17.21 -11.44
N ASN A 21 24.40 15.99 -11.32
CA ASN A 21 25.02 14.98 -10.51
C ASN A 21 26.45 14.63 -10.88
N ILE A 22 26.61 14.20 -12.13
CA ILE A 22 27.95 13.91 -12.64
C ILE A 22 28.83 15.17 -12.65
N ILE A 23 28.37 16.26 -13.25
CA ILE A 23 29.20 17.44 -13.40
C ILE A 23 29.49 18.16 -12.09
N GLY A 24 28.47 18.45 -11.27
CA GLY A 24 28.68 18.92 -9.91
C GLY A 24 29.68 18.10 -9.09
N SER A 25 29.92 16.84 -9.42
CA SER A 25 30.92 16.08 -8.67
C SER A 25 32.35 16.49 -9.01
N LYS A 26 32.57 17.31 -10.04
CA LYS A 26 33.88 17.48 -10.61
C LYS A 26 34.53 18.75 -10.07
N ASN A 27 35.86 18.72 -10.00
CA ASN A 27 36.62 19.94 -9.71
C ASN A 27 36.74 20.81 -10.94
N ASP A 28 36.89 22.09 -10.64
CA ASP A 28 37.55 23.05 -11.53
C ASP A 28 36.64 23.35 -12.70
N VAL A 29 35.35 23.17 -12.43
CA VAL A 29 34.28 23.29 -13.38
C VAL A 29 33.23 24.26 -12.92
N GLN A 30 32.86 25.17 -13.81
CA GLN A 30 31.69 26.01 -13.54
C GLN A 30 30.72 25.70 -14.64
N VAL A 31 29.43 25.65 -14.35
CA VAL A 31 28.51 25.27 -15.42
C VAL A 31 27.20 26.06 -15.33
N ASP A 32 26.76 26.71 -16.42
CA ASP A 32 25.39 27.19 -16.56
C ASP A 32 24.52 26.27 -17.40
N TYR A 33 23.26 26.12 -17.01
CA TYR A 33 22.32 25.24 -17.69
C TYR A 33 21.22 26.06 -18.33
N PHE A 34 20.95 25.77 -19.59
CA PHE A 34 19.85 26.37 -20.32
C PHE A 34 18.91 25.30 -20.85
N CYS A 35 17.70 25.75 -21.07
CA CYS A 35 16.62 24.96 -21.62
C CYS A 35 15.90 25.82 -22.64
N SER A 36 14.79 25.34 -23.16
CA SER A 36 14.10 26.09 -24.19
C SER A 36 12.85 26.76 -23.59
N PHE A 37 12.28 27.66 -24.40
CA PHE A 37 11.15 28.51 -23.97
C PHE A 37 9.91 27.65 -23.93
N LYS A 38 9.75 26.79 -24.94
CA LYS A 38 8.68 25.78 -24.96
C LYS A 38 8.63 24.97 -23.67
N SER A 39 9.65 25.15 -22.85
CA SER A 39 9.91 24.27 -21.74
C SER A 39 9.67 24.98 -20.39
N GLN A 40 9.08 26.19 -20.42
CA GLN A 40 8.92 27.04 -19.22
C GLN A 40 8.18 26.39 -18.03
N THR A 41 7.23 25.51 -18.36
CA THR A 41 6.39 24.87 -17.36
C THR A 41 7.01 23.57 -16.85
N SER A 42 7.48 22.72 -17.76
CA SER A 42 8.05 21.44 -17.34
C SER A 42 9.06 21.77 -16.28
N PHE A 43 9.82 22.81 -16.60
CA PHE A 43 10.91 23.29 -15.72
C PHE A 43 10.61 24.53 -14.87
N ALA A 44 9.36 24.63 -14.39
CA ALA A 44 8.92 25.74 -13.53
C ALA A 44 9.61 25.79 -12.14
N LYS A 45 9.71 24.71 -11.36
CA LYS A 45 10.44 24.80 -10.06
C LYS A 45 11.95 25.13 -10.16
N GLU A 46 12.58 24.57 -11.20
CA GLU A 46 14.02 24.68 -11.39
C GLU A 46 14.39 26.05 -11.97
N ILE A 47 13.62 26.58 -12.94
CA ILE A 47 13.82 27.94 -13.50
C ILE A 47 13.72 29.03 -12.45
N TYR A 48 12.63 28.96 -11.70
CA TYR A 48 12.39 29.82 -10.55
C TYR A 48 13.52 29.71 -9.52
N ASN A 49 14.00 28.50 -9.28
CA ASN A 49 15.20 28.37 -8.49
C ASN A 49 16.43 28.76 -9.31
N SER A 50 16.24 29.10 -10.57
CA SER A 50 17.38 29.22 -11.49
C SER A 50 18.44 28.09 -11.32
N GLU A 51 18.02 26.83 -11.44
CA GLU A 51 18.92 25.73 -11.71
C GLU A 51 19.07 25.66 -13.22
N ILE A 52 18.18 26.37 -13.94
CA ILE A 52 18.22 26.44 -15.40
C ILE A 52 17.58 27.73 -15.96
N LYS A 53 17.84 28.05 -17.22
CA LYS A 53 17.36 29.29 -17.80
C LYS A 53 17.05 29.11 -19.27
N PRO A 54 15.84 29.46 -19.73
CA PRO A 54 15.47 29.49 -21.14
C PRO A 54 16.43 30.25 -22.00
N ILE A 55 16.43 29.96 -23.30
CA ILE A 55 17.24 30.67 -24.26
C ILE A 55 16.74 30.33 -25.63
N ASP A 56 16.84 31.30 -26.52
CA ASP A 56 16.52 31.13 -27.91
C ASP A 56 17.89 30.92 -28.53
N MET A 57 18.20 29.68 -28.90
CA MET A 57 19.50 29.40 -29.47
C MET A 57 19.52 29.94 -30.87
N LYS A 58 18.36 29.99 -31.54
CA LYS A 58 18.36 30.43 -32.95
C LYS A 58 18.81 31.87 -33.08
N LYS A 59 18.17 32.70 -32.25
CA LYS A 59 18.51 34.11 -32.10
C LYS A 59 19.94 34.28 -31.61
N ASN A 60 20.18 33.78 -30.40
CA ASN A 60 21.19 34.27 -29.46
C ASN A 60 22.28 33.25 -29.06
N GLY A 61 22.26 32.10 -29.71
CA GLY A 61 23.14 31.00 -29.34
C GLY A 61 24.55 31.54 -29.45
N ASN A 62 24.77 32.26 -30.55
CA ASN A 62 26.06 32.82 -30.88
C ASN A 62 26.64 33.81 -29.85
N ASP A 63 25.77 34.35 -29.01
CA ASP A 63 26.16 35.13 -27.83
C ASP A 63 26.86 34.33 -26.76
N LEU A 64 26.81 33.00 -26.79
CA LEU A 64 27.61 32.25 -25.81
C LEU A 64 29.05 32.13 -26.32
N ILE A 65 29.29 32.53 -27.57
CA ILE A 65 30.68 32.46 -28.03
C ILE A 65 31.45 33.40 -27.12
N GLY A 66 32.54 32.89 -26.58
CA GLY A 66 33.49 33.71 -25.83
C GLY A 66 33.34 33.68 -24.33
N LYS A 67 32.23 33.14 -23.83
CA LYS A 67 31.97 33.00 -22.40
C LYS A 67 32.22 31.58 -21.87
N TYR A 68 32.28 30.57 -22.73
CA TYR A 68 32.38 29.18 -22.25
C TYR A 68 33.53 28.44 -22.94
N ASP A 69 34.06 27.39 -22.35
CA ASP A 69 35.12 26.58 -22.96
C ASP A 69 34.58 25.34 -23.70
N LEU A 70 33.39 24.95 -23.31
CA LEU A 70 32.80 23.67 -23.63
C LEU A 70 31.29 23.84 -23.61
N GLY A 71 30.60 23.31 -24.60
CA GLY A 71 29.16 23.14 -24.55
C GLY A 71 28.67 21.72 -24.76
N PHE A 72 27.58 21.41 -24.09
CA PHE A 72 26.84 20.16 -24.27
C PHE A 72 25.37 20.41 -24.58
N SER A 73 24.93 19.61 -25.54
CA SER A 73 23.52 19.42 -25.87
C SER A 73 23.09 18.01 -25.50
N CYS A 74 22.04 17.89 -24.71
CA CYS A 74 21.52 16.55 -24.47
C CYS A 74 20.02 16.60 -24.33
N HIS A 75 19.35 16.15 -25.37
CA HIS A 75 17.88 16.02 -25.39
C HIS A 75 17.30 17.44 -25.33
N SER A 76 17.64 18.21 -26.34
CA SER A 76 17.58 19.64 -26.29
C SER A 76 16.60 19.81 -27.39
N LYS A 77 15.54 20.59 -27.17
CA LYS A 77 14.65 20.93 -28.30
C LYS A 77 15.31 21.68 -29.46
N GLN A 78 16.47 22.33 -29.26
CA GLN A 78 16.99 23.26 -30.28
C GLN A 78 18.36 22.92 -30.84
N LEU A 79 18.61 23.36 -32.07
CA LEU A 79 19.90 23.21 -32.73
C LEU A 79 20.78 24.45 -32.60
N PHE A 80 22.08 24.17 -32.44
CA PHE A 80 23.07 25.14 -32.08
C PHE A 80 23.46 25.80 -33.40
N PRO A 81 23.64 27.14 -33.39
CA PRO A 81 24.10 27.87 -34.57
C PRO A 81 25.47 27.43 -35.08
N ALA A 82 25.76 27.66 -36.35
CA ALA A 82 26.98 27.13 -36.94
C ALA A 82 28.21 27.71 -36.28
N LYS A 83 28.20 29.01 -36.00
CA LYS A 83 29.43 29.68 -35.62
C LYS A 83 29.68 29.41 -34.15
N LEU A 84 28.60 29.16 -33.40
CA LEU A 84 28.82 28.66 -32.02
C LEU A 84 29.62 27.33 -32.08
N VAL A 85 29.12 26.41 -32.86
CA VAL A 85 29.62 25.05 -33.02
C VAL A 85 31.01 25.09 -33.67
N ASN A 86 31.24 26.02 -34.58
CA ASN A 86 32.56 26.19 -35.19
C ASN A 86 33.55 26.94 -34.31
N SER A 87 33.08 27.59 -33.26
CA SER A 87 33.98 28.38 -32.43
C SER A 87 34.23 27.88 -30.99
N VAL A 88 33.35 27.05 -30.47
CA VAL A 88 33.47 26.49 -29.13
C VAL A 88 33.29 25.01 -29.39
N LEU A 89 34.01 24.18 -28.66
CA LEU A 89 33.71 22.77 -28.64
C LEU A 89 32.35 22.44 -28.05
N CYS A 90 31.49 21.88 -28.88
CA CYS A 90 30.10 21.54 -28.53
C CYS A 90 29.97 20.02 -28.79
N ILE A 91 29.47 19.34 -27.79
CA ILE A 91 29.33 17.91 -27.82
C ILE A 91 27.88 17.54 -27.54
N ASN A 92 27.38 16.68 -28.41
CA ASN A 92 26.02 16.18 -28.32
C ASN A 92 25.99 14.79 -27.73
N ILE A 93 25.03 14.57 -26.84
CA ILE A 93 24.84 13.30 -26.21
C ILE A 93 23.49 12.90 -26.75
N HIS A 94 23.49 11.84 -27.54
CA HIS A 94 22.42 11.55 -28.52
C HIS A 94 21.79 10.16 -28.33
N PRO A 95 20.45 10.07 -28.21
CA PRO A 95 19.72 8.82 -28.14
C PRO A 95 19.59 8.06 -29.45
N GLY A 96 20.65 7.96 -30.24
CA GLY A 96 20.75 6.91 -31.26
C GLY A 96 22.19 6.53 -31.62
N LEU A 97 22.39 5.51 -32.43
CA LEU A 97 23.74 5.02 -32.77
C LEU A 97 24.08 5.57 -34.13
N ASN A 98 24.73 6.73 -34.17
CA ASN A 98 25.18 7.29 -35.45
C ASN A 98 26.07 6.29 -36.23
N PRO A 99 25.94 6.23 -37.55
CA PRO A 99 25.13 7.15 -38.33
C PRO A 99 23.75 6.58 -38.67
N TYR A 100 23.25 5.58 -37.95
CA TYR A 100 21.94 4.95 -38.27
C TYR A 100 20.70 5.64 -37.65
N ASN A 101 19.75 5.97 -38.49
CA ASN A 101 18.42 6.52 -38.12
C ASN A 101 18.65 7.84 -37.43
N ARG A 102 19.46 8.66 -38.08
CA ARG A 102 19.73 10.01 -37.63
C ARG A 102 18.40 10.73 -37.76
N GLY A 103 18.20 11.75 -36.95
CA GLY A 103 16.94 12.49 -37.08
C GLY A 103 15.93 12.09 -36.04
N TRP A 104 14.69 12.04 -36.44
CA TRP A 104 13.60 11.85 -35.45
C TRP A 104 13.27 10.41 -34.99
N PHE A 105 13.18 10.25 -33.68
CA PHE A 105 12.75 9.05 -32.97
C PHE A 105 13.44 7.81 -33.52
N PRO A 106 14.76 7.81 -33.41
CA PRO A 106 15.68 6.74 -33.86
C PRO A 106 15.22 5.40 -33.40
N GLN A 107 14.83 5.26 -32.13
CA GLN A 107 14.41 3.96 -31.65
C GLN A 107 13.12 3.44 -32.32
N VAL A 108 12.19 4.34 -32.66
CA VAL A 108 11.01 3.91 -33.38
C VAL A 108 11.41 3.30 -34.70
N PHE A 109 12.17 4.05 -35.48
CA PHE A 109 12.65 3.57 -36.78
C PHE A 109 13.48 2.30 -36.63
N SER A 110 14.22 2.10 -35.55
CA SER A 110 15.04 0.91 -35.41
C SER A 110 14.16 -0.30 -35.18
N ILE A 111 13.07 -0.12 -34.45
CA ILE A 111 12.22 -1.26 -34.13
C ILE A 111 11.62 -1.78 -35.40
N ILE A 112 11.29 -0.85 -36.26
CA ILE A 112 10.77 -1.20 -37.57
C ILE A 112 11.76 -1.67 -38.63
N ASN A 113 12.80 -0.87 -38.87
CA ASN A 113 13.72 -1.16 -39.95
C ASN A 113 14.94 -1.95 -39.60
N LYS A 114 15.11 -2.34 -38.35
CA LYS A 114 16.20 -3.12 -37.83
C LYS A 114 17.61 -2.58 -37.93
N LEU A 115 17.85 -1.34 -38.37
CA LEU A 115 19.16 -0.73 -38.15
C LEU A 115 19.53 -0.64 -36.66
N PRO A 116 20.81 -0.83 -36.29
CA PRO A 116 21.19 -0.62 -34.90
C PRO A 116 20.63 0.64 -34.25
N ILE A 117 20.49 0.55 -32.94
CA ILE A 117 20.04 1.66 -32.11
C ILE A 117 20.94 1.59 -30.90
N GLY A 118 21.16 2.72 -30.27
CA GLY A 118 22.06 2.78 -29.13
C GLY A 118 22.21 4.23 -28.78
N ALA A 119 23.35 4.58 -28.18
CA ALA A 119 23.64 5.99 -27.83
C ALA A 119 25.02 6.43 -28.29
N THR A 120 25.13 7.68 -28.71
CA THR A 120 26.32 8.26 -29.23
C THR A 120 26.56 9.61 -28.54
N ILE A 121 27.84 9.83 -28.23
CA ILE A 121 28.39 11.16 -27.90
C ILE A 121 29.38 11.54 -28.96
N HIS A 122 29.14 12.71 -29.53
CA HIS A 122 29.89 13.11 -30.68
C HIS A 122 30.06 14.61 -30.67
N VAL A 123 31.14 15.05 -31.29
CA VAL A 123 31.40 16.47 -31.43
C VAL A 123 30.47 17.09 -32.46
N MET A 124 29.87 18.23 -32.14
CA MET A 124 28.89 18.80 -33.06
C MET A 124 29.61 19.53 -34.17
N ASP A 125 28.96 19.45 -35.33
CA ASP A 125 29.31 19.96 -36.64
C ASP A 125 28.14 20.79 -37.16
N GLU A 126 28.28 21.34 -38.36
CA GLU A 126 27.13 21.96 -39.06
C GLU A 126 25.92 21.04 -39.40
N GLU A 127 26.15 19.74 -39.60
CA GLU A 127 25.06 18.82 -39.86
C GLU A 127 24.56 18.06 -38.63
N ILE A 128 23.29 17.67 -38.68
CA ILE A 128 22.59 16.92 -37.64
C ILE A 128 23.11 15.50 -37.35
N ASP A 129 23.41 15.24 -36.08
CA ASP A 129 23.92 13.90 -35.70
C ASP A 129 25.01 13.51 -36.72
N HIS A 130 26.09 14.28 -36.88
CA HIS A 130 27.06 14.11 -37.96
C HIS A 130 28.60 14.09 -37.73
N GLY A 131 29.13 14.74 -36.69
CA GLY A 131 30.60 14.92 -36.57
C GLY A 131 31.33 13.81 -35.81
N ASP A 132 32.64 13.97 -35.60
CA ASP A 132 33.43 13.00 -34.80
C ASP A 132 32.80 12.34 -33.61
N ILE A 133 32.87 11.02 -33.60
CA ILE A 133 32.39 10.26 -32.50
C ILE A 133 33.42 10.05 -31.39
N ILE A 134 32.97 10.31 -30.19
CA ILE A 134 33.84 10.18 -29.06
C ILE A 134 33.69 8.83 -28.44
N ILE A 135 32.43 8.46 -28.27
CA ILE A 135 32.08 7.18 -27.71
C ILE A 135 30.62 6.83 -28.10
N GLN A 136 30.37 5.57 -28.44
CA GLN A 136 28.98 5.14 -28.70
C GLN A 136 28.83 3.67 -28.40
N GLU A 137 27.62 3.26 -28.08
CA GLU A 137 27.38 1.84 -27.82
C GLU A 137 25.99 1.40 -28.27
N GLU A 138 25.97 0.30 -29.03
CA GLU A 138 24.66 -0.32 -29.36
C GLU A 138 23.85 -0.83 -28.16
N VAL A 139 22.52 -0.83 -28.30
CA VAL A 139 21.58 -1.36 -27.33
C VAL A 139 20.70 -2.40 -28.01
N GLU A 140 20.38 -3.48 -27.31
CA GLU A 140 19.57 -4.60 -27.85
C GLU A 140 18.09 -4.20 -27.88
N VAL A 141 17.40 -4.59 -28.95
CA VAL A 141 15.95 -4.47 -28.96
C VAL A 141 15.40 -5.87 -28.74
N ASN A 142 14.82 -6.10 -27.57
CA ASN A 142 14.12 -7.38 -27.37
C ASN A 142 12.68 -7.48 -27.89
N SER A 143 12.17 -8.71 -28.06
CA SER A 143 10.85 -8.93 -28.69
C SER A 143 9.70 -8.25 -27.95
N PHE A 144 9.88 -8.10 -26.64
CA PHE A 144 8.83 -7.71 -25.76
C PHE A 144 8.85 -6.21 -25.41
N GLU A 145 9.63 -5.42 -26.12
CA GLU A 145 9.87 -4.03 -25.80
C GLU A 145 9.18 -3.16 -26.79
N ASN A 146 8.73 -2.01 -26.34
CA ASN A 146 8.21 -0.98 -27.18
C ASN A 146 9.16 0.23 -27.29
N SER A 147 8.71 1.29 -27.97
CA SER A 147 9.50 2.51 -28.03
C SER A 147 9.92 3.04 -26.69
N PHE A 148 9.06 2.87 -25.68
CA PHE A 148 9.36 3.48 -24.39
C PHE A 148 10.45 2.68 -23.72
N ASP A 149 10.44 1.36 -23.84
CA ASP A 149 11.44 0.60 -23.15
C ASP A 149 12.83 0.77 -23.79
N VAL A 150 12.85 0.88 -25.12
CA VAL A 150 14.10 1.02 -25.83
C VAL A 150 14.64 2.42 -25.62
N TYR A 151 13.79 3.45 -25.61
CA TYR A 151 14.23 4.79 -25.34
C TYR A 151 14.84 4.81 -23.95
N ALA A 152 14.21 4.14 -23.00
CA ALA A 152 14.75 4.18 -21.64
C ALA A 152 16.08 3.44 -21.47
N LYS A 153 16.33 2.35 -22.20
CA LYS A 153 17.66 1.73 -22.24
C LYS A 153 18.66 2.68 -22.86
N VAL A 154 18.26 3.42 -23.89
CA VAL A 154 19.15 4.27 -24.65
C VAL A 154 19.58 5.42 -23.74
N GLN A 155 18.61 5.95 -23.03
CA GLN A 155 18.83 7.08 -22.14
C GLN A 155 19.79 6.75 -21.06
N LYS A 156 19.58 5.65 -20.36
CA LYS A 156 20.55 5.15 -19.43
C LYS A 156 21.94 4.86 -20.01
N LYS A 157 22.01 4.40 -21.26
CA LYS A 157 23.33 4.16 -21.86
C LYS A 157 24.02 5.51 -22.07
N GLU A 158 23.25 6.49 -22.53
CA GLU A 158 23.70 7.85 -22.71
C GLU A 158 24.40 8.36 -21.50
N VAL A 159 23.74 8.30 -20.33
CA VAL A 159 24.30 8.75 -19.06
C VAL A 159 25.52 7.95 -18.56
N GLU A 160 25.48 6.64 -18.75
CA GLU A 160 26.65 5.82 -18.52
C GLU A 160 27.85 6.12 -19.44
N LEU A 161 27.58 6.40 -20.71
CA LEU A 161 28.67 6.76 -21.62
C LEU A 161 29.23 8.15 -21.30
N PHE A 162 28.38 9.08 -20.88
CA PHE A 162 28.87 10.42 -20.57
C PHE A 162 29.69 10.38 -19.28
N THR A 163 29.20 9.61 -18.31
CA THR A 163 29.94 9.39 -17.07
C THR A 163 31.37 8.88 -17.41
N LYS A 164 31.49 7.94 -18.33
CA LYS A 164 32.77 7.33 -18.71
C LYS A 164 33.70 8.30 -19.42
N VAL A 165 33.20 9.30 -20.11
CA VAL A 165 34.09 10.11 -20.92
C VAL A 165 34.20 11.59 -20.51
N ILE A 166 33.44 12.02 -19.50
CA ILE A 166 33.45 13.46 -19.10
C ILE A 166 34.84 13.95 -18.63
N ASP A 167 35.57 13.10 -17.89
CA ASP A 167 36.96 13.45 -17.54
C ASP A 167 37.90 13.75 -18.71
N ASP A 168 37.87 12.87 -19.69
CA ASP A 168 38.67 13.04 -20.87
C ASP A 168 38.33 14.32 -21.61
N ILE A 169 37.03 14.55 -21.74
CA ILE A 169 36.60 15.77 -22.36
C ILE A 169 37.01 17.00 -21.52
N LEU A 170 36.87 16.99 -20.21
CA LEU A 170 37.24 18.18 -19.45
C LEU A 170 38.77 18.36 -19.52
N ASN A 171 39.47 17.24 -19.71
CA ASN A 171 40.91 17.29 -19.87
C ASN A 171 41.32 17.60 -21.25
N ASN A 172 40.35 17.86 -22.11
CA ASN A 172 40.60 18.11 -23.49
C ASN A 172 41.57 17.14 -24.23
N LYS A 173 41.56 15.88 -23.81
CA LYS A 173 42.17 14.74 -24.52
C LYS A 173 41.19 13.53 -24.57
N PHE A 174 40.50 13.39 -25.69
CA PHE A 174 39.36 12.44 -25.80
C PHE A 174 39.29 11.88 -27.21
N THR A 175 38.61 10.77 -27.37
CA THR A 175 38.53 10.06 -28.59
C THR A 175 37.78 10.89 -29.58
N ARG A 176 38.26 10.87 -30.82
CA ARG A 176 37.54 11.40 -31.96
C ARG A 176 37.68 10.46 -33.15
N ILE A 177 36.58 9.77 -33.47
CA ILE A 177 36.52 8.93 -34.63
C ILE A 177 35.46 9.36 -35.66
N LYS A 178 35.90 9.50 -36.92
CA LYS A 178 35.01 9.83 -38.04
C LYS A 178 33.87 8.83 -38.23
N PRO A 179 32.66 9.30 -38.49
CA PRO A 179 31.72 8.17 -38.65
C PRO A 179 32.04 7.38 -39.94
N ASN A 180 31.70 6.10 -39.98
CA ASN A 180 32.21 5.21 -41.04
C ASN A 180 31.47 5.30 -42.37
N SER A 181 30.24 5.81 -42.35
CA SER A 181 29.46 6.00 -43.56
C SER A 181 28.54 7.17 -43.24
N GLU A 182 27.74 7.65 -44.19
CA GLU A 182 26.75 8.73 -43.95
C GLU A 182 25.43 8.25 -43.30
N GLY A 183 25.16 6.94 -43.44
CA GLY A 183 24.05 6.17 -42.84
C GLY A 183 22.71 6.65 -43.36
N ASN A 184 21.80 7.12 -42.51
CA ASN A 184 20.50 7.53 -42.99
C ASN A 184 19.83 8.51 -42.05
N TYR A 185 19.01 9.40 -42.56
CA TYR A 185 18.24 10.38 -41.75
C TYR A 185 16.73 10.17 -41.88
N ASN A 186 15.96 10.43 -40.82
CA ASN A 186 14.52 10.33 -40.88
C ASN A 186 13.98 11.69 -40.47
N SER A 187 13.19 12.35 -41.31
CA SER A 187 12.55 13.64 -40.91
C SER A 187 11.35 13.52 -39.99
N ILE A 188 10.91 14.61 -39.37
CA ILE A 188 9.66 14.55 -38.60
C ILE A 188 8.42 14.24 -39.48
N HIS A 189 8.50 14.60 -40.75
CA HIS A 189 7.52 14.21 -41.75
C HIS A 189 7.64 12.72 -42.02
N ASP A 190 8.83 12.12 -42.00
CA ASP A 190 8.91 10.69 -42.25
C ASP A 190 8.14 9.97 -41.15
N TYR A 191 8.24 10.46 -39.92
CA TYR A 191 7.56 9.91 -38.78
C TYR A 191 6.03 10.06 -39.00
N LYS A 192 5.60 11.29 -39.26
CA LYS A 192 4.19 11.61 -39.39
C LYS A 192 3.49 10.77 -40.45
N ASN A 193 4.15 10.45 -41.55
CA ASN A 193 3.60 9.54 -42.52
C ASN A 193 3.41 8.09 -42.07
N MET A 194 3.99 7.67 -40.96
CA MET A 194 3.87 6.28 -40.50
C MET A 194 2.75 6.17 -39.48
N CYS A 195 2.25 7.32 -39.01
CA CYS A 195 1.30 7.36 -37.92
C CYS A 195 -0.09 6.84 -38.30
N GLU A 196 -0.51 7.15 -39.53
CA GLU A 196 -1.74 6.66 -40.08
C GLU A 196 -1.57 5.23 -40.59
N ILE A 197 -2.28 4.32 -39.94
CA ILE A 197 -2.25 2.93 -40.30
C ILE A 197 -3.01 2.79 -41.61
N ASP A 198 -2.45 1.97 -42.49
CA ASP A 198 -3.17 1.64 -43.72
C ASP A 198 -3.81 0.23 -43.62
N LEU A 199 -5.10 0.19 -43.31
CA LEU A 199 -5.79 -1.07 -42.93
C LEU A 199 -5.69 -2.15 -43.98
N ASP A 200 -5.50 -1.76 -45.23
CA ASP A 200 -5.36 -2.71 -46.34
C ASP A 200 -3.94 -3.23 -46.58
N LYS A 201 -2.95 -2.56 -45.99
CA LYS A 201 -1.53 -2.96 -46.20
C LYS A 201 -1.30 -4.39 -45.83
N ILE A 202 -0.50 -5.09 -46.61
CA ILE A 202 -0.25 -6.52 -46.42
C ILE A 202 1.06 -6.64 -45.67
N VAL A 203 1.14 -7.51 -44.65
CA VAL A 203 2.29 -7.53 -43.73
C VAL A 203 2.29 -8.91 -43.10
N THR A 204 3.38 -9.32 -42.46
CA THR A 204 3.30 -10.49 -41.59
C THR A 204 2.82 -9.95 -40.21
N MET A 205 2.35 -10.86 -39.39
CA MET A 205 2.06 -10.56 -38.01
C MET A 205 3.31 -10.02 -37.32
N ARG A 206 4.48 -10.55 -37.64
CA ARG A 206 5.73 -10.04 -37.08
C ARG A 206 5.88 -8.55 -37.29
N GLU A 207 5.69 -8.14 -38.53
CA GLU A 207 5.71 -6.76 -38.96
C GLU A 207 4.63 -5.86 -38.32
N ALA A 208 3.42 -6.39 -38.12
CA ALA A 208 2.35 -5.57 -37.56
C ALA A 208 2.72 -5.32 -36.13
N ILE A 209 3.18 -6.37 -35.48
CA ILE A 209 3.59 -6.28 -34.10
C ILE A 209 4.77 -5.33 -33.90
N ASP A 210 5.78 -5.46 -34.75
CA ASP A 210 6.97 -4.58 -34.69
C ASP A 210 6.49 -3.18 -34.97
N TYR A 211 5.63 -2.96 -35.94
CA TYR A 211 5.12 -1.61 -36.15
C TYR A 211 4.35 -1.06 -34.89
N LEU A 212 3.44 -1.87 -34.36
CA LEU A 212 2.61 -1.44 -33.22
C LEU A 212 3.44 -1.12 -31.97
N ARG A 213 4.40 -1.99 -31.67
CA ARG A 213 5.29 -1.70 -30.58
C ARG A 213 6.24 -0.52 -30.79
N ALA A 214 6.67 -0.28 -32.03
CA ALA A 214 7.53 0.87 -32.30
C ALA A 214 6.76 2.18 -32.08
N MET A 215 5.44 2.15 -32.28
CA MET A 215 4.58 3.30 -32.09
C MET A 215 3.93 3.48 -30.72
N THR A 216 4.31 2.62 -29.77
CA THR A 216 3.82 2.60 -28.42
C THR A 216 4.83 3.14 -27.42
N HIS A 217 4.46 4.29 -26.86
CA HIS A 217 5.32 5.07 -25.99
C HIS A 217 4.39 5.92 -25.08
N PRO A 218 3.90 5.34 -23.96
CA PRO A 218 3.05 6.14 -23.09
C PRO A 218 3.83 7.40 -22.68
N PRO A 219 3.13 8.51 -22.49
CA PRO A 219 1.68 8.52 -22.55
C PRO A 219 1.32 9.12 -23.88
N TYR A 220 2.18 8.99 -24.89
CA TYR A 220 1.77 9.58 -26.15
C TYR A 220 0.74 8.74 -26.93
N LYS A 221 0.00 9.43 -27.78
CA LYS A 221 -0.93 8.85 -28.73
C LYS A 221 -0.32 9.01 -30.09
N ASN A 222 0.03 7.90 -30.77
CA ASN A 222 0.75 7.92 -32.03
C ASN A 222 0.07 7.32 -33.23
N SER A 223 0.02 5.98 -33.33
CA SER A 223 -0.58 5.37 -34.49
C SER A 223 -2.09 5.42 -34.43
N TYR A 224 -2.72 5.51 -35.60
CA TYR A 224 -4.18 5.57 -35.64
C TYR A 224 -4.73 5.01 -36.91
N PHE A 225 -6.01 4.62 -36.86
CA PHE A 225 -6.76 4.42 -38.10
C PHE A 225 -8.02 5.27 -38.14
N ILE A 226 -8.49 5.47 -39.36
CA ILE A 226 -9.78 6.14 -39.58
C ILE A 226 -10.73 5.05 -40.07
N ASP A 227 -11.79 4.77 -39.33
CA ASP A 227 -12.69 3.66 -39.73
C ASP A 227 -13.78 4.14 -40.68
N GLU A 228 -14.63 3.20 -41.07
CA GLU A 228 -15.80 3.41 -41.94
C GLU A 228 -16.56 4.68 -41.77
N HIS A 229 -16.89 4.93 -40.51
CA HIS A 229 -17.80 5.98 -40.13
C HIS A 229 -16.95 7.18 -39.88
N GLY A 230 -15.69 7.12 -40.29
CA GLY A 230 -14.76 8.21 -40.00
C GLY A 230 -14.35 8.40 -38.54
N ASN A 231 -14.48 7.37 -37.69
CA ASN A 231 -13.86 7.43 -36.37
C ASN A 231 -12.34 7.36 -36.48
N LYS A 232 -11.67 8.14 -35.64
CA LYS A 232 -10.21 8.17 -35.50
C LYS A 232 -9.91 7.37 -34.25
N VAL A 233 -9.29 6.22 -34.45
CA VAL A 233 -8.96 5.33 -33.31
C VAL A 233 -7.45 5.19 -33.13
N PHE A 234 -6.91 5.59 -31.98
CA PHE A 234 -5.49 5.37 -31.72
C PHE A 234 -5.27 3.96 -31.16
N VAL A 235 -4.11 3.40 -31.50
CA VAL A 235 -3.84 2.04 -31.14
C VAL A 235 -2.52 2.04 -30.43
N ALA A 236 -2.34 1.18 -29.44
CA ALA A 236 -1.10 0.98 -28.68
C ALA A 236 -1.00 -0.48 -28.41
N LEU A 237 0.20 -1.01 -28.28
CA LEU A 237 0.29 -2.44 -28.01
C LEU A 237 0.89 -2.75 -26.67
N GLU A 238 0.44 -3.78 -25.98
CA GLU A 238 1.03 -4.15 -24.73
C GLU A 238 1.64 -5.52 -24.89
N LEU A 239 2.80 -5.72 -24.29
CA LEU A 239 3.50 -6.98 -24.40
C LEU A 239 4.03 -7.40 -23.05
N GLU A 240 3.98 -8.70 -22.77
CA GLU A 240 4.45 -9.17 -21.49
C GLU A 240 5.12 -10.50 -21.64
N LYS A 241 6.37 -10.52 -21.22
CA LYS A 241 7.13 -11.76 -21.24
C LYS A 241 6.67 -12.52 -19.99
N ILE A 242 6.22 -13.72 -20.27
CA ILE A 242 6.01 -14.70 -19.27
C ILE A 242 7.15 -15.68 -19.51
N SER A 243 8.27 -15.42 -18.84
CA SER A 243 9.33 -16.43 -18.65
C SER A 243 10.07 -16.14 -17.35
N MET B 3 -47.80 -23.19 -7.49
CA MET B 3 -46.40 -22.90 -7.09
C MET B 3 -45.41 -23.56 -8.03
N LYS B 4 -44.88 -22.77 -8.97
CA LYS B 4 -43.92 -23.28 -9.93
C LYS B 4 -42.48 -23.31 -9.36
N LYS B 5 -41.90 -24.50 -9.38
CA LYS B 5 -40.60 -24.79 -8.76
C LYS B 5 -39.51 -24.68 -9.81
N ILE B 6 -38.63 -23.71 -9.65
CA ILE B 6 -37.62 -23.45 -10.66
C ILE B 6 -36.19 -23.63 -10.12
N PHE B 7 -35.29 -24.11 -10.97
CA PHE B 7 -33.86 -24.07 -10.56
C PHE B 7 -32.99 -23.23 -11.49
N VAL B 8 -32.03 -22.54 -10.89
CA VAL B 8 -31.15 -21.67 -11.66
C VAL B 8 -29.66 -21.97 -11.35
N VAL B 9 -28.89 -22.22 -12.40
CA VAL B 9 -27.48 -22.54 -12.29
C VAL B 9 -26.62 -21.44 -12.92
N THR B 10 -25.84 -20.75 -12.11
CA THR B 10 -24.91 -19.74 -12.60
C THR B 10 -23.65 -19.75 -11.74
N ASP B 11 -22.56 -19.34 -12.39
CA ASP B 11 -21.32 -18.98 -11.68
C ASP B 11 -20.88 -17.51 -11.70
N ASN B 12 -21.85 -16.64 -11.98
CA ASN B 12 -21.64 -15.22 -12.10
C ASN B 12 -22.45 -14.36 -11.14
N ARG B 13 -21.77 -13.52 -10.37
CA ARG B 13 -22.39 -12.77 -9.28
C ARG B 13 -23.53 -11.83 -9.75
N THR B 14 -23.31 -11.19 -10.88
CA THR B 14 -24.20 -10.10 -11.26
C THR B 14 -25.37 -10.73 -11.95
N ILE B 15 -25.11 -11.81 -12.69
CA ILE B 15 -26.20 -12.65 -13.21
C ILE B 15 -27.05 -13.18 -12.05
N LEU B 16 -26.40 -13.77 -11.06
CA LEU B 16 -27.09 -14.19 -9.86
C LEU B 16 -27.99 -13.05 -9.34
N SER B 17 -27.46 -11.85 -9.10
CA SER B 17 -28.36 -10.90 -8.44
C SER B 17 -29.34 -10.36 -9.47
N ASP B 18 -28.99 -10.37 -10.75
CA ASP B 18 -29.96 -10.01 -11.81
C ASP B 18 -31.19 -10.93 -11.80
N PHE B 19 -30.93 -12.23 -11.87
CA PHE B 19 -31.96 -13.28 -11.86
C PHE B 19 -32.74 -13.25 -10.56
N LYS B 20 -32.09 -12.97 -9.44
CA LYS B 20 -32.84 -12.80 -8.20
C LYS B 20 -33.82 -11.67 -8.35
N ASN B 21 -33.44 -10.60 -9.04
CA ASN B 21 -34.29 -9.41 -9.09
C ASN B 21 -35.51 -9.59 -10.00
N ILE B 22 -35.21 -10.18 -11.14
CA ILE B 22 -36.22 -10.46 -12.12
C ILE B 22 -37.15 -11.56 -11.61
N ILE B 23 -36.62 -12.75 -11.42
CA ILE B 23 -37.48 -13.85 -11.06
C ILE B 23 -38.12 -13.54 -9.72
N GLY B 24 -37.40 -12.88 -8.83
CA GLY B 24 -37.93 -12.61 -7.51
C GLY B 24 -39.10 -11.63 -7.48
N SER B 25 -39.40 -10.96 -8.60
CA SER B 25 -40.56 -10.08 -8.66
C SER B 25 -41.82 -10.75 -9.27
N LYS B 26 -41.89 -12.08 -9.33
CA LYS B 26 -42.96 -12.76 -10.04
C LYS B 26 -43.78 -13.45 -8.99
N ASN B 27 -45.02 -13.81 -9.26
CA ASN B 27 -45.68 -14.62 -8.23
C ASN B 27 -45.75 -16.06 -8.60
N ASP B 28 -45.91 -16.82 -7.53
CA ASP B 28 -46.13 -18.27 -7.51
C ASP B 28 -44.92 -19.02 -8.04
N VAL B 29 -43.72 -18.49 -7.81
CA VAL B 29 -42.53 -19.25 -8.11
C VAL B 29 -41.67 -19.48 -6.88
N GLN B 30 -40.99 -20.61 -6.83
CA GLN B 30 -40.01 -20.91 -5.82
C GLN B 30 -38.73 -21.27 -6.55
N VAL B 31 -37.65 -20.54 -6.30
CA VAL B 31 -36.43 -20.64 -7.09
C VAL B 31 -35.24 -21.07 -6.23
N ASP B 32 -34.60 -22.17 -6.59
CA ASP B 32 -33.34 -22.63 -6.01
C ASP B 32 -32.21 -22.30 -6.93
N TYR B 33 -31.11 -21.80 -6.37
CA TYR B 33 -29.94 -21.40 -7.13
C TYR B 33 -28.80 -22.35 -6.83
N PHE B 34 -28.08 -22.72 -7.89
CA PHE B 34 -26.93 -23.58 -7.81
C PHE B 34 -25.68 -23.00 -8.47
N CYS B 35 -24.50 -23.52 -8.13
CA CYS B 35 -23.21 -23.11 -8.74
C CYS B 35 -22.25 -24.31 -8.75
N SER B 36 -21.10 -24.13 -9.39
CA SER B 36 -20.07 -25.15 -9.35
C SER B 36 -19.38 -25.06 -7.99
N PHE B 37 -18.93 -26.21 -7.51
CA PHE B 37 -17.90 -26.26 -6.47
C PHE B 37 -16.68 -25.31 -6.70
N LYS B 38 -16.41 -24.85 -7.92
CA LYS B 38 -15.27 -23.94 -8.14
C LYS B 38 -15.54 -22.52 -7.70
N SER B 39 -16.77 -22.19 -7.36
CA SER B 39 -17.12 -20.90 -6.77
C SER B 39 -17.44 -20.98 -5.28
N GLN B 40 -17.21 -22.18 -4.75
CA GLN B 40 -17.32 -22.41 -3.34
C GLN B 40 -16.76 -21.19 -2.58
N THR B 41 -15.54 -20.78 -2.95
CA THR B 41 -14.85 -19.73 -2.21
C THR B 41 -15.41 -18.40 -2.66
N SER B 42 -15.31 -18.12 -3.96
CA SER B 42 -15.82 -16.85 -4.48
C SER B 42 -17.27 -16.52 -4.10
N PHE B 43 -18.12 -17.52 -3.85
CA PHE B 43 -19.50 -17.32 -3.37
C PHE B 43 -19.75 -17.63 -1.88
N ALA B 44 -18.70 -18.03 -1.16
CA ALA B 44 -18.93 -18.50 0.21
C ALA B 44 -19.96 -17.74 1.04
N LYS B 45 -19.98 -16.42 0.91
CA LYS B 45 -20.86 -15.58 1.71
C LYS B 45 -22.34 -15.72 1.28
N GLU B 46 -22.56 -16.05 0.00
CA GLU B 46 -23.92 -16.26 -0.50
C GLU B 46 -24.33 -17.65 -0.08
N ILE B 47 -23.37 -18.58 -0.16
CA ILE B 47 -23.56 -19.93 0.36
C ILE B 47 -23.99 -19.88 1.83
N TYR B 48 -23.22 -19.21 2.68
CA TYR B 48 -23.58 -19.14 4.10
C TYR B 48 -24.97 -18.51 4.31
N ASN B 49 -25.39 -17.61 3.44
CA ASN B 49 -26.70 -17.03 3.54
C ASN B 49 -27.78 -17.79 2.82
N SER B 50 -27.45 -19.02 2.41
CA SER B 50 -28.18 -19.82 1.43
C SER B 50 -28.96 -19.06 0.35
N GLU B 51 -28.28 -18.13 -0.31
CA GLU B 51 -28.76 -17.52 -1.56
C GLU B 51 -28.43 -18.45 -2.76
N ILE B 52 -27.54 -19.42 -2.59
CA ILE B 52 -27.10 -20.30 -3.68
C ILE B 52 -26.35 -21.49 -3.10
N LYS B 53 -26.16 -22.56 -3.86
CA LYS B 53 -25.64 -23.79 -3.31
C LYS B 53 -24.92 -24.60 -4.37
N PRO B 54 -23.70 -25.04 -4.06
CA PRO B 54 -22.94 -25.66 -5.13
C PRO B 54 -23.54 -27.00 -5.44
N ILE B 55 -23.27 -27.48 -6.63
CA ILE B 55 -23.71 -28.78 -7.01
C ILE B 55 -22.67 -29.27 -7.97
N ASP B 56 -22.46 -30.58 -8.06
CA ASP B 56 -21.61 -31.19 -9.08
C ASP B 56 -22.54 -31.77 -10.11
N MET B 57 -22.81 -31.01 -11.16
CA MET B 57 -23.75 -31.47 -12.19
C MET B 57 -23.32 -32.79 -12.80
N LYS B 58 -22.04 -32.94 -13.08
CA LYS B 58 -21.62 -34.14 -13.77
C LYS B 58 -22.09 -35.38 -13.05
N LYS B 59 -21.82 -35.45 -11.76
CA LYS B 59 -22.23 -36.58 -10.94
C LYS B 59 -23.70 -36.60 -10.61
N ASN B 60 -24.11 -35.65 -9.77
CA ASN B 60 -25.38 -35.71 -9.08
C ASN B 60 -26.50 -34.85 -9.70
N GLY B 61 -26.24 -34.24 -10.85
CA GLY B 61 -27.23 -33.40 -11.49
C GLY B 61 -28.58 -34.09 -11.60
N ASN B 62 -28.53 -35.35 -11.98
CA ASN B 62 -29.76 -36.14 -12.16
C ASN B 62 -30.58 -36.24 -10.87
N ASP B 63 -29.93 -36.07 -9.72
CA ASP B 63 -30.65 -35.98 -8.44
C ASP B 63 -31.57 -34.76 -8.33
N LEU B 64 -31.65 -33.95 -9.39
CA LEU B 64 -32.62 -32.83 -9.47
C LEU B 64 -33.90 -33.23 -10.19
N ILE B 65 -33.80 -34.36 -10.88
CA ILE B 65 -34.90 -34.89 -11.67
C ILE B 65 -36.01 -35.15 -10.68
N GLY B 66 -37.23 -34.76 -11.07
CA GLY B 66 -38.40 -34.93 -10.25
C GLY B 66 -38.81 -33.73 -9.42
N LYS B 67 -37.89 -32.81 -9.10
CA LYS B 67 -38.25 -31.74 -8.18
C LYS B 67 -38.55 -30.34 -8.67
N TYR B 68 -38.33 -30.12 -9.96
CA TYR B 68 -38.50 -28.79 -10.54
C TYR B 68 -39.34 -28.89 -11.81
N ASP B 69 -40.11 -27.84 -12.07
CA ASP B 69 -40.83 -27.71 -13.32
C ASP B 69 -40.02 -26.96 -14.40
N LEU B 70 -38.97 -26.23 -14.00
CA LEU B 70 -38.25 -25.35 -14.94
C LEU B 70 -36.81 -25.10 -14.53
N GLY B 71 -35.94 -25.27 -15.53
CA GLY B 71 -34.48 -25.09 -15.37
C GLY B 71 -33.88 -23.98 -16.20
N PHE B 72 -33.04 -23.14 -15.59
CA PHE B 72 -32.27 -22.14 -16.31
C PHE B 72 -30.78 -22.33 -16.02
N SER B 73 -30.02 -22.19 -17.08
CA SER B 73 -28.59 -22.04 -16.99
C SER B 73 -28.18 -20.70 -17.54
N CYS B 74 -27.31 -19.97 -16.85
CA CYS B 74 -26.76 -18.73 -17.41
C CYS B 74 -25.33 -18.49 -16.91
N HIS B 75 -24.36 -18.40 -17.82
CA HIS B 75 -22.93 -18.24 -17.44
C HIS B 75 -22.53 -19.15 -16.29
N SER B 76 -22.86 -20.43 -16.45
CA SER B 76 -22.50 -21.50 -15.56
C SER B 76 -21.21 -22.12 -16.13
N LYS B 77 -20.41 -22.74 -15.27
CA LYS B 77 -19.28 -23.53 -15.74
C LYS B 77 -19.59 -24.98 -16.17
N GLN B 78 -20.84 -25.44 -16.05
CA GLN B 78 -21.13 -26.87 -15.97
C GLN B 78 -22.09 -27.28 -17.04
N LEU B 79 -21.99 -28.52 -17.49
CA LEU B 79 -23.02 -29.05 -18.36
C LEU B 79 -24.12 -29.74 -17.57
N PHE B 80 -25.35 -29.48 -17.96
CA PHE B 80 -26.49 -30.17 -17.45
C PHE B 80 -26.35 -31.57 -18.00
N PRO B 81 -26.57 -32.59 -17.15
CA PRO B 81 -26.48 -33.93 -17.71
C PRO B 81 -27.73 -34.17 -18.54
N ALA B 82 -27.56 -34.97 -19.59
CA ALA B 82 -28.56 -35.20 -20.60
C ALA B 82 -29.87 -35.81 -20.11
N LYS B 83 -29.84 -36.56 -19.01
CA LYS B 83 -31.07 -37.16 -18.49
C LYS B 83 -31.90 -36.02 -17.89
N LEU B 84 -31.23 -35.10 -17.18
CA LEU B 84 -31.88 -33.90 -16.66
C LEU B 84 -32.42 -33.03 -17.78
N VAL B 85 -31.70 -32.98 -18.91
CA VAL B 85 -32.17 -32.14 -20.00
C VAL B 85 -33.52 -32.66 -20.53
N ASN B 86 -33.59 -33.95 -20.87
CA ASN B 86 -34.82 -34.55 -21.43
C ASN B 86 -35.93 -34.78 -20.40
N SER B 87 -35.61 -34.65 -19.12
CA SER B 87 -36.59 -34.75 -18.06
C SER B 87 -37.39 -33.48 -17.82
N VAL B 88 -36.82 -32.29 -18.04
CA VAL B 88 -37.60 -31.08 -17.89
C VAL B 88 -37.19 -29.99 -18.83
N LEU B 89 -38.08 -29.01 -18.97
CA LEU B 89 -37.74 -27.81 -19.72
C LEU B 89 -36.50 -27.09 -19.11
N CYS B 90 -35.41 -27.16 -19.86
CA CYS B 90 -34.17 -26.41 -19.53
C CYS B 90 -33.81 -25.38 -20.61
N ILE B 91 -33.57 -24.16 -20.14
CA ILE B 91 -33.42 -23.05 -21.03
C ILE B 91 -32.07 -22.41 -20.72
N ASN B 92 -31.33 -22.17 -21.81
CA ASN B 92 -29.99 -21.58 -21.71
C ASN B 92 -30.00 -20.12 -22.09
N ILE B 93 -29.38 -19.26 -21.29
CA ILE B 93 -29.33 -17.86 -21.68
C ILE B 93 -27.86 -17.72 -22.10
N HIS B 94 -27.57 -17.35 -23.34
CA HIS B 94 -26.24 -17.65 -23.91
C HIS B 94 -25.71 -16.42 -24.60
N PRO B 95 -24.43 -16.06 -24.32
CA PRO B 95 -23.68 -14.99 -24.92
C PRO B 95 -23.09 -15.27 -26.27
N GLY B 96 -23.91 -15.70 -27.19
CA GLY B 96 -23.55 -15.72 -28.63
C GLY B 96 -24.87 -15.65 -29.43
N LEU B 97 -24.71 -15.40 -30.73
CA LEU B 97 -25.82 -15.43 -31.66
C LEU B 97 -25.97 -16.79 -32.41
N ASN B 98 -26.72 -17.72 -31.82
CA ASN B 98 -26.86 -19.07 -32.43
C ASN B 98 -27.52 -18.93 -33.77
N PRO B 99 -27.04 -19.73 -34.74
CA PRO B 99 -26.06 -20.79 -34.59
C PRO B 99 -24.61 -20.39 -34.89
N TYR B 100 -24.28 -19.10 -35.03
CA TYR B 100 -22.93 -18.69 -35.38
C TYR B 100 -21.95 -18.73 -34.21
N ASN B 101 -20.77 -19.32 -34.43
CA ASN B 101 -19.74 -19.36 -33.38
C ASN B 101 -20.21 -19.97 -32.07
N ARG B 102 -20.82 -21.13 -32.19
CA ARG B 102 -21.15 -21.88 -31.01
C ARG B 102 -19.87 -22.42 -30.38
N GLY B 103 -20.01 -22.70 -29.09
CA GLY B 103 -18.96 -23.12 -28.22
C GLY B 103 -18.18 -21.95 -27.68
N TRP B 104 -16.86 -22.04 -27.83
CA TRP B 104 -15.98 -21.24 -26.97
C TRP B 104 -15.85 -19.78 -27.37
N PHE B 105 -16.07 -18.86 -26.46
CA PHE B 105 -15.79 -17.44 -26.72
C PHE B 105 -16.27 -16.92 -28.06
N PRO B 106 -17.58 -17.09 -28.28
CA PRO B 106 -18.21 -16.55 -29.43
C PRO B 106 -17.72 -15.18 -29.88
N GLN B 107 -17.58 -14.21 -28.98
CA GLN B 107 -17.32 -12.83 -29.42
C GLN B 107 -15.92 -12.73 -30.01
N VAL B 108 -15.02 -13.59 -29.52
CA VAL B 108 -13.63 -13.54 -30.00
C VAL B 108 -13.57 -13.99 -31.48
N PHE B 109 -14.20 -15.11 -31.79
CA PHE B 109 -14.30 -15.59 -33.17
C PHE B 109 -15.06 -14.65 -34.03
N SER B 110 -16.13 -14.04 -33.50
CA SER B 110 -16.86 -13.10 -34.34
C SER B 110 -16.08 -11.84 -34.71
N ILE B 111 -15.31 -11.30 -33.77
CA ILE B 111 -14.46 -10.15 -34.16
C ILE B 111 -13.44 -10.47 -35.29
N ILE B 112 -12.95 -11.69 -35.30
CA ILE B 112 -12.07 -12.19 -36.38
C ILE B 112 -12.81 -12.63 -37.66
N ASN B 113 -13.82 -13.49 -37.54
CA ASN B 113 -14.40 -14.13 -38.71
C ASN B 113 -15.70 -13.44 -39.12
N LYS B 114 -16.16 -12.43 -38.39
CA LYS B 114 -17.21 -11.56 -38.89
C LYS B 114 -18.63 -12.16 -38.95
N LEU B 115 -18.81 -13.36 -38.43
CA LEU B 115 -20.16 -13.92 -38.32
C LEU B 115 -20.78 -13.14 -37.16
N PRO B 116 -22.13 -13.06 -37.10
CA PRO B 116 -22.69 -12.12 -36.09
C PRO B 116 -22.48 -12.61 -34.68
N ILE B 117 -22.68 -11.70 -33.74
CA ILE B 117 -22.57 -11.99 -32.32
C ILE B 117 -23.74 -11.28 -31.63
N GLY B 118 -24.03 -11.70 -30.41
CA GLY B 118 -25.30 -11.44 -29.78
C GLY B 118 -25.56 -12.34 -28.62
N ALA B 119 -26.76 -12.20 -28.05
CA ALA B 119 -27.22 -13.10 -27.04
C ALA B 119 -28.39 -13.93 -27.60
N THR B 120 -28.57 -15.10 -27.02
CA THR B 120 -29.56 -15.99 -27.48
C THR B 120 -30.08 -16.63 -26.22
N ILE B 121 -31.41 -16.76 -26.16
CA ILE B 121 -32.09 -17.54 -25.13
C ILE B 121 -32.68 -18.78 -25.80
N HIS B 122 -32.36 -20.01 -25.41
CA HIS B 122 -32.75 -21.15 -26.22
C HIS B 122 -33.00 -22.32 -25.35
N VAL B 123 -33.85 -23.25 -25.82
CA VAL B 123 -34.17 -24.45 -25.06
C VAL B 123 -32.96 -25.39 -25.19
N MET B 124 -32.59 -26.06 -24.12
CA MET B 124 -31.34 -26.83 -24.14
C MET B 124 -31.71 -28.21 -24.65
N ASP B 125 -30.85 -28.77 -25.49
CA ASP B 125 -31.01 -30.15 -25.93
C ASP B 125 -29.71 -30.85 -25.52
N GLU B 126 -29.35 -31.93 -26.21
CA GLU B 126 -28.18 -32.70 -25.82
C GLU B 126 -26.91 -32.13 -26.41
N GLU B 127 -27.03 -31.32 -27.45
CA GLU B 127 -25.86 -30.71 -28.08
C GLU B 127 -25.57 -29.33 -27.54
N ILE B 128 -24.36 -28.85 -27.79
CA ILE B 128 -23.93 -27.57 -27.22
C ILE B 128 -24.33 -26.35 -28.07
N ASP B 129 -24.94 -25.37 -27.40
CA ASP B 129 -25.47 -24.13 -28.02
C ASP B 129 -26.44 -24.39 -29.21
N HIS B 130 -27.41 -25.28 -29.01
CA HIS B 130 -28.20 -25.92 -30.12
C HIS B 130 -29.76 -25.96 -30.24
N GLY B 131 -30.48 -25.95 -29.14
CA GLY B 131 -31.95 -26.13 -29.25
C GLY B 131 -32.77 -24.91 -29.65
N ASP B 132 -34.10 -25.04 -29.60
CA ASP B 132 -35.00 -24.09 -30.23
C ASP B 132 -34.73 -22.70 -29.67
N ILE B 133 -34.62 -21.73 -30.55
CA ILE B 133 -34.43 -20.32 -30.14
C ILE B 133 -35.73 -19.64 -29.68
N ILE B 134 -35.77 -19.13 -28.47
CA ILE B 134 -36.88 -18.35 -27.96
C ILE B 134 -36.77 -16.91 -28.38
N ILE B 135 -35.60 -16.33 -28.14
CA ILE B 135 -35.36 -14.99 -28.59
C ILE B 135 -33.85 -14.76 -28.65
N GLN B 136 -33.41 -13.94 -29.58
CA GLN B 136 -32.01 -13.60 -29.68
C GLN B 136 -31.93 -12.27 -30.40
N GLU B 137 -30.81 -11.54 -30.17
CA GLU B 137 -30.55 -10.28 -30.85
C GLU B 137 -29.05 -10.05 -31.03
N GLU B 138 -28.73 -9.61 -32.23
CA GLU B 138 -27.42 -9.20 -32.65
C GLU B 138 -26.99 -7.93 -31.90
N VAL B 139 -25.68 -7.86 -31.65
CA VAL B 139 -25.06 -6.59 -31.21
C VAL B 139 -23.97 -6.20 -32.18
N GLU B 140 -23.75 -4.91 -32.22
CA GLU B 140 -22.79 -4.36 -33.16
C GLU B 140 -21.35 -4.46 -32.60
N VAL B 141 -20.40 -4.67 -33.50
CA VAL B 141 -18.99 -4.67 -33.17
C VAL B 141 -18.41 -3.47 -33.86
N ASN B 142 -18.14 -2.40 -33.12
CA ASN B 142 -17.44 -1.23 -33.67
C ASN B 142 -15.90 -1.44 -33.77
N SER B 143 -15.22 -0.66 -34.59
CA SER B 143 -13.79 -0.82 -34.82
C SER B 143 -12.88 -0.75 -33.60
N PHE B 144 -13.32 0.00 -32.59
CA PHE B 144 -12.51 0.33 -31.43
C PHE B 144 -12.77 -0.57 -30.20
N GLU B 145 -13.54 -1.63 -30.36
CA GLU B 145 -13.97 -2.47 -29.25
C GLU B 145 -13.12 -3.74 -29.27
N ASN B 146 -12.76 -4.23 -28.09
CA ASN B 146 -12.16 -5.56 -28.00
C ASN B 146 -13.18 -6.54 -27.43
N SER B 147 -12.68 -7.70 -27.08
CA SER B 147 -13.52 -8.81 -26.67
C SER B 147 -14.24 -8.47 -25.37
N PHE B 148 -13.57 -7.73 -24.49
CA PHE B 148 -14.16 -7.34 -23.19
C PHE B 148 -15.39 -6.46 -23.41
N ASP B 149 -15.26 -5.53 -24.34
CA ASP B 149 -16.26 -4.51 -24.63
C ASP B 149 -17.50 -5.09 -25.24
N VAL B 150 -17.24 -5.99 -26.18
CA VAL B 150 -18.31 -6.70 -26.83
C VAL B 150 -19.05 -7.66 -25.91
N TYR B 151 -18.30 -8.42 -25.14
CA TYR B 151 -18.85 -9.30 -24.15
C TYR B 151 -19.72 -8.51 -23.18
N ALA B 152 -19.24 -7.39 -22.68
CA ALA B 152 -20.08 -6.63 -21.74
C ALA B 152 -21.45 -6.22 -22.34
N LYS B 153 -21.47 -5.90 -23.64
CA LYS B 153 -22.67 -5.59 -24.37
C LYS B 153 -23.58 -6.80 -24.55
N VAL B 154 -22.95 -7.94 -24.89
CA VAL B 154 -23.67 -9.18 -24.98
C VAL B 154 -24.28 -9.52 -23.62
N GLN B 155 -23.53 -9.46 -22.53
CA GLN B 155 -24.08 -9.81 -21.24
C GLN B 155 -25.22 -8.89 -20.77
N LYS B 156 -25.16 -7.65 -21.20
CA LYS B 156 -26.22 -6.70 -20.92
C LYS B 156 -27.46 -7.14 -21.71
N LYS B 157 -27.22 -7.62 -22.93
CA LYS B 157 -28.31 -8.01 -23.79
C LYS B 157 -28.99 -9.30 -23.31
N GLU B 158 -28.19 -10.27 -22.89
CA GLU B 158 -28.76 -11.46 -22.27
C GLU B 158 -29.85 -11.13 -21.23
N VAL B 159 -29.60 -10.15 -20.37
CA VAL B 159 -30.47 -9.85 -19.25
C VAL B 159 -31.70 -9.17 -19.75
N GLU B 160 -31.50 -8.30 -20.73
CA GLU B 160 -32.59 -7.61 -21.36
C GLU B 160 -33.57 -8.64 -21.95
N LEU B 161 -33.06 -9.56 -22.77
CA LEU B 161 -33.87 -10.53 -23.47
C LEU B 161 -34.62 -11.38 -22.46
N PHE B 162 -33.96 -11.77 -21.37
CA PHE B 162 -34.57 -12.61 -20.39
C PHE B 162 -35.73 -11.90 -19.68
N THR B 163 -35.52 -10.65 -19.30
CA THR B 163 -36.62 -9.77 -18.82
C THR B 163 -37.82 -9.76 -19.74
N LYS B 164 -37.58 -9.73 -21.06
CA LYS B 164 -38.64 -9.73 -22.07
C LYS B 164 -39.43 -11.02 -22.23
N VAL B 165 -38.86 -12.17 -21.90
CA VAL B 165 -39.52 -13.44 -22.23
C VAL B 165 -39.80 -14.26 -20.99
N ILE B 166 -39.36 -13.84 -19.81
CA ILE B 166 -39.58 -14.67 -18.62
C ILE B 166 -41.10 -14.88 -18.32
N ASP B 167 -41.95 -13.91 -18.62
CA ASP B 167 -43.41 -14.07 -18.37
C ASP B 167 -43.97 -15.16 -19.30
N ASP B 168 -43.67 -15.06 -20.58
CA ASP B 168 -44.04 -16.16 -21.45
C ASP B 168 -43.60 -17.52 -21.00
N ILE B 169 -42.32 -17.62 -20.64
CA ILE B 169 -41.80 -18.90 -20.25
C ILE B 169 -42.53 -19.36 -19.00
N LEU B 170 -42.86 -18.43 -18.11
CA LEU B 170 -43.48 -18.85 -16.86
C LEU B 170 -44.91 -19.40 -17.13
N ASN B 171 -45.59 -18.80 -18.09
CA ASN B 171 -46.93 -19.22 -18.46
C ASN B 171 -46.88 -20.38 -19.46
N ASN B 172 -45.70 -20.93 -19.71
CA ASN B 172 -45.56 -22.06 -20.61
C ASN B 172 -46.14 -21.93 -22.02
N LYS B 173 -45.94 -20.76 -22.62
CA LYS B 173 -46.29 -20.48 -24.00
C LYS B 173 -45.36 -19.39 -24.52
N PHE B 174 -44.31 -19.83 -25.19
CA PHE B 174 -43.23 -18.95 -25.58
C PHE B 174 -42.73 -19.36 -26.96
N THR B 175 -42.23 -18.41 -27.72
CA THR B 175 -41.68 -18.64 -29.05
C THR B 175 -40.56 -19.71 -29.06
N ARG B 176 -40.65 -20.63 -30.02
CA ARG B 176 -39.55 -21.58 -30.24
C ARG B 176 -39.43 -21.68 -31.72
N ILE B 177 -38.38 -21.11 -32.30
CA ILE B 177 -38.03 -21.36 -33.68
C ILE B 177 -36.70 -22.17 -33.74
N LYS B 178 -36.60 -23.03 -34.73
CA LYS B 178 -35.36 -23.72 -35.05
C LYS B 178 -34.29 -22.82 -35.68
N PRO B 179 -33.02 -23.04 -35.35
CA PRO B 179 -31.97 -22.28 -36.07
C PRO B 179 -32.10 -22.45 -37.59
N ASN B 180 -31.79 -21.43 -38.39
CA ASN B 180 -31.84 -21.50 -39.85
C ASN B 180 -30.80 -22.45 -40.46
N SER B 181 -29.92 -23.02 -39.64
CA SER B 181 -28.86 -23.91 -40.09
C SER B 181 -28.06 -24.47 -38.90
N GLU B 182 -27.11 -25.33 -39.22
CA GLU B 182 -26.28 -25.93 -38.20
C GLU B 182 -25.20 -24.95 -37.70
N GLY B 183 -24.95 -23.86 -38.44
CA GLY B 183 -23.95 -22.85 -38.09
C GLY B 183 -22.57 -23.45 -38.01
N ASN B 184 -21.80 -23.11 -36.96
CA ASN B 184 -20.43 -23.59 -36.77
C ASN B 184 -20.08 -23.67 -35.32
N TYR B 185 -19.17 -24.57 -34.98
CA TYR B 185 -18.79 -24.73 -33.60
C TYR B 185 -17.29 -24.57 -33.44
N ASN B 186 -16.83 -23.93 -32.37
CA ASN B 186 -15.39 -23.75 -32.18
C ASN B 186 -15.03 -24.40 -30.86
N SER B 187 -14.15 -25.41 -30.90
CA SER B 187 -13.81 -26.19 -29.70
C SER B 187 -12.72 -25.50 -28.92
N ILE B 188 -12.42 -25.96 -27.71
CA ILE B 188 -11.22 -25.50 -27.01
C ILE B 188 -10.00 -25.64 -27.91
N HIS B 189 -9.92 -26.69 -28.71
CA HIS B 189 -8.73 -26.91 -29.51
C HIS B 189 -8.67 -25.82 -30.56
N ASP B 190 -9.81 -25.46 -31.14
CA ASP B 190 -9.80 -24.36 -32.10
C ASP B 190 -9.31 -23.05 -31.42
N TYR B 191 -9.71 -22.82 -30.18
CA TYR B 191 -9.48 -21.54 -29.53
C TYR B 191 -8.02 -21.46 -29.14
N LYS B 192 -7.52 -22.52 -28.52
CA LYS B 192 -6.12 -22.56 -28.13
C LYS B 192 -5.19 -22.33 -29.32
N ASN B 193 -5.39 -23.03 -30.43
CA ASN B 193 -4.62 -22.84 -31.66
C ASN B 193 -4.61 -21.35 -32.14
N MET B 194 -5.76 -20.71 -32.04
CA MET B 194 -5.90 -19.32 -32.40
C MET B 194 -5.05 -18.43 -31.48
N CYS B 195 -4.87 -18.83 -30.24
CA CYS B 195 -4.10 -18.07 -29.28
C CYS B 195 -2.58 -18.02 -29.54
N GLU B 196 -2.02 -19.02 -30.25
CA GLU B 196 -0.59 -18.94 -30.58
C GLU B 196 -0.45 -18.17 -31.87
N ILE B 197 0.33 -17.09 -31.78
CA ILE B 197 0.50 -16.24 -32.94
C ILE B 197 1.46 -16.93 -33.91
N ASP B 198 1.18 -16.84 -35.20
CA ASP B 198 2.15 -17.26 -36.21
C ASP B 198 2.85 -16.01 -36.70
N LEU B 199 4.03 -15.71 -36.16
CA LEU B 199 4.75 -14.49 -36.62
C LEU B 199 4.91 -14.38 -38.13
N ASP B 200 4.94 -15.52 -38.84
CA ASP B 200 5.15 -15.50 -40.30
C ASP B 200 3.88 -15.39 -41.11
N LYS B 201 2.71 -15.47 -40.47
CA LYS B 201 1.50 -15.41 -41.23
C LYS B 201 1.27 -14.05 -41.85
N ILE B 202 0.85 -14.06 -43.11
CA ILE B 202 0.62 -12.85 -43.88
C ILE B 202 -0.80 -12.37 -43.70
N VAL B 203 -1.03 -11.06 -43.49
CA VAL B 203 -2.34 -10.56 -43.06
C VAL B 203 -2.44 -9.09 -43.48
N THR B 204 -3.62 -8.52 -43.60
CA THR B 204 -3.73 -7.06 -43.68
C THR B 204 -3.56 -6.52 -42.25
N MET B 205 -3.27 -5.23 -42.14
CA MET B 205 -3.20 -4.59 -40.84
C MET B 205 -4.59 -4.66 -40.27
N ARG B 206 -5.63 -4.53 -41.08
CA ARG B 206 -7.02 -4.64 -40.52
C ARG B 206 -7.18 -5.96 -39.76
N GLU B 207 -6.61 -7.01 -40.34
CA GLU B 207 -6.70 -8.31 -39.82
C GLU B 207 -5.86 -8.48 -38.57
N ALA B 208 -4.68 -7.86 -38.57
CA ALA B 208 -3.79 -8.00 -37.45
C ALA B 208 -4.51 -7.33 -36.26
N ILE B 209 -5.13 -6.18 -36.50
CA ILE B 209 -5.74 -5.38 -35.46
C ILE B 209 -7.01 -6.07 -34.95
N ASP B 210 -7.78 -6.67 -35.86
CA ASP B 210 -9.01 -7.37 -35.47
C ASP B 210 -8.61 -8.56 -34.66
N TYR B 211 -7.58 -9.28 -35.09
CA TYR B 211 -7.13 -10.45 -34.31
C TYR B 211 -6.75 -10.02 -32.90
N LEU B 212 -5.93 -8.98 -32.79
CA LEU B 212 -5.40 -8.63 -31.46
C LEU B 212 -6.45 -8.02 -30.49
N ARG B 213 -7.37 -7.24 -31.03
CA ARG B 213 -8.46 -6.69 -30.26
C ARG B 213 -9.43 -7.81 -29.85
N ALA B 214 -9.57 -8.85 -30.69
CA ALA B 214 -10.43 -10.00 -30.37
C ALA B 214 -9.82 -10.83 -29.24
N MET B 215 -8.50 -10.71 -29.10
CA MET B 215 -7.79 -11.47 -28.05
C MET B 215 -7.54 -10.65 -26.82
N THR B 216 -7.96 -9.40 -26.84
CA THR B 216 -7.82 -8.59 -25.67
C THR B 216 -9.01 -8.60 -24.75
N HIS B 217 -8.77 -9.08 -23.53
CA HIS B 217 -9.85 -9.18 -22.58
C HIS B 217 -9.39 -9.09 -21.15
N PRO B 218 -9.12 -7.88 -20.71
CA PRO B 218 -8.65 -7.78 -19.32
C PRO B 218 -9.52 -8.48 -18.29
N PRO B 219 -8.94 -9.09 -17.26
CA PRO B 219 -7.55 -9.23 -16.91
C PRO B 219 -6.87 -10.42 -17.60
N TYR B 220 -7.50 -11.13 -18.51
CA TYR B 220 -6.83 -12.33 -19.03
C TYR B 220 -5.64 -12.07 -19.94
N LYS B 221 -4.79 -13.07 -20.04
CA LYS B 221 -3.71 -13.02 -20.97
C LYS B 221 -3.99 -14.15 -21.96
N ASN B 222 -4.24 -13.81 -23.23
CA ASN B 222 -4.67 -14.81 -24.24
C ASN B 222 -3.70 -14.99 -25.42
N SER B 223 -3.51 -13.99 -26.25
CA SER B 223 -2.66 -14.24 -27.42
C SER B 223 -1.17 -14.13 -27.05
N TYR B 224 -0.30 -14.92 -27.69
CA TYR B 224 1.14 -14.86 -27.38
C TYR B 224 1.92 -15.39 -28.57
N PHE B 225 3.18 -14.95 -28.67
CA PHE B 225 4.11 -15.45 -29.67
C PHE B 225 5.30 -16.05 -28.91
N ILE B 226 6.02 -16.98 -29.52
CA ILE B 226 7.25 -17.48 -28.92
C ILE B 226 8.32 -16.79 -29.74
N ASP B 227 9.22 -16.09 -29.07
CA ASP B 227 10.22 -15.35 -29.83
C ASP B 227 11.45 -16.27 -30.04
N GLU B 228 12.50 -15.70 -30.63
CA GLU B 228 13.68 -16.46 -31.04
C GLU B 228 14.46 -17.07 -29.87
N HIS B 229 14.25 -16.60 -28.66
CA HIS B 229 14.91 -17.24 -27.53
C HIS B 229 13.91 -18.13 -26.80
N GLY B 230 12.78 -18.37 -27.47
CA GLY B 230 11.62 -19.02 -26.86
C GLY B 230 11.16 -18.41 -25.56
N ASN B 231 11.18 -17.08 -25.44
CA ASN B 231 10.39 -16.45 -24.37
C ASN B 231 8.95 -16.51 -24.92
N LYS B 232 8.00 -16.80 -24.05
CA LYS B 232 6.59 -16.72 -24.43
C LYS B 232 6.12 -15.30 -24.09
N VAL B 233 5.72 -14.55 -25.13
CA VAL B 233 5.35 -13.15 -24.96
C VAL B 233 3.84 -12.88 -25.19
N PHE B 234 3.07 -12.53 -24.16
CA PHE B 234 1.64 -12.23 -24.31
C PHE B 234 1.40 -10.84 -24.87
N VAL B 235 0.49 -10.70 -25.81
CA VAL B 235 0.29 -9.39 -26.43
C VAL B 235 -1.20 -9.03 -26.28
N ALA B 236 -1.47 -7.76 -26.09
CA ALA B 236 -2.85 -7.24 -26.06
C ALA B 236 -2.77 -5.91 -26.71
N LEU B 237 -3.90 -5.42 -27.22
CA LEU B 237 -4.03 -4.13 -27.87
C LEU B 237 -4.96 -3.17 -27.13
N GLU B 238 -4.68 -1.88 -27.19
CA GLU B 238 -5.49 -0.85 -26.60
C GLU B 238 -5.97 -0.02 -27.78
N LEU B 239 -7.25 0.32 -27.81
CA LEU B 239 -7.74 1.25 -28.80
C LEU B 239 -8.47 2.39 -28.12
N GLU B 240 -8.44 3.57 -28.72
CA GLU B 240 -9.02 4.72 -28.06
C GLU B 240 -9.54 5.65 -29.12
N LYS B 241 -10.83 5.60 -29.33
CA LYS B 241 -11.50 6.53 -30.22
C LYS B 241 -11.32 7.92 -29.63
N ILE B 242 -10.91 8.88 -30.43
CA ILE B 242 -10.50 10.16 -29.84
C ILE B 242 -11.54 11.27 -29.96
N GLY C 1 -11.76 2.49 -24.97
CA GLY C 1 -11.26 3.66 -24.19
C GLY C 1 -9.87 3.44 -23.58
N HIS C 2 -9.55 4.27 -22.60
CA HIS C 2 -8.39 4.05 -21.73
C HIS C 2 -8.96 3.52 -20.40
N MET C 3 -8.91 2.19 -20.26
CA MET C 3 -9.01 1.52 -18.97
C MET C 3 -7.73 1.97 -18.27
N LYS C 4 -7.86 2.47 -17.06
CA LYS C 4 -6.73 3.08 -16.38
C LYS C 4 -5.88 1.98 -15.81
N LYS C 5 -4.57 2.16 -15.80
CA LYS C 5 -3.68 1.14 -15.24
C LYS C 5 -2.98 1.66 -13.98
N ILE C 6 -3.20 0.94 -12.89
CA ILE C 6 -2.81 1.42 -11.58
C ILE C 6 -1.93 0.48 -10.84
N PHE C 7 -0.91 0.99 -10.15
CA PHE C 7 -0.25 0.18 -9.14
C PHE C 7 -0.40 0.73 -7.72
N VAL C 8 -0.48 -0.18 -6.74
CA VAL C 8 -0.71 0.11 -5.32
C VAL C 8 0.38 -0.64 -4.58
N VAL C 9 1.13 0.04 -3.71
CA VAL C 9 2.15 -0.55 -2.88
C VAL C 9 1.76 -0.35 -1.41
N THR C 10 1.51 -1.47 -0.72
CA THR C 10 1.30 -1.51 0.71
C THR C 10 1.97 -2.75 1.31
N ASP C 11 2.20 -2.66 2.62
CA ASP C 11 2.74 -3.74 3.45
C ASP C 11 1.83 -3.97 4.62
N ASN C 12 0.55 -3.66 4.46
CA ASN C 12 -0.38 -3.75 5.56
C ASN C 12 -1.61 -4.45 5.05
N ARG C 13 -2.09 -5.44 5.78
CA ARG C 13 -3.12 -6.33 5.23
C ARG C 13 -4.48 -5.69 5.21
N THR C 14 -4.78 -4.82 6.19
CA THR C 14 -6.13 -4.23 6.19
C THR C 14 -6.31 -3.26 4.98
N ILE C 15 -5.27 -2.49 4.75
CA ILE C 15 -5.12 -1.59 3.63
C ILE C 15 -5.26 -2.35 2.32
N LEU C 16 -4.46 -3.38 2.14
CA LEU C 16 -4.69 -4.24 0.97
C LEU C 16 -6.14 -4.61 0.73
N SER C 17 -6.71 -5.16 1.77
CA SER C 17 -8.09 -5.61 1.70
C SER C 17 -9.14 -4.51 1.45
N ASP C 18 -8.97 -3.37 2.12
CA ASP C 18 -9.90 -2.29 1.82
C ASP C 18 -9.63 -1.75 0.39
N PHE C 19 -8.38 -1.56 0.03
CA PHE C 19 -8.08 -1.10 -1.34
C PHE C 19 -8.60 -2.03 -2.43
N LYS C 20 -8.44 -3.32 -2.20
CA LYS C 20 -9.02 -4.30 -3.14
C LYS C 20 -10.50 -4.09 -3.23
N ASN C 21 -11.09 -3.97 -2.06
CA ASN C 21 -12.50 -3.83 -2.13
C ASN C 21 -12.92 -2.54 -2.83
N ILE C 22 -12.32 -1.41 -2.45
CA ILE C 22 -12.69 -0.13 -3.05
C ILE C 22 -12.40 -0.05 -4.56
N ILE C 23 -11.17 -0.34 -4.94
CA ILE C 23 -10.76 -0.25 -6.36
C ILE C 23 -11.45 -1.29 -7.24
N GLY C 24 -11.59 -2.51 -6.71
CA GLY C 24 -12.32 -3.62 -7.36
C GLY C 24 -13.74 -3.30 -7.81
N SER C 25 -14.39 -2.37 -7.12
CA SER C 25 -15.73 -1.96 -7.53
C SER C 25 -15.72 -0.89 -8.65
N LYS C 26 -14.55 -0.54 -9.17
CA LYS C 26 -14.51 0.46 -10.24
C LYS C 26 -14.33 -0.25 -11.56
N ASN C 27 -14.88 0.34 -12.61
CA ASN C 27 -14.55 -0.21 -13.93
C ASN C 27 -13.65 0.74 -14.67
N ASP C 28 -13.15 0.26 -15.78
CA ASP C 28 -12.17 0.99 -16.57
C ASP C 28 -10.84 1.13 -15.80
N VAL C 29 -10.61 0.15 -14.95
CA VAL C 29 -9.43 0.07 -14.10
C VAL C 29 -8.85 -1.29 -14.15
N GLN C 30 -7.54 -1.36 -14.19
CA GLN C 30 -6.81 -2.58 -14.01
C GLN C 30 -5.68 -2.23 -13.05
N VAL C 31 -5.41 -3.09 -12.07
CA VAL C 31 -4.49 -2.77 -10.97
C VAL C 31 -3.58 -3.90 -10.47
N ASP C 32 -2.30 -3.59 -10.29
CA ASP C 32 -1.34 -4.47 -9.68
C ASP C 32 -0.98 -4.05 -8.26
N TYR C 33 -0.79 -5.03 -7.38
CA TYR C 33 -0.39 -4.78 -6.02
C TYR C 33 1.04 -5.24 -5.77
N PHE C 34 1.81 -4.43 -5.06
CA PHE C 34 3.19 -4.76 -4.70
C PHE C 34 3.37 -4.58 -3.20
N CYS C 35 4.35 -5.31 -2.66
CA CYS C 35 4.87 -5.13 -1.30
C CYS C 35 6.40 -5.17 -1.27
N SER C 36 6.93 -5.10 -0.07
CA SER C 36 8.35 -5.30 0.18
C SER C 36 8.70 -6.79 0.19
N PHE C 37 9.93 -7.06 -0.24
CA PHE C 37 10.58 -8.36 0.02
C PHE C 37 10.78 -8.67 1.50
N LYS C 38 10.08 -7.95 2.35
CA LYS C 38 10.22 -8.02 3.78
C LYS C 38 8.94 -8.52 4.37
N SER C 39 7.93 -8.73 3.55
CA SER C 39 6.62 -8.98 4.08
C SER C 39 6.16 -10.26 3.44
N GLN C 40 7.12 -11.06 2.98
CA GLN C 40 6.78 -12.36 2.34
C GLN C 40 6.08 -13.32 3.30
N THR C 41 6.48 -13.23 4.58
CA THR C 41 5.86 -14.04 5.63
C THR C 41 4.43 -13.52 5.76
N SER C 42 4.33 -12.27 6.22
CA SER C 42 3.05 -11.57 6.45
C SER C 42 2.06 -11.86 5.33
N PHE C 43 2.45 -11.66 4.08
CA PHE C 43 1.51 -11.82 2.95
C PHE C 43 1.55 -13.16 2.17
N ALA C 44 2.12 -14.19 2.80
CA ALA C 44 2.13 -15.57 2.36
C ALA C 44 0.97 -16.05 1.47
N LYS C 45 -0.25 -16.14 1.99
CA LYS C 45 -1.38 -16.61 1.18
C LYS C 45 -1.70 -15.66 -0.01
N GLU C 46 -1.62 -14.35 0.20
CA GLU C 46 -1.90 -13.37 -0.87
C GLU C 46 -0.91 -13.53 -2.02
N ILE C 47 0.39 -13.47 -1.70
CA ILE C 47 1.50 -13.62 -2.64
C ILE C 47 1.44 -14.94 -3.40
N TYR C 48 1.04 -15.98 -2.66
CA TYR C 48 0.89 -17.31 -3.23
C TYR C 48 -0.20 -17.28 -4.31
N ASN C 49 -1.36 -16.72 -3.99
CA ASN C 49 -2.43 -16.55 -5.01
C ASN C 49 -2.26 -15.35 -5.96
N SER C 50 -1.06 -14.77 -5.99
CA SER C 50 -0.84 -13.53 -6.74
C SER C 50 -1.97 -12.48 -6.55
N GLU C 51 -2.16 -12.05 -5.31
CA GLU C 51 -3.00 -10.90 -4.96
C GLU C 51 -2.14 -9.64 -4.80
N ILE C 52 -0.87 -9.88 -4.50
CA ILE C 52 0.19 -8.90 -4.36
C ILE C 52 1.52 -9.58 -4.77
N LYS C 53 2.59 -8.84 -5.02
CA LYS C 53 3.88 -9.41 -5.33
C LYS C 53 4.98 -8.53 -4.77
N PRO C 54 5.98 -9.08 -4.05
CA PRO C 54 7.12 -8.29 -3.62
C PRO C 54 7.81 -7.56 -4.73
N ILE C 55 8.39 -6.40 -4.43
CA ILE C 55 9.18 -5.61 -5.37
C ILE C 55 10.25 -4.97 -4.50
N ASP C 56 11.39 -4.67 -5.10
CA ASP C 56 12.42 -3.85 -4.50
C ASP C 56 12.45 -2.47 -5.12
N MET C 57 11.71 -1.56 -4.49
CA MET C 57 11.53 -0.22 -5.01
C MET C 57 12.83 0.53 -5.31
N LYS C 58 13.89 0.40 -4.50
CA LYS C 58 15.10 1.20 -4.78
C LYS C 58 15.70 0.83 -6.12
N LYS C 59 15.87 -0.48 -6.37
CA LYS C 59 16.48 -0.92 -7.62
C LYS C 59 15.54 -0.91 -8.82
N ASN C 60 14.32 -1.41 -8.68
CA ASN C 60 13.44 -1.70 -9.84
C ASN C 60 12.19 -0.87 -9.91
N GLY C 61 12.09 0.10 -9.01
CA GLY C 61 10.93 0.96 -8.94
C GLY C 61 10.76 1.67 -10.26
N ASN C 62 11.85 2.25 -10.74
CA ASN C 62 11.83 3.02 -11.99
C ASN C 62 11.42 2.24 -13.21
N ASP C 63 11.42 0.91 -13.08
CA ASP C 63 10.86 0.06 -14.11
C ASP C 63 9.36 0.08 -14.17
N LEU C 64 8.70 0.59 -13.14
CA LEU C 64 7.24 0.82 -13.23
C LEU C 64 6.89 1.99 -14.16
N ILE C 65 7.83 2.89 -14.44
CA ILE C 65 7.52 4.03 -15.35
C ILE C 65 7.12 3.42 -16.70
N GLY C 66 5.99 3.81 -17.25
CA GLY C 66 5.67 3.36 -18.58
C GLY C 66 4.62 2.30 -18.59
N LYS C 67 4.46 1.56 -17.49
CA LYS C 67 3.43 0.53 -17.39
C LYS C 67 2.16 1.03 -16.73
N TYR C 68 2.19 2.16 -16.04
CA TYR C 68 0.96 2.60 -15.30
C TYR C 68 0.66 4.06 -15.51
N ASP C 69 -0.61 4.38 -15.36
CA ASP C 69 -1.06 5.78 -15.25
C ASP C 69 -1.14 6.47 -13.89
N LEU C 70 -1.14 5.67 -12.83
CA LEU C 70 -1.41 6.12 -11.48
C LEU C 70 -0.84 5.09 -10.56
N GLY C 71 -0.09 5.54 -9.57
CA GLY C 71 0.29 4.72 -8.49
C GLY C 71 -0.12 5.26 -7.12
N PHE C 72 -0.35 4.31 -6.22
CA PHE C 72 -0.55 4.54 -4.80
C PHE C 72 0.42 3.89 -3.81
N SER C 73 0.78 4.67 -2.80
CA SER C 73 1.43 4.20 -1.61
C SER C 73 0.55 4.45 -0.40
N CYS C 74 0.37 3.37 0.35
CA CYS C 74 -0.34 3.39 1.60
C CYS C 74 0.28 2.37 2.57
N HIS C 75 1.03 2.84 3.56
CA HIS C 75 1.57 2.00 4.62
C HIS C 75 2.60 1.09 3.93
N SER C 76 3.45 1.64 3.08
CA SER C 76 4.46 0.84 2.40
C SER C 76 5.68 1.07 3.22
N LYS C 77 6.46 0.00 3.39
CA LYS C 77 7.79 0.13 3.94
C LYS C 77 8.67 0.97 3.07
N GLN C 78 8.36 1.03 1.78
CA GLN C 78 9.34 1.48 0.79
C GLN C 78 9.05 2.89 0.27
N LEU C 79 10.09 3.70 0.18
CA LEU C 79 10.07 4.94 -0.61
C LEU C 79 9.99 4.67 -2.09
N PHE C 80 9.44 5.62 -2.83
CA PHE C 80 9.29 5.54 -4.26
C PHE C 80 10.46 6.33 -4.73
N PRO C 81 11.11 5.86 -5.79
CA PRO C 81 12.21 6.70 -6.27
C PRO C 81 11.83 7.94 -7.09
N ALA C 82 12.77 8.86 -7.23
CA ALA C 82 12.48 10.18 -7.77
C ALA C 82 12.04 10.18 -9.22
N LYS C 83 12.66 9.36 -10.06
CA LYS C 83 12.20 9.23 -11.44
C LYS C 83 10.74 8.83 -11.53
N LEU C 84 10.37 7.82 -10.75
CA LEU C 84 9.01 7.29 -10.76
C LEU C 84 8.03 8.38 -10.36
N VAL C 85 8.22 8.92 -9.17
CA VAL C 85 7.43 10.04 -8.67
C VAL C 85 7.31 11.16 -9.70
N ASN C 86 8.44 11.54 -10.30
CA ASN C 86 8.48 12.63 -11.29
C ASN C 86 7.86 12.30 -12.62
N SER C 87 7.73 11.01 -12.89
CA SER C 87 7.23 10.57 -14.18
C SER C 87 5.77 10.13 -14.22
N VAL C 88 5.20 9.69 -13.09
CA VAL C 88 3.85 9.12 -13.05
C VAL C 88 3.11 9.75 -11.88
N LEU C 89 1.79 9.98 -11.94
CA LEU C 89 1.10 10.58 -10.80
C LEU C 89 1.17 9.55 -9.69
N CYS C 90 1.95 9.82 -8.65
CA CYS C 90 1.97 8.97 -7.49
C CYS C 90 1.31 9.67 -6.27
N ILE C 91 0.51 8.93 -5.51
CA ILE C 91 -0.36 9.50 -4.46
C ILE C 91 -0.13 8.62 -3.23
N ASN C 92 0.21 9.28 -2.13
CA ASN C 92 0.48 8.66 -0.83
C ASN C 92 -0.73 8.87 0.05
N ILE C 93 -1.25 7.78 0.59
CA ILE C 93 -2.24 7.79 1.62
C ILE C 93 -1.50 7.50 2.93
N HIS C 94 -1.43 8.54 3.77
CA HIS C 94 -0.49 8.70 4.89
C HIS C 94 -1.24 8.84 6.23
N PRO C 95 -0.90 8.03 7.25
CA PRO C 95 -1.42 8.15 8.64
C PRO C 95 -0.89 9.27 9.54
N GLY C 96 -0.82 10.48 9.05
CA GLY C 96 -0.56 11.68 9.83
C GLY C 96 -1.27 12.86 9.15
N LEU C 97 -1.37 13.99 9.86
CA LEU C 97 -2.00 15.21 9.35
C LEU C 97 -0.79 16.07 8.95
N ASN C 98 -0.35 16.02 7.70
CA ASN C 98 0.75 16.85 7.28
C ASN C 98 0.34 18.32 7.41
N PRO C 99 1.27 19.19 7.74
CA PRO C 99 2.70 18.94 7.85
C PRO C 99 3.24 18.59 9.26
N TYR C 100 2.35 18.17 10.15
CA TYR C 100 2.73 17.88 11.54
C TYR C 100 3.18 16.45 11.78
N ASN C 101 4.20 16.36 12.62
CA ASN C 101 4.84 15.10 12.92
C ASN C 101 5.00 14.22 11.71
N ARG C 102 5.58 14.81 10.68
CA ARG C 102 5.94 14.03 9.52
C ARG C 102 6.95 13.04 10.09
N GLY C 103 7.20 11.97 9.35
CA GLY C 103 8.15 10.93 9.77
C GLY C 103 7.48 9.76 10.48
N TRP C 104 8.13 9.33 11.55
CA TRP C 104 7.88 8.03 12.17
C TRP C 104 6.83 8.10 13.27
N PHE C 105 5.87 7.20 13.17
CA PHE C 105 4.85 6.96 14.21
C PHE C 105 4.25 8.25 14.69
N PRO C 106 3.61 8.98 13.80
CA PRO C 106 3.11 10.32 14.11
C PRO C 106 2.12 10.37 15.25
N GLN C 107 1.30 9.33 15.44
CA GLN C 107 0.30 9.34 16.48
C GLN C 107 0.94 9.27 17.86
N VAL C 108 2.11 8.63 18.00
CA VAL C 108 2.92 8.59 19.20
C VAL C 108 3.35 10.00 19.58
N PHE C 109 4.00 10.67 18.62
CA PHE C 109 4.48 11.99 18.92
C PHE C 109 3.29 12.90 19.13
N SER C 110 2.20 12.74 18.40
CA SER C 110 1.03 13.63 18.65
C SER C 110 0.41 13.48 20.03
N ILE C 111 0.43 12.25 20.55
CA ILE C 111 -0.13 12.02 21.88
C ILE C 111 0.65 12.79 22.90
N ILE C 112 1.94 12.78 22.69
CA ILE C 112 2.86 13.42 23.57
C ILE C 112 2.94 14.94 23.40
N ASN C 113 3.04 15.37 22.14
CA ASN C 113 3.30 16.78 21.84
C ASN C 113 2.10 17.59 21.46
N LYS C 114 0.94 16.96 21.31
CA LYS C 114 -0.31 17.63 21.05
C LYS C 114 -0.38 18.35 19.74
N LEU C 115 0.57 18.20 18.84
CA LEU C 115 0.31 18.60 17.46
C LEU C 115 -0.78 17.72 16.83
N PRO C 116 -1.59 18.26 15.90
CA PRO C 116 -2.72 17.53 15.30
C PRO C 116 -2.31 16.18 14.70
N ILE C 117 -3.23 15.22 14.74
CA ILE C 117 -2.98 13.90 14.11
C ILE C 117 -4.21 13.68 13.25
N GLY C 118 -4.08 12.88 12.20
CA GLY C 118 -5.22 12.55 11.33
C GLY C 118 -4.67 11.78 10.13
N ALA C 119 -5.32 11.91 8.97
CA ALA C 119 -4.91 11.22 7.76
C ALA C 119 -4.83 12.21 6.63
N THR C 120 -3.84 11.95 5.79
CA THR C 120 -3.50 12.75 4.66
C THR C 120 -3.39 11.91 3.39
N ILE C 121 -4.08 12.44 2.37
CA ILE C 121 -3.86 12.03 1.01
C ILE C 121 -3.22 13.15 0.20
N HIS C 122 -2.01 12.90 -0.30
CA HIS C 122 -1.25 13.86 -1.05
C HIS C 122 -0.46 13.30 -2.24
N VAL C 123 -0.17 14.20 -3.19
CA VAL C 123 0.69 13.88 -4.35
C VAL C 123 2.13 13.73 -3.89
N MET C 124 2.73 12.62 -4.29
CA MET C 124 4.15 12.40 -3.99
C MET C 124 5.05 13.34 -4.81
N ASP C 125 6.10 13.82 -4.18
CA ASP C 125 7.03 14.80 -4.73
C ASP C 125 8.44 14.30 -4.37
N GLU C 126 9.45 15.13 -4.61
CA GLU C 126 10.79 14.89 -4.07
C GLU C 126 10.99 15.10 -2.54
N GLU C 127 9.97 15.02 -1.67
CA GLU C 127 10.21 14.96 -0.21
C GLU C 127 9.14 14.32 0.70
N ILE C 128 9.55 13.32 1.48
CA ILE C 128 8.73 12.69 2.57
C ILE C 128 7.61 13.58 3.21
N ASP C 129 6.45 13.49 2.54
CA ASP C 129 5.18 14.10 2.91
C ASP C 129 5.18 15.58 2.59
N HIS C 130 5.52 15.96 1.36
CA HIS C 130 5.80 17.36 1.03
C HIS C 130 5.23 17.81 -0.33
N GLY C 131 4.13 17.21 -0.83
CA GLY C 131 3.51 17.58 -2.12
C GLY C 131 2.08 18.14 -1.96
N ASP C 132 1.38 18.45 -3.04
CA ASP C 132 -0.02 18.87 -3.01
C ASP C 132 -0.96 17.94 -2.23
N ILE C 133 -1.70 18.52 -1.28
CA ILE C 133 -2.68 17.77 -0.55
C ILE C 133 -3.99 17.73 -1.30
N ILE C 134 -4.58 16.53 -1.42
CA ILE C 134 -5.80 16.24 -2.13
C ILE C 134 -6.89 16.29 -1.08
N ILE C 135 -6.73 15.57 0.02
CA ILE C 135 -7.64 15.70 1.14
C ILE C 135 -6.98 15.23 2.42
N GLN C 136 -7.40 15.81 3.52
CA GLN C 136 -6.84 15.51 4.84
C GLN C 136 -7.86 15.88 5.90
N GLU C 137 -7.83 15.19 7.03
CA GLU C 137 -8.77 15.45 8.11
C GLU C 137 -8.15 14.96 9.41
N GLU C 138 -8.21 15.83 10.40
CA GLU C 138 -7.75 15.62 11.76
C GLU C 138 -8.60 14.61 12.48
N VAL C 139 -8.00 13.81 13.36
CA VAL C 139 -8.81 12.90 14.22
C VAL C 139 -8.58 13.35 15.65
N GLU C 140 -9.54 13.06 16.51
CA GLU C 140 -9.51 13.51 17.88
C GLU C 140 -8.67 12.53 18.70
N VAL C 141 -7.90 13.05 19.65
CA VAL C 141 -7.26 12.16 20.63
C VAL C 141 -7.95 12.27 21.98
N ASN C 142 -8.70 11.24 22.40
CA ASN C 142 -9.38 11.25 23.69
C ASN C 142 -8.51 10.75 24.84
N SER C 143 -8.87 11.08 26.08
CA SER C 143 -8.00 10.83 27.25
C SER C 143 -7.66 9.38 27.43
N PHE C 144 -8.58 8.54 26.96
CA PHE C 144 -8.52 7.15 27.28
C PHE C 144 -7.89 6.22 26.23
N GLU C 145 -7.27 6.84 25.25
CA GLU C 145 -6.84 6.08 24.04
C GLU C 145 -5.35 5.97 24.07
N ASN C 146 -4.81 4.85 23.61
CA ASN C 146 -3.37 4.78 23.35
C ASN C 146 -2.96 4.87 21.84
N SER C 147 -1.67 4.62 21.58
CA SER C 147 -1.08 4.66 20.25
C SER C 147 -1.93 3.79 19.38
N PHE C 148 -2.30 2.65 19.89
CA PHE C 148 -3.06 1.71 19.08
C PHE C 148 -4.43 2.22 18.76
N ASP C 149 -5.15 2.77 19.74
CA ASP C 149 -6.47 3.30 19.46
C ASP C 149 -6.47 4.44 18.45
N VAL C 150 -5.57 5.41 18.59
CA VAL C 150 -5.45 6.54 17.70
C VAL C 150 -5.03 6.06 16.26
N TYR C 151 -4.00 5.24 16.17
CA TYR C 151 -3.64 4.64 14.90
C TYR C 151 -4.80 4.01 14.14
N ALA C 152 -5.67 3.33 14.84
CA ALA C 152 -6.81 2.68 14.21
C ALA C 152 -7.88 3.66 13.74
N LYS C 153 -8.05 4.74 14.49
CA LYS C 153 -8.90 5.82 14.02
C LYS C 153 -8.36 6.41 12.73
N VAL C 154 -7.04 6.51 12.67
CA VAL C 154 -6.34 7.14 11.59
C VAL C 154 -6.45 6.29 10.32
N GLN C 155 -6.20 4.99 10.49
CA GLN C 155 -6.30 4.04 9.40
C GLN C 155 -7.75 4.04 8.90
N LYS C 156 -8.72 3.98 9.77
CA LYS C 156 -10.08 4.11 9.29
C LYS C 156 -10.35 5.43 8.53
N LYS C 157 -9.82 6.55 8.99
CA LYS C 157 -10.00 7.81 8.27
C LYS C 157 -9.29 7.82 6.92
N GLU C 158 -8.10 7.25 6.87
CA GLU C 158 -7.45 7.01 5.56
C GLU C 158 -8.34 6.33 4.57
N VAL C 159 -8.86 5.17 4.93
CA VAL C 159 -9.78 4.49 4.05
C VAL C 159 -11.06 5.31 3.70
N GLU C 160 -11.59 6.04 4.66
CA GLU C 160 -12.76 6.89 4.43
C GLU C 160 -12.42 7.98 3.43
N LEU C 161 -11.28 8.66 3.61
CA LEU C 161 -10.83 9.66 2.63
C LEU C 161 -10.58 9.10 1.26
N PHE C 162 -9.89 7.97 1.19
CA PHE C 162 -9.54 7.46 -0.13
C PHE C 162 -10.83 7.10 -0.88
N THR C 163 -11.83 6.62 -0.16
CA THR C 163 -13.13 6.29 -0.74
C THR C 163 -13.75 7.57 -1.26
N LYS C 164 -13.61 8.71 -0.56
CA LYS C 164 -14.25 9.97 -0.94
CA LYS C 164 -14.29 9.94 -1.00
C LYS C 164 -13.61 10.54 -2.21
N VAL C 165 -12.30 10.34 -2.43
CA VAL C 165 -11.67 10.98 -3.56
C VAL C 165 -11.21 10.05 -4.68
N ILE C 166 -11.37 8.74 -4.57
CA ILE C 166 -10.75 7.85 -5.56
C ILE C 166 -11.30 8.10 -7.00
N ASP C 167 -12.60 8.37 -7.17
CA ASP C 167 -13.23 8.77 -8.45
C ASP C 167 -12.68 10.04 -9.08
N ASP C 168 -12.52 11.09 -8.29
CA ASP C 168 -11.87 12.33 -8.74
C ASP C 168 -10.47 12.00 -9.24
N ILE C 169 -9.71 11.18 -8.51
CA ILE C 169 -8.36 10.85 -9.02
C ILE C 169 -8.43 10.10 -10.36
N LEU C 170 -9.34 9.12 -10.45
CA LEU C 170 -9.42 8.30 -11.62
C LEU C 170 -9.87 9.14 -12.80
N ASN C 171 -10.70 10.16 -12.54
CA ASN C 171 -11.19 11.05 -13.57
C ASN C 171 -10.18 12.11 -13.88
N ASN C 172 -9.01 12.06 -13.26
CA ASN C 172 -8.07 13.14 -13.26
C ASN C 172 -8.56 14.55 -12.92
N LYS C 173 -9.44 14.67 -11.95
CA LYS C 173 -9.89 16.02 -11.65
C LYS C 173 -10.03 16.03 -10.14
N PHE C 174 -8.98 16.40 -9.43
CA PHE C 174 -8.98 16.16 -7.97
C PHE C 174 -8.35 17.34 -7.29
N THR C 175 -8.74 17.67 -6.07
CA THR C 175 -8.16 18.78 -5.32
C THR C 175 -6.63 18.74 -5.15
N ARG C 176 -5.95 19.85 -5.36
CA ARG C 176 -4.55 19.99 -5.07
C ARG C 176 -4.30 21.35 -4.38
N ILE C 177 -3.99 21.34 -3.09
CA ILE C 177 -3.55 22.52 -2.34
C ILE C 177 -2.16 22.34 -1.76
N LYS C 178 -1.31 23.35 -1.85
CA LYS C 178 0.04 23.30 -1.28
C LYS C 178 0.01 23.20 0.22
N PRO C 179 0.89 22.38 0.81
CA PRO C 179 0.82 22.28 2.28
C PRO C 179 1.06 23.66 2.90
N ASN C 180 0.33 24.01 3.96
CA ASN C 180 0.23 25.41 4.38
C ASN C 180 1.49 25.97 5.04
N SER C 181 2.17 25.13 5.83
CA SER C 181 3.45 25.45 6.46
C SER C 181 4.43 24.29 6.36
N GLU C 182 5.59 24.45 6.99
CA GLU C 182 6.66 23.42 6.97
C GLU C 182 6.52 22.31 8.03
N GLY C 183 5.77 22.58 9.09
CA GLY C 183 5.58 21.65 10.19
C GLY C 183 6.84 21.08 10.73
N ASN C 184 6.98 19.76 10.82
CA ASN C 184 8.07 19.18 11.63
C ASN C 184 8.22 17.71 11.40
N TYR C 185 9.47 17.25 11.50
CA TYR C 185 9.87 15.87 11.16
C TYR C 185 10.50 15.13 12.38
N ASN C 186 10.02 13.92 12.65
CA ASN C 186 10.57 12.99 13.65
C ASN C 186 11.18 11.76 12.99
N SER C 187 12.46 11.53 13.23
CA SER C 187 13.10 10.36 12.64
C SER C 187 12.94 9.15 13.58
N ILE C 188 13.15 7.97 13.00
CA ILE C 188 13.14 6.72 13.74
C ILE C 188 14.16 6.81 14.89
N HIS C 189 15.28 7.51 14.75
CA HIS C 189 16.14 7.66 15.91
CA HIS C 189 16.20 7.76 15.87
C HIS C 189 15.63 8.69 16.94
N ASP C 190 14.61 9.48 16.62
CA ASP C 190 13.98 10.37 17.64
C ASP C 190 13.05 9.50 18.47
N TYR C 191 12.46 8.53 17.79
CA TYR C 191 11.58 7.64 18.44
C TYR C 191 12.35 6.75 19.43
N LYS C 192 13.53 6.24 19.05
CA LYS C 192 14.30 5.31 19.88
C LYS C 192 14.83 6.01 21.12
N ASN C 193 15.30 7.22 20.92
CA ASN C 193 15.69 8.08 22.02
C ASN C 193 14.63 8.35 23.04
N MET C 194 13.42 7.90 22.79
CA MET C 194 12.31 8.27 23.63
C MET C 194 11.80 7.05 24.40
N CYS C 195 12.24 5.86 23.99
CA CYS C 195 11.78 4.57 24.53
C CYS C 195 12.32 4.20 25.92
N GLU C 196 13.47 4.77 26.25
CA GLU C 196 14.10 4.54 27.52
C GLU C 196 13.69 5.61 28.51
N ILE C 197 12.98 5.14 29.53
CA ILE C 197 12.35 6.03 30.46
C ILE C 197 13.51 6.55 31.28
N ASP C 198 13.44 7.81 31.64
CA ASP C 198 14.34 8.35 32.65
C ASP C 198 13.62 8.58 33.98
N LEU C 199 13.93 7.72 34.93
CA LEU C 199 13.16 7.55 36.13
C LEU C 199 13.25 8.80 36.98
N ASP C 200 14.30 9.60 36.75
CA ASP C 200 14.47 10.91 37.44
C ASP C 200 13.78 12.11 36.76
N LYS C 201 13.46 11.98 35.49
CA LYS C 201 12.75 13.07 34.83
C LYS C 201 11.51 13.48 35.58
N ILE C 202 11.30 14.77 35.71
CA ILE C 202 10.22 15.33 36.53
C ILE C 202 9.20 15.57 35.48
N VAL C 203 7.92 15.55 35.86
CA VAL C 203 6.84 15.58 34.90
C VAL C 203 5.57 15.70 35.71
N THR C 204 4.48 16.20 35.14
CA THR C 204 3.18 15.93 35.74
C THR C 204 2.66 14.51 35.47
N MET C 205 1.69 14.15 36.28
CA MET C 205 1.02 12.85 36.16
C MET C 205 0.37 12.73 34.79
N ARG C 206 -0.21 13.84 34.34
CA ARG C 206 -0.80 13.90 32.98
C ARG C 206 0.25 13.57 31.90
N GLU C 207 1.40 14.19 31.99
CA GLU C 207 2.48 13.89 31.07
C GLU C 207 3.04 12.47 31.16
N ALA C 208 3.12 11.95 32.39
CA ALA C 208 3.59 10.56 32.56
C ALA C 208 2.54 9.67 31.91
N ILE C 209 1.28 9.91 32.21
CA ILE C 209 0.23 9.13 31.57
C ILE C 209 0.19 9.25 30.06
N ASP C 210 0.38 10.47 29.54
CA ASP C 210 0.31 10.67 28.10
C ASP C 210 1.54 10.01 27.50
N TYR C 211 2.69 10.02 28.18
CA TYR C 211 3.86 9.41 27.58
C TYR C 211 3.62 7.91 27.49
N LEU C 212 3.10 7.36 28.60
CA LEU C 212 2.94 5.93 28.68
C LEU C 212 1.90 5.38 27.72
N ARG C 213 0.75 6.06 27.65
CA ARG C 213 -0.19 5.67 26.61
C ARG C 213 0.31 5.81 25.16
N ALA C 214 1.09 6.84 24.89
CA ALA C 214 1.62 7.03 23.57
C ALA C 214 2.50 5.85 23.17
N MET C 215 3.15 5.24 24.16
CA MET C 215 4.07 4.12 23.89
C MET C 215 3.47 2.73 24.00
N THR C 216 2.17 2.65 24.21
CA THR C 216 1.41 1.41 24.37
C THR C 216 0.70 1.16 23.06
N HIS C 217 1.06 0.03 22.45
CA HIS C 217 0.56 -0.35 21.16
C HIS C 217 0.76 -1.86 21.03
N PRO C 218 -0.11 -2.67 21.69
CA PRO C 218 -0.04 -4.15 21.57
C PRO C 218 0.05 -4.56 20.10
N PRO C 219 0.78 -5.63 19.78
CA PRO C 219 1.52 -6.49 20.69
C PRO C 219 2.95 -6.02 20.89
N TYR C 220 3.29 -4.81 20.47
CA TYR C 220 4.70 -4.42 20.55
C TYR C 220 5.20 -4.09 21.97
N LYS C 221 6.52 -4.11 22.18
CA LYS C 221 7.10 -3.69 23.43
C LYS C 221 8.02 -2.50 23.20
N ASN C 222 7.63 -1.34 23.70
CA ASN C 222 8.29 -0.09 23.30
C ASN C 222 8.96 0.56 24.47
N SER C 223 8.25 1.12 25.46
CA SER C 223 9.03 1.81 26.49
C SER C 223 9.52 0.82 27.56
N TYR C 224 10.62 1.18 28.19
CA TYR C 224 11.27 0.29 29.15
C TYR C 224 12.06 1.18 30.09
N PHE C 225 12.30 0.68 31.29
CA PHE C 225 13.32 1.26 32.15
C PHE C 225 14.31 0.18 32.49
N ILE C 226 15.49 0.64 32.87
CA ILE C 226 16.54 -0.22 33.41
C ILE C 226 16.75 0.12 34.88
N ASP C 227 16.45 -0.84 35.77
CA ASP C 227 16.45 -0.60 37.23
C ASP C 227 17.85 -0.83 37.85
N GLU C 228 17.99 -0.36 39.08
CA GLU C 228 19.10 -0.71 40.02
C GLU C 228 19.93 -1.94 39.70
N HIS C 229 19.32 -3.06 39.36
CA HIS C 229 20.04 -4.33 39.23
C HIS C 229 20.27 -4.68 37.78
N GLY C 230 20.26 -3.65 36.92
CA GLY C 230 20.32 -3.80 35.48
C GLY C 230 19.14 -4.54 34.88
N ASN C 231 18.04 -4.71 35.62
CA ASN C 231 16.91 -5.38 34.94
C ASN C 231 16.32 -4.45 33.86
N LYS C 232 16.02 -5.01 32.68
CA LYS C 232 15.23 -4.34 31.64
C LYS C 232 13.77 -4.73 31.76
N VAL C 233 12.93 -3.72 31.99
CA VAL C 233 11.49 -3.92 32.22
C VAL C 233 10.67 -3.08 31.24
N PHE C 234 9.83 -3.70 30.42
CA PHE C 234 8.98 -2.92 29.49
C PHE C 234 7.72 -2.56 30.21
N VAL C 235 7.18 -1.38 29.94
CA VAL C 235 5.99 -0.96 30.63
C VAL C 235 4.90 -0.67 29.58
N ALA C 236 3.63 -0.80 29.91
CA ALA C 236 2.59 -0.38 28.98
C ALA C 236 1.52 0.15 29.90
N LEU C 237 0.60 0.96 29.41
CA LEU C 237 -0.46 1.48 30.24
C LEU C 237 -1.79 0.87 29.86
N GLU C 238 -2.76 0.72 30.77
CA GLU C 238 -4.11 0.32 30.37
C GLU C 238 -5.08 1.41 30.84
N LEU C 239 -6.09 1.71 30.03
CA LEU C 239 -7.09 2.73 30.33
C LEU C 239 -8.43 2.23 29.87
N GLU C 240 -9.44 2.56 30.68
CA GLU C 240 -10.80 2.16 30.45
C GLU C 240 -11.74 3.27 30.95
N LYS C 241 -12.50 3.85 30.02
CA LYS C 241 -13.55 4.81 30.39
C LYS C 241 -14.75 3.98 30.87
N ILE C 242 -15.42 4.48 31.91
CA ILE C 242 -16.78 4.03 32.25
C ILE C 242 -17.83 4.81 31.48
N MET D 3 -8.16 -31.15 75.34
CA MET D 3 -8.76 -30.69 74.05
C MET D 3 -8.79 -29.17 73.98
N LYS D 4 -7.94 -28.60 73.13
CA LYS D 4 -7.90 -27.16 72.94
C LYS D 4 -8.99 -26.69 71.97
N LYS D 5 -9.84 -25.75 72.39
CA LYS D 5 -10.93 -25.26 71.54
C LYS D 5 -10.55 -23.95 70.88
N ILE D 6 -10.56 -23.96 69.55
CA ILE D 6 -10.01 -22.89 68.69
C ILE D 6 -11.04 -22.35 67.69
N PHE D 7 -11.16 -21.03 67.59
CA PHE D 7 -11.89 -20.46 66.45
C PHE D 7 -11.03 -19.67 65.47
N VAL D 8 -11.28 -19.92 64.18
CA VAL D 8 -10.69 -19.18 63.08
C VAL D 8 -11.77 -18.42 62.29
N VAL D 9 -11.47 -17.17 62.01
CA VAL D 9 -12.34 -16.34 61.24
C VAL D 9 -11.58 -15.92 59.98
N THR D 10 -12.09 -16.37 58.83
CA THR D 10 -11.55 -15.87 57.54
C THR D 10 -12.62 -15.70 56.46
N ASP D 11 -12.37 -14.78 55.52
CA ASP D 11 -13.16 -14.72 54.28
C ASP D 11 -12.42 -15.17 52.99
N ASN D 12 -11.39 -15.96 53.15
CA ASN D 12 -10.54 -16.31 52.01
C ASN D 12 -10.40 -17.81 51.94
N ARG D 13 -10.46 -18.30 50.71
CA ARG D 13 -10.70 -19.67 50.38
C ARG D 13 -9.44 -20.47 50.54
N THR D 14 -8.30 -19.84 50.29
CA THR D 14 -7.02 -20.50 50.41
C THR D 14 -6.54 -20.52 51.86
N ILE D 15 -6.62 -19.36 52.50
CA ILE D 15 -6.45 -19.31 53.94
C ILE D 15 -7.24 -20.42 54.61
N LEU D 16 -8.55 -20.42 54.37
CA LEU D 16 -9.39 -21.50 54.87
C LEU D 16 -8.82 -22.91 54.68
N SER D 17 -8.42 -23.30 53.49
CA SER D 17 -7.88 -24.67 53.40
C SER D 17 -6.40 -24.76 53.80
N ASP D 18 -5.59 -23.71 53.70
CA ASP D 18 -4.28 -23.79 54.34
C ASP D 18 -4.40 -24.06 55.85
N PHE D 19 -5.35 -23.40 56.51
CA PHE D 19 -5.50 -23.55 57.96
C PHE D 19 -6.10 -24.90 58.28
N LYS D 20 -7.13 -25.35 57.55
CA LYS D 20 -7.61 -26.75 57.73
C LYS D 20 -6.39 -27.67 57.76
N ASN D 21 -5.47 -27.45 56.83
CA ASN D 21 -4.34 -28.33 56.60
C ASN D 21 -3.38 -28.27 57.78
N ILE D 22 -3.06 -27.06 58.24
CA ILE D 22 -2.09 -26.88 59.31
C ILE D 22 -2.64 -27.23 60.71
N ILE D 23 -3.50 -26.38 61.27
CA ILE D 23 -4.11 -26.69 62.56
C ILE D 23 -4.71 -28.07 62.56
N GLY D 24 -5.09 -28.59 61.40
CA GLY D 24 -5.75 -29.87 61.36
C GLY D 24 -4.82 -31.07 61.44
N SER D 25 -3.51 -30.86 61.31
CA SER D 25 -2.58 -31.92 61.69
C SER D 25 -2.20 -31.91 63.19
N LYS D 26 -2.65 -30.96 64.00
CA LYS D 26 -2.34 -30.95 65.42
C LYS D 26 -3.34 -31.78 66.22
N ASN D 27 -2.91 -32.62 67.17
CA ASN D 27 -3.91 -33.28 68.01
C ASN D 27 -4.19 -32.46 69.26
N ASP D 28 -5.23 -32.88 69.98
CA ASP D 28 -5.77 -32.20 71.15
C ASP D 28 -6.17 -30.80 70.80
N VAL D 29 -6.93 -30.72 69.72
CA VAL D 29 -7.27 -29.46 69.13
C VAL D 29 -8.61 -29.61 68.45
N GLN D 30 -9.52 -28.69 68.74
CA GLN D 30 -10.82 -28.73 68.09
C GLN D 30 -11.12 -27.31 67.60
N VAL D 31 -11.51 -27.23 66.33
CA VAL D 31 -11.53 -25.97 65.59
C VAL D 31 -12.86 -25.70 64.90
N ASP D 32 -13.46 -24.59 65.25
CA ASP D 32 -14.60 -24.06 64.53
C ASP D 32 -14.16 -22.88 63.63
N TYR D 33 -14.68 -22.91 62.39
CA TYR D 33 -14.39 -21.88 61.37
C TYR D 33 -15.62 -21.04 61.10
N PHE D 34 -15.43 -19.73 61.03
CA PHE D 34 -16.49 -18.76 60.83
C PHE D 34 -16.06 -17.74 59.75
N CYS D 35 -17.03 -17.16 59.05
CA CYS D 35 -16.79 -16.16 58.05
C CYS D 35 -17.82 -15.03 58.19
N SER D 36 -17.86 -14.12 57.23
CA SER D 36 -18.83 -13.03 57.23
C SER D 36 -20.10 -13.45 56.54
N PHE D 37 -21.18 -12.70 56.78
CA PHE D 37 -22.45 -12.97 56.10
C PHE D 37 -22.34 -12.62 54.62
N LYS D 38 -21.52 -11.62 54.33
CA LYS D 38 -21.18 -11.24 52.98
C LYS D 38 -20.60 -12.40 52.17
N SER D 39 -19.84 -13.29 52.79
CA SER D 39 -19.21 -14.41 52.05
C SER D 39 -20.08 -15.67 51.89
N GLN D 40 -21.33 -15.55 52.29
CA GLN D 40 -22.28 -16.65 52.25
C GLN D 40 -22.46 -17.30 50.86
N THR D 41 -22.32 -16.48 49.82
CA THR D 41 -22.38 -16.95 48.45
C THR D 41 -21.05 -17.53 48.03
N SER D 42 -19.96 -16.80 48.24
CA SER D 42 -18.67 -17.35 47.86
C SER D 42 -18.39 -18.65 48.58
N PHE D 43 -18.90 -18.81 49.81
CA PHE D 43 -18.66 -20.00 50.66
C PHE D 43 -19.89 -20.90 50.79
N ALA D 44 -20.86 -20.73 49.90
CA ALA D 44 -22.10 -21.50 49.96
C ALA D 44 -21.85 -22.99 50.10
N LYS D 45 -20.96 -23.57 49.30
CA LYS D 45 -20.66 -25.01 49.39
C LYS D 45 -20.14 -25.44 50.74
N GLU D 46 -19.22 -24.66 51.26
CA GLU D 46 -18.60 -24.99 52.54
C GLU D 46 -19.59 -24.86 53.69
N ILE D 47 -20.49 -23.87 53.63
CA ILE D 47 -21.49 -23.68 54.67
C ILE D 47 -22.44 -24.88 54.69
N TYR D 48 -22.97 -25.20 53.53
CA TYR D 48 -23.88 -26.34 53.43
C TYR D 48 -23.11 -27.58 53.92
N ASN D 49 -21.80 -27.58 53.68
CA ASN D 49 -20.99 -28.71 54.14
C ASN D 49 -20.54 -28.76 55.61
N SER D 50 -20.88 -27.75 56.39
CA SER D 50 -20.50 -27.71 57.80
C SER D 50 -19.01 -27.38 57.98
N GLU D 51 -18.38 -26.81 56.95
CA GLU D 51 -16.96 -26.52 56.89
C GLU D 51 -16.66 -25.19 57.50
N ILE D 52 -17.70 -24.37 57.57
CA ILE D 52 -17.59 -23.01 58.02
C ILE D 52 -19.00 -22.40 58.17
N LYS D 53 -19.12 -21.34 58.95
CA LYS D 53 -20.43 -20.79 59.34
C LYS D 53 -20.35 -19.29 59.46
N PRO D 54 -21.11 -18.53 58.66
CA PRO D 54 -20.98 -17.08 58.77
C PRO D 54 -21.34 -16.65 60.17
N ILE D 55 -20.80 -15.53 60.62
CA ILE D 55 -21.09 -15.00 61.94
C ILE D 55 -21.03 -13.48 61.87
N ASP D 56 -21.75 -12.83 62.78
CA ASP D 56 -21.71 -11.38 62.89
C ASP D 56 -20.95 -11.00 64.14
N MET D 57 -19.72 -10.52 63.98
CA MET D 57 -18.88 -10.20 65.13
C MET D 57 -19.32 -8.88 65.74
N LYS D 58 -19.54 -7.86 64.90
CA LYS D 58 -20.11 -6.61 65.38
C LYS D 58 -20.94 -6.84 66.65
N LYS D 59 -21.88 -7.78 66.55
CA LYS D 59 -22.87 -8.01 67.59
C LYS D 59 -22.60 -9.25 68.40
N ASN D 60 -22.27 -10.36 67.75
CA ASN D 60 -22.24 -11.63 68.47
C ASN D 60 -20.86 -12.22 68.66
N GLY D 61 -19.82 -11.40 68.50
CA GLY D 61 -18.50 -11.92 68.72
C GLY D 61 -18.45 -12.56 70.08
N ASN D 62 -18.95 -11.83 71.07
CA ASN D 62 -18.68 -12.19 72.46
C ASN D 62 -19.36 -13.48 72.88
N ASP D 63 -20.42 -13.83 72.17
CA ASP D 63 -21.05 -15.12 72.29
C ASP D 63 -19.99 -16.24 72.15
N LEU D 64 -18.79 -15.93 71.67
CA LEU D 64 -17.64 -16.86 71.66
C LEU D 64 -16.88 -16.94 73.00
N ILE D 65 -17.15 -15.94 73.83
CA ILE D 65 -16.46 -15.83 75.09
C ILE D 65 -16.90 -16.99 75.96
N GLY D 66 -15.94 -17.47 76.73
CA GLY D 66 -16.14 -18.68 77.47
C GLY D 66 -16.00 -19.92 76.63
N LYS D 67 -16.26 -19.87 75.32
CA LYS D 67 -16.38 -21.12 74.58
C LYS D 67 -15.13 -21.54 73.87
N TYR D 68 -14.21 -20.62 73.59
CA TYR D 68 -12.96 -21.10 72.99
C TYR D 68 -11.77 -20.73 73.86
N ASP D 69 -10.67 -21.44 73.64
CA ASP D 69 -9.37 -21.24 74.33
C ASP D 69 -8.41 -20.38 73.55
N LEU D 70 -8.74 -20.05 72.29
CA LEU D 70 -7.78 -19.49 71.33
C LEU D 70 -8.49 -19.06 70.05
N GLY D 71 -8.17 -17.84 69.60
CA GLY D 71 -8.82 -17.21 68.48
C GLY D 71 -7.82 -16.76 67.42
N PHE D 72 -8.17 -17.11 66.18
CA PHE D 72 -7.48 -16.56 64.99
C PHE D 72 -8.33 -15.69 64.05
N SER D 73 -7.73 -14.60 63.57
CA SER D 73 -8.20 -14.02 62.32
C SER D 73 -7.15 -13.95 61.23
N CYS D 74 -7.58 -14.36 60.05
CA CYS D 74 -6.78 -14.21 58.86
C CYS D 74 -7.55 -13.84 57.58
N HIS D 75 -7.21 -12.73 56.95
CA HIS D 75 -8.00 -12.19 55.82
C HIS D 75 -9.51 -12.27 56.08
N SER D 76 -9.96 -11.75 57.21
CA SER D 76 -11.36 -11.76 57.52
C SER D 76 -11.87 -10.38 57.15
N LYS D 77 -13.12 -10.32 56.71
CA LYS D 77 -13.82 -9.06 56.49
C LYS D 77 -14.18 -8.29 57.79
N GLN D 78 -14.10 -8.93 58.95
CA GLN D 78 -14.70 -8.40 60.17
C GLN D 78 -13.66 -8.13 61.24
N LEU D 79 -14.09 -7.34 62.22
CA LEU D 79 -13.21 -6.86 63.28
C LEU D 79 -13.78 -7.29 64.63
N PHE D 80 -12.93 -7.91 65.42
CA PHE D 80 -13.28 -8.60 66.67
C PHE D 80 -13.71 -7.63 67.78
N PRO D 81 -14.83 -7.90 68.46
CA PRO D 81 -15.27 -7.05 69.57
C PRO D 81 -14.27 -6.95 70.73
N ALA D 82 -14.10 -5.74 71.26
CA ALA D 82 -13.02 -5.42 72.21
C ALA D 82 -12.94 -6.33 73.42
N LYS D 83 -14.05 -6.93 73.81
CA LYS D 83 -14.11 -7.71 75.05
C LYS D 83 -13.57 -9.09 74.75
N LEU D 84 -14.02 -9.66 73.63
CA LEU D 84 -13.56 -10.96 73.14
C LEU D 84 -12.05 -11.00 73.16
N VAL D 85 -11.48 -9.86 72.76
CA VAL D 85 -10.05 -9.77 72.55
C VAL D 85 -9.32 -9.86 73.88
N ASN D 86 -9.92 -9.25 74.91
CA ASN D 86 -9.36 -9.28 76.27
C ASN D 86 -9.55 -10.64 76.98
N SER D 87 -10.74 -11.22 76.86
CA SER D 87 -11.05 -12.49 77.50
C SER D 87 -10.30 -13.70 76.95
N VAL D 88 -10.00 -13.69 75.64
CA VAL D 88 -9.51 -14.85 74.90
C VAL D 88 -8.26 -14.46 74.11
N LEU D 89 -7.18 -15.24 74.14
CA LEU D 89 -5.99 -15.00 73.28
C LEU D 89 -6.42 -15.02 71.78
N CYS D 90 -6.25 -13.88 71.08
CA CYS D 90 -6.81 -13.63 69.73
C CYS D 90 -5.66 -13.22 68.86
N ILE D 91 -5.27 -14.09 67.93
CA ILE D 91 -4.10 -13.79 67.12
C ILE D 91 -4.47 -13.47 65.66
N ASN D 92 -3.87 -12.38 65.19
CA ASN D 92 -4.06 -11.89 63.85
C ASN D 92 -2.93 -12.27 62.90
N ILE D 93 -3.26 -13.01 61.85
CA ILE D 93 -2.28 -13.23 60.76
C ILE D 93 -2.50 -12.19 59.64
N HIS D 94 -1.51 -11.34 59.36
CA HIS D 94 -1.76 -10.14 58.59
C HIS D 94 -0.69 -9.78 57.52
N PRO D 95 -1.17 -9.35 56.34
CA PRO D 95 -0.35 -9.04 55.17
C PRO D 95 0.12 -7.61 55.21
N GLY D 96 1.03 -7.33 56.11
CA GLY D 96 1.71 -6.06 56.28
C GLY D 96 2.81 -6.28 57.30
N LEU D 97 3.79 -5.39 57.33
CA LEU D 97 4.89 -5.53 58.27
C LEU D 97 4.70 -4.48 59.39
N ASN D 98 3.96 -4.82 60.43
CA ASN D 98 3.78 -3.91 61.60
C ASN D 98 5.06 -3.29 62.17
N PRO D 99 4.98 -2.03 62.61
CA PRO D 99 3.83 -1.13 62.60
C PRO D 99 3.70 -0.36 61.27
N TYR D 100 4.38 -0.76 60.18
CA TYR D 100 4.43 0.11 58.98
C TYR D 100 3.20 -0.15 58.12
N ASN D 101 2.58 0.96 57.69
CA ASN D 101 1.37 0.93 56.90
C ASN D 101 0.27 0.06 57.49
N ARG D 102 -0.09 0.35 58.73
CA ARG D 102 -1.20 -0.36 59.29
C ARG D 102 -2.47 0.14 58.63
N GLY D 103 -3.54 -0.64 58.72
CA GLY D 103 -4.82 -0.40 58.05
C GLY D 103 -4.81 -0.92 56.61
N TRP D 104 -5.54 -0.23 55.73
CA TRP D 104 -5.88 -0.77 54.41
C TRP D 104 -4.75 -0.97 53.41
N PHE D 105 -4.71 -2.15 52.78
CA PHE D 105 -3.83 -2.37 51.60
C PHE D 105 -2.40 -1.86 51.80
N PRO D 106 -1.79 -2.43 52.82
CA PRO D 106 -0.43 -2.04 53.13
C PRO D 106 0.57 -2.15 51.99
N GLN D 107 0.52 -3.16 51.13
CA GLN D 107 1.53 -3.21 50.02
C GLN D 107 1.34 -2.06 48.99
N VAL D 108 0.11 -1.57 48.84
CA VAL D 108 -0.19 -0.45 47.92
C VAL D 108 0.58 0.74 48.44
N PHE D 109 0.33 1.09 49.70
CA PHE D 109 1.06 2.24 50.30
C PHE D 109 2.55 2.04 50.36
N SER D 110 2.97 0.82 50.69
CA SER D 110 4.44 0.54 50.71
C SER D 110 5.11 0.65 49.34
N ILE D 111 4.45 0.20 48.29
CA ILE D 111 5.08 0.41 46.98
C ILE D 111 5.25 1.91 46.70
N ILE D 112 4.37 2.72 47.27
CA ILE D 112 4.44 4.15 47.07
C ILE D 112 5.44 4.77 48.06
N ASN D 113 5.24 4.57 49.37
CA ASN D 113 6.00 5.30 50.35
C ASN D 113 7.26 4.61 50.80
N LYS D 114 7.45 3.35 50.48
CA LYS D 114 8.74 2.68 50.70
C LYS D 114 8.98 2.30 52.16
N LEU D 115 7.96 2.29 52.99
CA LEU D 115 8.11 1.61 54.26
C LEU D 115 8.16 0.13 53.91
N PRO D 116 8.84 -0.68 54.72
CA PRO D 116 8.82 -2.12 54.50
C PRO D 116 7.44 -2.73 54.41
N ILE D 117 7.41 -3.88 53.74
CA ILE D 117 6.18 -4.65 53.63
C ILE D 117 6.58 -6.09 53.89
N GLY D 118 5.59 -6.87 54.32
CA GLY D 118 5.80 -8.25 54.63
C GLY D 118 4.55 -8.72 55.33
N ALA D 119 4.77 -9.80 56.07
CA ALA D 119 3.70 -10.41 56.85
C ALA D 119 4.09 -10.35 58.31
N THR D 120 3.08 -10.28 59.15
CA THR D 120 3.29 -10.07 60.55
C THR D 120 2.30 -10.96 61.20
N ILE D 121 2.73 -11.73 62.20
CA ILE D 121 1.77 -12.36 63.10
C ILE D 121 1.86 -11.67 64.46
N HIS D 122 0.71 -11.37 65.01
CA HIS D 122 0.66 -10.54 66.18
C HIS D 122 -0.55 -10.86 67.02
N VAL D 123 -0.42 -10.50 68.30
CA VAL D 123 -1.52 -10.71 69.22
C VAL D 123 -2.53 -9.58 69.03
N MET D 124 -3.82 -9.85 69.06
CA MET D 124 -4.72 -8.71 68.82
C MET D 124 -4.99 -7.97 70.11
N ASP D 125 -5.02 -6.63 70.05
CA ASP D 125 -5.61 -5.84 71.14
C ASP D 125 -6.80 -4.98 70.65
N GLU D 126 -7.06 -3.83 71.26
CA GLU D 126 -8.19 -3.02 70.81
C GLU D 126 -7.90 -2.17 69.57
N GLU D 127 -6.64 -1.81 69.34
CA GLU D 127 -6.27 -1.01 68.17
C GLU D 127 -6.05 -1.91 66.95
N ILE D 128 -6.10 -1.30 65.78
CA ILE D 128 -5.90 -2.04 64.53
C ILE D 128 -4.41 -2.24 64.17
N ASP D 129 -4.05 -3.49 63.89
CA ASP D 129 -2.67 -3.81 63.53
C ASP D 129 -1.66 -3.28 64.55
N HIS D 130 -1.94 -3.51 65.86
CA HIS D 130 -1.22 -2.86 66.98
C HIS D 130 -0.42 -3.78 67.94
N GLY D 131 -1.03 -4.90 68.33
CA GLY D 131 -0.45 -5.81 69.34
C GLY D 131 0.97 -6.41 69.25
N ASP D 132 1.28 -7.26 70.23
CA ASP D 132 2.58 -7.89 70.35
C ASP D 132 2.92 -8.79 69.13
N ILE D 133 4.08 -8.57 68.54
CA ILE D 133 4.51 -9.28 67.36
C ILE D 133 5.12 -10.60 67.73
N ILE D 134 4.54 -11.68 67.21
CA ILE D 134 5.02 -13.02 67.45
C ILE D 134 6.18 -13.27 66.52
N ILE D 135 5.97 -13.03 65.24
CA ILE D 135 7.00 -13.23 64.24
C ILE D 135 6.56 -12.39 63.02
N GLN D 136 7.53 -11.84 62.32
CA GLN D 136 7.19 -11.13 61.08
C GLN D 136 8.39 -11.20 60.15
N GLU D 137 8.21 -10.95 58.87
CA GLU D 137 9.34 -11.02 57.96
C GLU D 137 8.98 -10.08 56.81
N GLU D 138 9.98 -9.31 56.41
CA GLU D 138 9.90 -8.46 55.24
C GLU D 138 9.93 -9.25 53.96
N VAL D 139 9.31 -8.69 52.92
CA VAL D 139 9.30 -9.26 51.58
C VAL D 139 9.94 -8.17 50.69
N GLU D 140 10.72 -8.53 49.67
CA GLU D 140 11.26 -7.49 48.78
C GLU D 140 10.23 -6.98 47.75
N VAL D 141 10.34 -5.74 47.30
CA VAL D 141 9.50 -5.19 46.23
C VAL D 141 10.43 -4.93 45.07
N ASN D 142 10.41 -5.80 44.07
CA ASN D 142 11.21 -5.60 42.88
C ASN D 142 10.55 -4.54 41.97
N SER D 143 11.34 -3.93 41.09
CA SER D 143 10.88 -2.84 40.19
C SER D 143 9.71 -3.27 39.35
N PHE D 144 9.78 -4.52 38.90
CA PHE D 144 8.75 -5.00 38.00
C PHE D 144 7.47 -5.46 38.63
N GLU D 145 7.23 -5.29 39.91
CA GLU D 145 6.09 -5.98 40.51
C GLU D 145 4.94 -5.04 40.74
N ASN D 146 3.72 -5.56 40.75
CA ASN D 146 2.62 -4.69 41.17
C ASN D 146 2.00 -5.06 42.52
N SER D 147 0.91 -4.41 42.88
CA SER D 147 0.25 -4.76 44.13
C SER D 147 -0.13 -6.24 44.20
N PHE D 148 -0.69 -6.78 43.12
CA PHE D 148 -1.09 -8.21 43.04
C PHE D 148 0.13 -9.09 43.28
N ASP D 149 1.21 -8.88 42.55
CA ASP D 149 2.43 -9.67 42.81
C ASP D 149 2.89 -9.67 44.27
N VAL D 150 3.14 -8.48 44.82
CA VAL D 150 3.60 -8.37 46.20
C VAL D 150 2.60 -8.99 47.17
N TYR D 151 1.33 -8.79 46.92
CA TYR D 151 0.36 -9.34 47.81
C TYR D 151 0.44 -10.85 47.83
N ALA D 152 0.71 -11.39 46.64
CA ALA D 152 0.85 -12.83 46.52
C ALA D 152 2.07 -13.28 47.32
N LYS D 153 3.23 -12.64 47.20
CA LYS D 153 4.36 -13.03 48.02
C LYS D 153 4.11 -12.89 49.55
N VAL D 154 3.39 -11.85 49.94
CA VAL D 154 3.01 -11.66 51.33
C VAL D 154 2.11 -12.77 51.85
N GLN D 155 1.12 -13.15 51.09
CA GLN D 155 0.19 -14.18 51.52
C GLN D 155 0.88 -15.51 51.73
N LYS D 156 1.79 -15.84 50.83
CA LYS D 156 2.64 -17.00 51.00
C LYS D 156 3.39 -16.84 52.31
N LYS D 157 3.98 -15.67 52.55
CA LYS D 157 4.81 -15.52 53.71
C LYS D 157 3.98 -15.62 54.99
N GLU D 158 2.72 -15.20 54.95
CA GLU D 158 1.83 -15.33 56.09
C GLU D 158 1.70 -16.79 56.54
N VAL D 159 1.34 -17.66 55.61
CA VAL D 159 1.10 -19.06 55.87
C VAL D 159 2.38 -19.82 56.20
N GLU D 160 3.51 -19.44 55.62
CA GLU D 160 4.77 -19.93 56.10
C GLU D 160 5.10 -19.53 57.57
N LEU D 161 4.92 -18.28 57.95
CA LEU D 161 5.21 -17.89 59.31
C LEU D 161 4.28 -18.57 60.31
N PHE D 162 3.03 -18.73 59.91
CA PHE D 162 2.05 -19.32 60.78
C PHE D 162 2.42 -20.78 60.98
N THR D 163 2.80 -21.49 59.92
CA THR D 163 3.39 -22.84 60.03
C THR D 163 4.44 -22.88 61.15
N LYS D 164 5.34 -21.90 61.21
CA LYS D 164 6.51 -21.92 62.07
C LYS D 164 6.21 -21.65 63.57
N VAL D 165 5.17 -20.90 63.89
CA VAL D 165 4.89 -20.52 65.28
C VAL D 165 3.66 -21.15 65.88
N ILE D 166 2.88 -21.89 65.11
CA ILE D 166 1.64 -22.45 65.59
C ILE D 166 1.83 -23.40 66.79
N ASP D 167 2.89 -24.20 66.79
CA ASP D 167 3.18 -25.03 67.97
C ASP D 167 3.48 -24.27 69.27
N ASP D 168 4.32 -23.25 69.23
CA ASP D 168 4.49 -22.37 70.39
C ASP D 168 3.24 -21.69 70.89
N ILE D 169 2.42 -21.21 69.95
CA ILE D 169 1.14 -20.57 70.29
C ILE D 169 0.22 -21.51 71.03
N LEU D 170 0.20 -22.74 70.59
CA LEU D 170 -0.71 -23.69 71.18
C LEU D 170 -0.21 -24.15 72.54
N ASN D 171 1.03 -23.77 72.85
CA ASN D 171 1.69 -24.03 74.10
C ASN D 171 1.79 -22.77 74.93
N ASN D 172 0.92 -21.79 74.72
CA ASN D 172 0.97 -20.51 75.40
C ASN D 172 2.34 -20.01 75.83
N LYS D 173 3.34 -20.34 75.03
CA LYS D 173 4.70 -19.90 75.28
C LYS D 173 5.33 -19.53 73.94
N PHE D 174 5.15 -18.28 73.53
CA PHE D 174 5.54 -17.89 72.20
C PHE D 174 6.09 -16.50 72.33
N THR D 175 6.97 -16.18 71.40
CA THR D 175 7.67 -14.88 71.41
C THR D 175 6.61 -13.77 71.33
N ARG D 176 6.75 -12.69 72.10
CA ARG D 176 5.93 -11.50 71.99
C ARG D 176 6.83 -10.30 72.22
N ILE D 177 6.78 -9.33 71.32
CA ILE D 177 7.63 -8.18 71.37
C ILE D 177 6.77 -6.97 70.99
N LYS D 178 6.89 -5.89 71.75
CA LYS D 178 6.25 -4.65 71.37
C LYS D 178 6.83 -4.02 70.11
N PRO D 179 5.96 -3.36 69.36
CA PRO D 179 6.48 -2.72 68.17
C PRO D 179 7.47 -1.59 68.48
N ASN D 180 8.47 -1.36 67.62
CA ASN D 180 9.41 -0.25 67.91
C ASN D 180 8.75 1.14 68.07
N SER D 181 7.62 1.37 67.42
CA SER D 181 6.79 2.55 67.68
C SER D 181 5.33 2.37 67.24
N GLU D 182 4.62 3.48 67.08
CA GLU D 182 3.22 3.39 66.65
C GLU D 182 3.13 3.34 65.12
N GLY D 183 4.24 3.57 64.39
CA GLY D 183 4.31 3.50 62.93
C GLY D 183 3.27 4.43 62.32
N ASN D 184 2.52 3.97 61.32
CA ASN D 184 1.49 4.81 60.73
C ASN D 184 0.27 4.03 60.28
N TYR D 185 -0.87 4.69 60.15
CA TYR D 185 -2.07 3.92 59.90
C TYR D 185 -2.76 4.52 58.68
N ASN D 186 -3.21 3.65 57.78
CA ASN D 186 -3.98 4.08 56.62
C ASN D 186 -5.38 3.51 56.66
N SER D 187 -6.39 4.36 56.58
CA SER D 187 -7.81 3.98 56.56
C SER D 187 -8.35 3.72 55.15
N ILE D 188 -9.52 3.08 55.00
CA ILE D 188 -10.23 3.05 53.69
C ILE D 188 -10.23 4.43 53.05
N HIS D 189 -10.51 5.46 53.83
CA HIS D 189 -10.56 6.82 53.32
C HIS D 189 -9.24 7.36 52.81
N ASP D 190 -8.12 6.98 53.42
CA ASP D 190 -6.82 7.45 52.95
C ASP D 190 -6.65 6.85 51.55
N TYR D 191 -7.04 5.59 51.45
CA TYR D 191 -6.84 4.78 50.26
C TYR D 191 -7.72 5.29 49.09
N LYS D 192 -9.01 5.47 49.32
CA LYS D 192 -9.88 6.11 48.33
C LYS D 192 -9.34 7.41 47.76
N ASN D 193 -8.98 8.37 48.59
CA ASN D 193 -8.32 9.58 48.08
C ASN D 193 -7.06 9.35 47.26
N MET D 194 -6.35 8.31 47.65
CA MET D 194 -5.18 8.01 46.86
C MET D 194 -5.51 7.45 45.46
N CYS D 195 -6.62 6.74 45.34
CA CYS D 195 -7.21 6.26 44.09
C CYS D 195 -7.46 7.32 42.99
N GLU D 196 -7.88 8.53 43.39
CA GLU D 196 -8.08 9.58 42.42
C GLU D 196 -6.84 10.34 41.98
N ILE D 197 -6.40 10.14 40.74
CA ILE D 197 -5.17 10.71 40.28
C ILE D 197 -5.35 12.21 40.18
N ASP D 198 -4.32 12.90 40.66
CA ASP D 198 -4.22 14.33 40.43
C ASP D 198 -3.40 14.55 39.19
N LEU D 199 -4.06 14.80 38.06
CA LEU D 199 -3.34 14.95 36.77
C LEU D 199 -2.26 16.03 36.79
N ASP D 200 -2.48 17.06 37.62
CA ASP D 200 -1.50 18.15 37.76
C ASP D 200 -0.42 17.89 38.79
N LYS D 201 -0.48 16.83 39.59
CA LYS D 201 0.62 16.54 40.50
C LYS D 201 1.92 16.45 39.78
N ILE D 202 2.96 17.05 40.36
CA ILE D 202 4.31 17.00 39.80
C ILE D 202 5.05 15.80 40.36
N VAL D 203 5.73 14.99 39.55
CA VAL D 203 6.32 13.74 40.06
C VAL D 203 7.53 13.37 39.28
N THR D 204 8.29 12.42 39.72
CA THR D 204 9.22 11.87 38.75
C THR D 204 8.57 10.66 38.04
N MET D 205 9.09 10.29 36.88
CA MET D 205 8.67 9.07 36.19
C MET D 205 8.76 7.91 37.18
N ARG D 206 9.79 7.86 38.00
CA ARG D 206 9.84 6.76 38.98
C ARG D 206 8.59 6.78 39.88
N GLU D 207 8.20 7.96 40.33
CA GLU D 207 7.07 8.06 41.24
C GLU D 207 5.77 7.76 40.51
N ALA D 208 5.63 8.16 39.25
CA ALA D 208 4.43 7.87 38.45
C ALA D 208 4.31 6.35 38.27
N ILE D 209 5.40 5.66 37.98
CA ILE D 209 5.37 4.25 37.68
C ILE D 209 5.07 3.49 38.97
N ASP D 210 5.77 3.85 40.04
CA ASP D 210 5.50 3.27 41.36
C ASP D 210 4.08 3.48 41.79
N TYR D 211 3.52 4.65 41.54
CA TYR D 211 2.13 4.82 41.94
C TYR D 211 1.17 3.87 41.16
N LEU D 212 1.40 3.86 39.85
CA LEU D 212 0.57 3.09 38.93
C LEU D 212 0.68 1.57 39.20
N ARG D 213 1.89 1.07 39.33
CA ARG D 213 2.01 -0.33 39.63
C ARG D 213 1.45 -0.63 41.02
N ALA D 214 1.47 0.30 41.98
CA ALA D 214 0.89 0.00 43.30
C ALA D 214 -0.62 -0.18 43.20
N MET D 215 -1.18 0.54 42.22
CA MET D 215 -2.61 0.64 42.04
C MET D 215 -3.14 -0.43 41.10
N THR D 216 -2.23 -1.18 40.49
CA THR D 216 -2.59 -2.30 39.70
C THR D 216 -2.69 -3.67 40.42
N HIS D 217 -3.91 -4.20 40.44
CA HIS D 217 -4.26 -5.43 41.12
C HIS D 217 -5.49 -6.10 40.48
N PRO D 218 -5.25 -6.82 39.36
CA PRO D 218 -6.33 -7.43 38.56
C PRO D 218 -7.14 -8.30 39.47
N PRO D 219 -8.45 -8.37 39.24
CA PRO D 219 -9.42 -7.77 38.33
C PRO D 219 -10.00 -6.48 38.88
N TYR D 220 -9.43 -5.92 39.92
CA TYR D 220 -10.05 -4.75 40.49
C TYR D 220 -9.72 -3.55 39.61
N LYS D 221 -10.58 -2.52 39.64
CA LYS D 221 -10.32 -1.23 39.01
C LYS D 221 -10.13 -0.19 40.10
N ASN D 222 -8.95 0.37 40.19
CA ASN D 222 -8.57 1.20 41.34
C ASN D 222 -8.24 2.63 40.99
N SER D 223 -7.08 2.95 40.41
CA SER D 223 -6.79 4.36 40.13
C SER D 223 -7.54 4.81 38.89
N TYR D 224 -7.99 6.05 38.95
CA TYR D 224 -8.68 6.70 37.88
C TYR D 224 -8.44 8.17 37.91
N PHE D 225 -8.78 8.79 36.79
CA PHE D 225 -8.82 10.21 36.64
C PHE D 225 -10.12 10.56 35.89
N ILE D 226 -10.43 11.83 36.09
CA ILE D 226 -11.59 12.44 35.51
C ILE D 226 -11.09 13.39 34.45
N ASP D 227 -11.61 13.22 33.24
CA ASP D 227 -10.96 13.91 32.12
C ASP D 227 -11.60 15.25 31.96
N GLU D 228 -11.13 15.99 30.96
CA GLU D 228 -11.68 17.33 30.75
C GLU D 228 -13.17 17.35 30.44
N HIS D 229 -13.74 16.23 30.01
CA HIS D 229 -15.13 16.20 29.67
C HIS D 229 -15.92 15.53 30.76
N GLY D 230 -15.27 15.22 31.89
CA GLY D 230 -15.93 14.53 32.97
C GLY D 230 -15.95 13.02 32.81
N ASN D 231 -15.28 12.44 31.82
CA ASN D 231 -15.29 10.97 31.68
C ASN D 231 -14.49 10.44 32.88
N LYS D 232 -14.96 9.33 33.43
CA LYS D 232 -14.16 8.61 34.41
C LYS D 232 -13.30 7.53 33.77
N VAL D 233 -11.98 7.68 33.96
CA VAL D 233 -11.03 6.74 33.32
C VAL D 233 -10.12 6.03 34.29
N PHE D 234 -10.31 4.73 34.42
CA PHE D 234 -9.48 3.87 35.23
C PHE D 234 -8.20 3.53 34.44
N VAL D 235 -7.08 3.44 35.13
CA VAL D 235 -5.80 3.12 34.50
C VAL D 235 -5.02 2.07 35.33
N ALA D 236 -4.13 1.30 34.67
CA ALA D 236 -3.39 0.24 35.26
C ALA D 236 -2.16 0.09 34.40
N LEU D 237 -1.12 -0.47 35.01
CA LEU D 237 0.18 -0.53 34.38
C LEU D 237 0.49 -1.96 34.16
N GLU D 238 1.23 -2.29 33.12
CA GLU D 238 1.73 -3.64 32.93
C GLU D 238 3.23 -3.52 32.80
N LEU D 239 3.99 -4.38 33.48
CA LEU D 239 5.45 -4.26 33.49
C LEU D 239 5.89 -5.68 33.16
N GLU D 240 6.97 -5.83 32.40
CA GLU D 240 7.41 -7.17 32.03
C GLU D 240 8.92 -7.13 31.99
N LYS D 241 9.56 -7.91 32.86
CA LYS D 241 11.02 -7.92 32.89
C LYS D 241 11.48 -8.75 31.67
N ILE D 242 12.38 -8.18 30.90
CA ILE D 242 12.95 -8.89 29.74
C ILE D 242 14.42 -9.17 29.98
N MET E 3 -8.66 -58.69 -44.83
CA MET E 3 -8.48 -57.22 -45.07
C MET E 3 -8.13 -56.49 -43.75
N LYS E 4 -6.85 -56.22 -43.51
CA LYS E 4 -6.42 -55.76 -42.18
C LYS E 4 -6.68 -54.30 -42.01
N LYS E 5 -7.31 -53.97 -40.89
CA LYS E 5 -7.65 -52.60 -40.52
C LYS E 5 -6.65 -52.11 -39.46
N ILE E 6 -6.01 -50.99 -39.77
CA ILE E 6 -4.82 -50.52 -39.06
C ILE E 6 -4.93 -49.04 -38.72
N PHE E 7 -4.53 -48.65 -37.53
CA PHE E 7 -4.30 -47.24 -37.28
C PHE E 7 -2.88 -46.85 -36.83
N VAL E 8 -2.53 -45.59 -37.08
CA VAL E 8 -1.18 -45.08 -36.81
C VAL E 8 -1.23 -43.68 -36.24
N VAL E 9 -0.54 -43.52 -35.11
CA VAL E 9 -0.56 -42.31 -34.36
C VAL E 9 0.87 -41.81 -34.31
N THR E 10 1.05 -40.58 -34.76
CA THR E 10 2.34 -39.89 -34.75
C THR E 10 2.18 -38.39 -34.82
N ASP E 11 3.14 -37.69 -34.23
CA ASP E 11 3.27 -36.27 -34.44
C ASP E 11 4.57 -35.90 -35.12
N ASN E 12 5.12 -36.81 -35.91
CA ASN E 12 6.38 -36.52 -36.56
C ASN E 12 6.15 -36.61 -38.06
N ARG E 13 6.64 -35.60 -38.75
CA ARG E 13 6.42 -35.47 -40.18
C ARG E 13 7.22 -36.48 -40.97
N THR E 14 8.44 -36.78 -40.54
CA THR E 14 9.28 -37.82 -41.19
C THR E 14 8.67 -39.25 -41.12
N ILE E 15 8.37 -39.62 -39.87
CA ILE E 15 7.69 -40.84 -39.53
C ILE E 15 6.45 -40.95 -40.39
N LEU E 16 5.57 -39.95 -40.31
CA LEU E 16 4.35 -40.01 -41.09
C LEU E 16 4.58 -40.29 -42.58
N SER E 17 5.55 -39.62 -43.16
CA SER E 17 5.89 -39.86 -44.56
C SER E 17 6.42 -41.28 -44.85
N ASP E 18 7.43 -41.70 -44.11
CA ASP E 18 7.92 -43.07 -44.22
C ASP E 18 6.86 -44.14 -43.96
N PHE E 19 6.01 -44.00 -42.95
CA PHE E 19 5.02 -45.06 -42.71
C PHE E 19 4.10 -45.10 -43.87
N LYS E 20 3.87 -43.95 -44.50
CA LYS E 20 3.09 -43.96 -45.74
C LYS E 20 3.77 -44.72 -46.87
N ASN E 21 5.05 -44.48 -47.16
CA ASN E 21 5.73 -45.35 -48.14
C ASN E 21 5.51 -46.79 -47.80
N ILE E 22 5.95 -47.18 -46.60
CA ILE E 22 6.09 -48.59 -46.28
C ILE E 22 4.73 -49.24 -46.29
N ILE E 23 3.78 -48.63 -45.59
CA ILE E 23 2.50 -49.31 -45.40
C ILE E 23 1.59 -49.31 -46.61
N GLY E 24 1.62 -48.23 -47.38
CA GLY E 24 0.90 -48.17 -48.63
C GLY E 24 1.33 -49.21 -49.65
N SER E 25 2.61 -49.60 -49.65
CA SER E 25 3.15 -50.57 -50.60
C SER E 25 2.68 -52.00 -50.36
N LYS E 26 1.87 -52.19 -49.33
CA LYS E 26 1.28 -53.48 -49.05
C LYS E 26 -0.16 -53.36 -49.50
N ASN E 27 -0.80 -54.49 -49.64
CA ASN E 27 -2.22 -54.53 -49.99
C ASN E 27 -2.81 -55.48 -48.96
N ASP E 28 -4.13 -55.51 -48.89
CA ASP E 28 -4.80 -56.21 -47.78
C ASP E 28 -4.74 -55.38 -46.51
N VAL E 29 -4.56 -54.08 -46.69
CA VAL E 29 -4.47 -53.17 -45.56
C VAL E 29 -5.27 -51.90 -45.79
N GLN E 30 -6.02 -51.46 -44.79
CA GLN E 30 -6.60 -50.12 -44.80
C GLN E 30 -6.03 -49.50 -43.55
N VAL E 31 -5.53 -48.27 -43.71
CA VAL E 31 -4.89 -47.54 -42.63
C VAL E 31 -5.52 -46.17 -42.34
N ASP E 32 -5.82 -45.83 -41.09
CA ASP E 32 -6.09 -44.43 -40.73
C ASP E 32 -4.91 -43.84 -39.96
N TYR E 33 -4.54 -42.61 -40.27
CA TYR E 33 -3.46 -41.96 -39.53
C TYR E 33 -4.08 -40.89 -38.61
N PHE E 34 -3.55 -40.80 -37.39
CA PHE E 34 -3.95 -39.76 -36.43
C PHE E 34 -2.76 -39.06 -35.78
N CYS E 35 -2.99 -37.87 -35.23
CA CYS E 35 -2.00 -37.11 -34.48
C CYS E 35 -2.64 -36.42 -33.30
N SER E 36 -1.83 -35.62 -32.60
CA SER E 36 -2.31 -34.80 -31.51
C SER E 36 -3.00 -33.51 -31.91
N PHE E 37 -3.86 -33.01 -31.02
CA PHE E 37 -4.45 -31.70 -31.25
C PHE E 37 -3.38 -30.61 -31.16
N LYS E 38 -2.39 -30.82 -30.31
CA LYS E 38 -1.15 -30.06 -30.37
C LYS E 38 -0.47 -29.93 -31.73
N SER E 39 -0.76 -30.78 -32.72
CA SER E 39 -0.01 -30.66 -33.98
C SER E 39 -0.86 -29.99 -35.06
N GLN E 40 -1.98 -29.37 -34.64
CA GLN E 40 -2.93 -28.75 -35.55
C GLN E 40 -2.29 -27.76 -36.50
N THR E 41 -1.34 -27.00 -35.98
CA THR E 41 -0.49 -26.12 -36.75
C THR E 41 0.61 -26.88 -37.51
N SER E 42 1.49 -27.56 -36.78
CA SER E 42 2.61 -28.25 -37.44
C SER E 42 2.14 -29.13 -38.60
N PHE E 43 0.96 -29.75 -38.48
CA PHE E 43 0.38 -30.57 -39.55
C PHE E 43 -0.75 -29.89 -40.33
N ALA E 44 -0.79 -28.56 -40.30
CA ALA E 44 -1.82 -27.83 -41.02
C ALA E 44 -2.02 -28.41 -42.42
N LYS E 45 -0.93 -28.62 -43.16
CA LYS E 45 -1.09 -29.05 -44.53
C LYS E 45 -1.83 -30.38 -44.56
N GLU E 46 -1.22 -31.40 -43.95
CA GLU E 46 -1.63 -32.79 -44.18
C GLU E 46 -3.02 -33.05 -43.58
N ILE E 47 -3.36 -32.21 -42.60
CA ILE E 47 -4.67 -32.30 -41.95
C ILE E 47 -5.74 -31.85 -42.91
N TYR E 48 -5.50 -30.70 -43.55
CA TYR E 48 -6.31 -30.23 -44.68
C TYR E 48 -6.51 -31.29 -45.75
N ASN E 49 -5.42 -31.89 -46.19
CA ASN E 49 -5.49 -32.85 -47.27
C ASN E 49 -6.04 -34.20 -46.88
N SER E 50 -6.51 -34.27 -45.63
CA SER E 50 -7.08 -35.49 -45.07
C SER E 50 -6.17 -36.74 -45.12
N GLU E 51 -4.86 -36.56 -45.03
CA GLU E 51 -4.01 -37.74 -44.88
C GLU E 51 -3.65 -38.02 -43.42
N ILE E 52 -4.25 -37.24 -42.51
CA ILE E 52 -4.12 -37.41 -41.06
C ILE E 52 -5.09 -36.52 -40.29
N LYS E 53 -5.56 -37.05 -39.16
CA LYS E 53 -6.59 -36.43 -38.37
C LYS E 53 -6.25 -36.35 -36.88
N PRO E 54 -6.49 -35.19 -36.25
CA PRO E 54 -6.40 -34.96 -34.79
C PRO E 54 -7.31 -35.86 -33.99
N ILE E 55 -6.80 -36.37 -32.88
CA ILE E 55 -7.60 -37.19 -31.99
C ILE E 55 -7.02 -36.94 -30.60
N ASP E 56 -7.92 -36.88 -29.64
CA ASP E 56 -7.62 -36.83 -28.23
C ASP E 56 -7.71 -38.26 -27.67
N MET E 57 -6.55 -38.90 -27.49
CA MET E 57 -6.49 -40.32 -27.15
C MET E 57 -6.92 -40.49 -25.72
N LYS E 58 -6.61 -39.52 -24.87
CA LYS E 58 -7.02 -39.64 -23.49
C LYS E 58 -8.53 -39.72 -23.40
N LYS E 59 -9.24 -38.86 -24.11
CA LYS E 59 -10.71 -38.80 -24.01
C LYS E 59 -11.41 -39.83 -24.90
N ASN E 60 -10.95 -39.98 -26.14
CA ASN E 60 -11.66 -40.79 -27.13
C ASN E 60 -10.95 -42.04 -27.65
N GLY E 61 -9.80 -42.38 -27.10
CA GLY E 61 -9.03 -43.51 -27.66
C GLY E 61 -9.74 -44.85 -27.75
N ASN E 62 -10.69 -45.05 -26.86
CA ASN E 62 -11.27 -46.35 -26.72
C ASN E 62 -12.39 -46.58 -27.70
N ASP E 63 -12.90 -45.50 -28.29
CA ASP E 63 -13.80 -45.60 -29.45
C ASP E 63 -13.18 -46.35 -30.63
N LEU E 64 -11.86 -46.33 -30.71
CA LEU E 64 -11.15 -47.13 -31.70
C LEU E 64 -11.25 -48.60 -31.46
N ILE E 65 -11.62 -49.03 -30.25
CA ILE E 65 -11.75 -50.45 -29.90
C ILE E 65 -12.76 -51.08 -30.87
N GLY E 66 -12.44 -52.26 -31.39
CA GLY E 66 -13.34 -52.95 -32.30
C GLY E 66 -13.24 -52.58 -33.77
N LYS E 67 -12.77 -51.36 -34.03
CA LYS E 67 -12.60 -50.86 -35.40
C LYS E 67 -11.32 -51.29 -36.15
N TYR E 68 -10.24 -51.73 -35.50
CA TYR E 68 -8.98 -52.06 -36.19
C TYR E 68 -8.48 -53.38 -35.70
N ASP E 69 -7.65 -54.02 -36.51
CA ASP E 69 -7.00 -55.25 -36.15
C ASP E 69 -5.61 -55.01 -35.55
N LEU E 70 -5.05 -53.82 -35.77
CA LEU E 70 -3.65 -53.49 -35.49
C LEU E 70 -3.49 -52.01 -35.28
N GLY E 71 -2.73 -51.62 -34.26
CA GLY E 71 -2.30 -50.23 -34.13
C GLY E 71 -0.80 -50.04 -33.95
N PHE E 72 -0.30 -48.94 -34.48
CA PHE E 72 1.02 -48.48 -34.24
C PHE E 72 1.08 -47.07 -33.67
N SER E 73 2.12 -46.84 -32.90
CA SER E 73 2.44 -45.52 -32.38
C SER E 73 3.92 -45.30 -32.55
N CYS E 74 4.30 -44.06 -32.84
CA CYS E 74 5.67 -43.76 -33.16
C CYS E 74 5.83 -42.25 -33.19
N HIS E 75 6.62 -41.74 -32.27
CA HIS E 75 6.86 -40.31 -32.11
C HIS E 75 5.52 -39.61 -31.96
N SER E 76 4.82 -40.05 -30.91
CA SER E 76 3.46 -39.60 -30.66
C SER E 76 3.44 -38.76 -29.42
N LYS E 77 2.66 -37.69 -29.46
CA LYS E 77 2.51 -36.90 -28.26
C LYS E 77 1.67 -37.61 -27.20
N GLN E 78 1.06 -38.74 -27.57
CA GLN E 78 -0.01 -39.28 -26.74
C GLN E 78 0.21 -40.70 -26.23
N LEU E 79 -0.27 -40.97 -25.01
CA LEU E 79 -0.38 -42.34 -24.52
C LEU E 79 -1.68 -42.99 -24.98
N PHE E 80 -1.61 -44.20 -25.50
CA PHE E 80 -2.82 -44.98 -25.79
C PHE E 80 -3.49 -45.36 -24.47
N PRO E 81 -4.81 -45.17 -24.35
CA PRO E 81 -5.53 -45.66 -23.16
C PRO E 81 -5.50 -47.18 -22.95
N ALA E 82 -5.70 -47.64 -21.72
CA ALA E 82 -5.42 -49.04 -21.39
C ALA E 82 -6.39 -50.05 -21.97
N LYS E 83 -7.69 -49.73 -22.03
CA LYS E 83 -8.60 -50.71 -22.61
C LYS E 83 -8.09 -51.05 -23.99
N LEU E 84 -7.88 -49.98 -24.77
CA LEU E 84 -7.48 -50.12 -26.16
C LEU E 84 -6.25 -51.02 -26.29
N VAL E 85 -5.28 -50.90 -25.38
CA VAL E 85 -4.05 -51.69 -25.51
C VAL E 85 -4.31 -53.16 -25.27
N ASN E 86 -5.04 -53.49 -24.20
CA ASN E 86 -5.40 -54.88 -23.93
C ASN E 86 -6.31 -55.52 -25.00
N SER E 87 -7.22 -54.71 -25.51
CA SER E 87 -8.18 -55.04 -26.56
C SER E 87 -7.67 -55.17 -28.00
N VAL E 88 -6.44 -54.79 -28.29
CA VAL E 88 -5.92 -54.85 -29.66
C VAL E 88 -4.40 -54.90 -29.61
N LEU E 89 -3.79 -55.57 -30.58
CA LEU E 89 -2.36 -55.51 -30.75
C LEU E 89 -1.94 -54.08 -31.10
N CYS E 90 -1.43 -53.38 -30.12
CA CYS E 90 -0.70 -52.10 -30.29
C CYS E 90 0.85 -52.23 -30.16
N ILE E 91 1.55 -51.73 -31.17
CA ILE E 91 2.99 -51.85 -31.31
C ILE E 91 3.66 -50.48 -31.38
N ASN E 92 4.62 -50.29 -30.48
CA ASN E 92 5.27 -49.01 -30.30
C ASN E 92 6.67 -49.02 -30.93
N ILE E 93 6.90 -48.02 -31.75
CA ILE E 93 8.19 -47.91 -32.41
C ILE E 93 8.82 -46.71 -31.72
N HIS E 94 9.96 -46.98 -31.13
CA HIS E 94 10.46 -46.19 -30.00
C HIS E 94 11.87 -45.85 -30.35
N PRO E 95 12.22 -44.56 -30.26
CA PRO E 95 13.58 -44.15 -30.51
C PRO E 95 14.45 -44.33 -29.25
N GLY E 96 14.84 -45.55 -28.92
CA GLY E 96 15.57 -45.87 -27.68
C GLY E 96 15.79 -47.39 -27.59
N LEU E 97 16.84 -47.86 -26.91
CA LEU E 97 17.15 -49.31 -26.80
C LEU E 97 16.69 -49.77 -25.45
N ASN E 98 15.43 -50.19 -25.42
CA ASN E 98 14.76 -50.65 -24.22
C ASN E 98 15.52 -51.80 -23.55
N PRO E 99 15.57 -51.82 -22.21
CA PRO E 99 15.14 -50.92 -21.14
C PRO E 99 16.13 -49.80 -20.80
N TYR E 100 17.09 -49.52 -21.66
CA TYR E 100 18.02 -48.43 -21.35
C TYR E 100 17.47 -47.00 -21.63
N ASN E 101 17.64 -46.11 -20.66
CA ASN E 101 17.28 -44.71 -20.78
C ASN E 101 15.87 -44.54 -21.32
N ARG E 102 14.96 -45.28 -20.73
CA ARG E 102 13.55 -45.04 -21.02
C ARG E 102 13.21 -43.64 -20.52
N GLY E 103 12.15 -43.04 -21.06
CA GLY E 103 11.69 -41.73 -20.59
C GLY E 103 12.12 -40.66 -21.58
N TRP E 104 12.45 -39.47 -21.08
CA TRP E 104 12.74 -38.38 -21.99
C TRP E 104 14.12 -38.44 -22.69
N PHE E 105 14.08 -38.23 -24.00
CA PHE E 105 15.20 -37.89 -24.85
C PHE E 105 16.34 -38.91 -24.69
N PRO E 106 16.07 -40.17 -25.01
CA PRO E 106 17.03 -41.25 -24.77
C PRO E 106 18.46 -40.92 -25.23
N GLN E 107 18.62 -40.35 -26.42
CA GLN E 107 19.97 -40.13 -27.00
C GLN E 107 20.70 -39.07 -26.20
N VAL E 108 19.98 -38.13 -25.60
CA VAL E 108 20.66 -37.16 -24.75
C VAL E 108 21.35 -37.87 -23.56
N PHE E 109 20.57 -38.72 -22.89
CA PHE E 109 21.07 -39.38 -21.69
C PHE E 109 22.17 -40.35 -22.13
N SER E 110 22.03 -40.94 -23.31
CA SER E 110 23.00 -41.96 -23.66
C SER E 110 24.36 -41.41 -24.04
N ILE E 111 24.36 -40.27 -24.74
CA ILE E 111 25.58 -39.51 -24.99
C ILE E 111 26.34 -39.24 -23.71
N ILE E 112 25.64 -38.85 -22.66
CA ILE E 112 26.27 -38.56 -21.39
C ILE E 112 26.61 -39.81 -20.58
N ASN E 113 25.61 -40.68 -20.34
CA ASN E 113 25.84 -41.81 -19.45
C ASN E 113 26.29 -43.07 -20.13
N LYS E 114 26.37 -43.09 -21.44
CA LYS E 114 26.95 -44.22 -22.16
C LYS E 114 26.21 -45.56 -22.18
N LEU E 115 25.02 -45.64 -21.59
CA LEU E 115 24.14 -46.77 -21.85
C LEU E 115 23.87 -46.92 -23.33
N PRO E 116 23.53 -48.13 -23.75
CA PRO E 116 23.23 -48.25 -25.17
C PRO E 116 22.06 -47.34 -25.61
N ILE E 117 22.16 -46.93 -26.87
CA ILE E 117 21.11 -46.12 -27.46
C ILE E 117 20.85 -46.84 -28.76
N GLY E 118 19.58 -46.82 -29.15
CA GLY E 118 19.20 -47.48 -30.40
C GLY E 118 17.70 -47.31 -30.59
N ALA E 119 17.18 -48.19 -31.44
CA ALA E 119 15.76 -48.24 -31.71
C ALA E 119 15.12 -49.57 -31.25
N THR E 120 13.89 -49.47 -30.77
CA THR E 120 13.14 -50.63 -30.36
C THR E 120 11.69 -50.65 -30.86
N ILE E 121 11.32 -51.71 -31.57
CA ILE E 121 9.89 -52.00 -31.83
C ILE E 121 9.40 -53.01 -30.78
N HIS E 122 8.45 -52.60 -29.94
CA HIS E 122 7.86 -53.49 -28.94
C HIS E 122 6.35 -53.53 -28.99
N VAL E 123 5.78 -54.68 -28.61
CA VAL E 123 4.37 -54.77 -28.27
C VAL E 123 4.11 -53.87 -27.07
N MET E 124 3.00 -53.14 -27.06
CA MET E 124 2.66 -52.16 -25.99
C MET E 124 1.81 -52.81 -24.91
N ASP E 125 2.04 -52.45 -23.64
CA ASP E 125 1.34 -52.97 -22.47
C ASP E 125 0.96 -51.77 -21.60
N GLU E 126 0.76 -51.92 -20.30
CA GLU E 126 0.25 -50.76 -19.57
C GLU E 126 1.32 -49.84 -18.97
N GLU E 127 2.56 -50.01 -19.41
CA GLU E 127 3.73 -49.40 -18.77
C GLU E 127 4.66 -48.77 -19.79
N ILE E 128 5.09 -47.53 -19.55
CA ILE E 128 6.12 -46.83 -20.39
C ILE E 128 7.25 -47.78 -20.84
N ASP E 129 7.07 -48.45 -21.99
CA ASP E 129 8.10 -49.33 -22.58
C ASP E 129 8.28 -50.63 -21.77
N HIS E 130 7.34 -51.57 -21.87
CA HIS E 130 7.24 -52.66 -20.89
C HIS E 130 6.43 -53.84 -21.45
N GLY E 131 6.84 -54.35 -22.60
CA GLY E 131 6.06 -55.38 -23.31
C GLY E 131 6.95 -56.12 -24.29
N ASP E 132 6.43 -57.14 -24.96
CA ASP E 132 7.37 -57.93 -25.74
C ASP E 132 8.11 -57.15 -26.82
N ILE E 133 9.40 -57.43 -26.90
CA ILE E 133 10.24 -56.77 -27.86
C ILE E 133 10.26 -57.62 -29.10
N ILE E 134 9.94 -56.94 -30.20
CA ILE E 134 9.82 -57.62 -31.44
C ILE E 134 11.17 -57.62 -32.07
N ILE E 135 11.75 -56.41 -32.12
CA ILE E 135 13.02 -56.16 -32.76
C ILE E 135 13.66 -54.89 -32.17
N GLN E 136 14.99 -54.94 -32.18
CA GLN E 136 15.83 -53.80 -31.81
C GLN E 136 17.24 -53.98 -32.31
N GLU E 137 17.91 -52.84 -32.40
CA GLU E 137 19.28 -52.68 -32.89
C GLU E 137 19.91 -51.42 -32.25
N GLU E 138 21.18 -51.54 -31.92
CA GLU E 138 21.89 -50.48 -31.22
C GLU E 138 22.40 -49.59 -32.34
N VAL E 139 22.68 -48.32 -32.05
CA VAL E 139 23.40 -47.50 -33.03
C VAL E 139 24.67 -47.06 -32.34
N GLU E 140 25.74 -46.89 -33.10
CA GLU E 140 26.98 -46.29 -32.53
C GLU E 140 26.86 -44.76 -32.33
N VAL E 141 27.51 -44.28 -31.27
CA VAL E 141 27.74 -42.85 -31.07
C VAL E 141 29.22 -42.49 -31.21
N ASN E 142 29.58 -41.83 -32.31
CA ASN E 142 30.91 -41.34 -32.62
C ASN E 142 31.14 -40.01 -31.91
N SER E 143 32.42 -39.65 -31.72
CA SER E 143 32.88 -38.57 -30.82
C SER E 143 32.35 -37.20 -31.23
N PHE E 144 32.23 -37.01 -32.52
CA PHE E 144 31.85 -35.73 -33.08
C PHE E 144 30.33 -35.53 -33.32
N GLU E 145 29.46 -36.36 -32.74
CA GLU E 145 28.01 -36.30 -32.99
C GLU E 145 27.32 -35.59 -31.85
N ASN E 146 26.28 -34.83 -32.16
CA ASN E 146 25.48 -34.25 -31.11
C ASN E 146 24.11 -34.97 -30.99
N SER E 147 23.26 -34.47 -30.10
CA SER E 147 21.92 -35.03 -30.03
C SER E 147 21.21 -35.11 -31.37
N PHE E 148 21.35 -34.10 -32.18
CA PHE E 148 20.68 -34.08 -33.46
C PHE E 148 21.25 -35.24 -34.27
N ASP E 149 22.57 -35.37 -34.36
CA ASP E 149 23.09 -36.41 -35.24
C ASP E 149 22.68 -37.81 -34.81
N VAL E 150 22.67 -38.08 -33.52
CA VAL E 150 22.28 -39.37 -32.96
C VAL E 150 20.76 -39.65 -33.12
N TYR E 151 19.94 -38.69 -32.70
CA TYR E 151 18.50 -38.74 -32.97
C TYR E 151 18.21 -39.15 -34.40
N ALA E 152 18.83 -38.53 -35.37
CA ALA E 152 18.58 -38.92 -36.78
C ALA E 152 19.00 -40.34 -37.18
N LYS E 153 20.09 -40.87 -36.64
CA LYS E 153 20.54 -42.24 -36.94
C LYS E 153 19.53 -43.24 -36.39
N VAL E 154 19.06 -42.91 -35.19
CA VAL E 154 18.02 -43.64 -34.45
C VAL E 154 16.66 -43.64 -35.08
N GLN E 155 16.29 -42.52 -35.70
CA GLN E 155 15.01 -42.45 -36.38
C GLN E 155 15.15 -43.23 -37.68
N LYS E 156 16.32 -43.18 -38.29
CA LYS E 156 16.50 -44.00 -39.47
C LYS E 156 16.46 -45.53 -39.22
N LYS E 157 17.12 -45.98 -38.17
CA LYS E 157 16.98 -47.34 -37.61
C LYS E 157 15.54 -47.77 -37.37
N GLU E 158 14.78 -46.93 -36.64
CA GLU E 158 13.33 -47.11 -36.44
C GLU E 158 12.69 -47.50 -37.73
N VAL E 159 12.87 -46.72 -38.76
CA VAL E 159 12.25 -47.05 -40.01
C VAL E 159 12.90 -48.27 -40.68
N GLU E 160 14.21 -48.45 -40.54
CA GLU E 160 14.82 -49.66 -41.08
C GLU E 160 14.23 -50.88 -40.35
N LEU E 161 14.03 -50.79 -39.05
CA LEU E 161 13.45 -51.93 -38.37
C LEU E 161 11.98 -52.17 -38.73
N PHE E 162 11.20 -51.12 -38.92
CA PHE E 162 9.79 -51.30 -39.22
C PHE E 162 9.76 -52.01 -40.54
N THR E 163 10.62 -51.59 -41.43
CA THR E 163 10.54 -52.14 -42.75
C THR E 163 10.74 -53.64 -42.72
N LYS E 164 11.61 -54.13 -41.85
CA LYS E 164 12.06 -55.51 -41.81
C LYS E 164 11.03 -56.45 -41.16
N VAL E 165 10.21 -55.93 -40.27
CA VAL E 165 9.28 -56.75 -39.53
C VAL E 165 7.79 -56.52 -39.79
N ILE E 166 7.46 -55.62 -40.73
CA ILE E 166 6.06 -55.23 -40.92
C ILE E 166 5.26 -56.44 -41.42
N ASP E 167 5.83 -57.24 -42.31
CA ASP E 167 5.09 -58.37 -42.89
C ASP E 167 4.81 -59.41 -41.84
N ASP E 168 5.84 -59.76 -41.09
CA ASP E 168 5.63 -60.57 -39.93
C ASP E 168 4.56 -60.04 -39.01
N ILE E 169 4.57 -58.74 -38.77
CA ILE E 169 3.54 -58.16 -37.93
C ILE E 169 2.16 -58.33 -38.58
N LEU E 170 2.09 -58.12 -39.89
CA LEU E 170 0.85 -58.27 -40.61
C LEU E 170 0.35 -59.76 -40.70
N ASN E 171 1.26 -60.70 -40.95
CA ASN E 171 0.91 -62.12 -40.90
C ASN E 171 0.62 -62.59 -39.51
N ASN E 172 0.71 -61.70 -38.53
CA ASN E 172 0.64 -62.08 -37.13
C ASN E 172 1.53 -63.23 -36.65
N LYS E 173 2.75 -63.26 -37.16
CA LYS E 173 3.67 -64.25 -36.69
C LYS E 173 5.00 -63.54 -36.62
N PHE E 174 5.33 -63.04 -35.45
CA PHE E 174 6.49 -62.20 -35.39
C PHE E 174 7.22 -62.50 -34.08
N THR E 175 8.53 -62.29 -34.09
CA THR E 175 9.33 -62.43 -32.88
C THR E 175 8.77 -61.72 -31.60
N ARG E 176 8.62 -62.38 -30.46
CA ARG E 176 8.30 -61.68 -29.19
C ARG E 176 9.30 -62.09 -28.08
N ILE E 177 10.13 -61.17 -27.58
CA ILE E 177 11.13 -61.53 -26.57
C ILE E 177 10.83 -60.77 -25.30
N LYS E 178 10.73 -61.45 -24.16
CA LYS E 178 10.40 -60.76 -22.93
C LYS E 178 11.56 -59.83 -22.62
N PRO E 179 11.26 -58.63 -22.12
CA PRO E 179 12.32 -57.73 -21.63
C PRO E 179 12.92 -58.31 -20.36
N ASN E 180 14.23 -58.59 -20.39
CA ASN E 180 14.95 -59.34 -19.34
C ASN E 180 15.66 -58.52 -18.24
N SER E 181 15.74 -57.20 -18.42
CA SER E 181 16.07 -56.23 -17.38
C SER E 181 14.95 -55.19 -17.33
N GLU E 182 14.88 -54.49 -16.20
CA GLU E 182 14.02 -53.31 -16.02
C GLU E 182 14.68 -52.00 -16.47
N GLY E 183 16.01 -51.95 -16.41
CA GLY E 183 16.81 -50.86 -16.97
C GLY E 183 16.65 -49.59 -16.18
N ASN E 184 16.37 -48.50 -16.86
CA ASN E 184 16.22 -47.21 -16.16
C ASN E 184 15.47 -46.19 -16.98
N TYR E 185 15.04 -45.16 -16.27
CA TYR E 185 14.01 -44.24 -16.72
C TYR E 185 14.31 -42.82 -16.28
N ASN E 186 14.18 -41.87 -17.21
CA ASN E 186 14.48 -40.46 -17.00
C ASN E 186 13.20 -39.64 -17.15
N SER E 187 12.84 -38.90 -16.11
CA SER E 187 11.67 -38.03 -16.18
C SER E 187 12.02 -36.68 -16.82
N ILE E 188 11.01 -35.84 -17.11
CA ILE E 188 11.24 -34.47 -17.56
C ILE E 188 11.70 -33.63 -16.37
N HIS E 189 11.44 -34.06 -15.14
CA HIS E 189 12.08 -33.38 -14.01
C HIS E 189 13.61 -33.65 -13.99
N ASP E 190 14.06 -34.81 -14.42
CA ASP E 190 15.49 -35.06 -14.44
C ASP E 190 16.20 -34.31 -15.56
N TYR E 191 15.58 -34.38 -16.73
CA TYR E 191 16.05 -33.67 -17.90
C TYR E 191 16.20 -32.17 -17.63
N LYS E 192 15.18 -31.55 -17.02
CA LYS E 192 15.24 -30.10 -16.84
C LYS E 192 16.33 -29.72 -15.85
N ASN E 193 16.59 -30.52 -14.82
CA ASN E 193 17.68 -30.20 -13.89
C ASN E 193 19.04 -30.32 -14.56
N MET E 194 19.15 -31.25 -15.50
CA MET E 194 20.38 -31.58 -16.23
C MET E 194 20.72 -30.42 -17.19
N CYS E 195 19.65 -29.75 -17.62
CA CYS E 195 19.72 -28.59 -18.51
C CYS E 195 20.44 -27.41 -17.87
N GLU E 196 20.43 -27.35 -16.54
CA GLU E 196 21.07 -26.20 -15.88
C GLU E 196 22.49 -26.50 -15.37
N ILE E 197 23.44 -25.73 -15.88
CA ILE E 197 24.82 -26.13 -15.73
C ILE E 197 25.23 -25.77 -14.34
N ASP E 198 25.99 -26.65 -13.72
CA ASP E 198 26.66 -26.33 -12.45
C ASP E 198 28.13 -25.98 -12.77
N LEU E 199 28.36 -24.69 -12.86
CA LEU E 199 29.67 -24.14 -13.17
C LEU E 199 30.83 -24.70 -12.33
N ASP E 200 30.52 -25.07 -11.08
CA ASP E 200 31.51 -25.48 -10.11
C ASP E 200 31.68 -26.99 -10.12
N LYS E 201 30.90 -27.71 -10.91
CA LYS E 201 31.02 -29.18 -10.87
C LYS E 201 32.35 -29.64 -11.45
N ILE E 202 33.04 -30.57 -10.81
CA ILE E 202 34.32 -31.04 -11.35
C ILE E 202 34.01 -32.09 -12.38
N VAL E 203 34.66 -32.04 -13.54
CA VAL E 203 34.48 -33.05 -14.59
C VAL E 203 35.76 -33.19 -15.37
N THR E 204 35.82 -34.10 -16.29
CA THR E 204 36.89 -34.03 -17.27
C THR E 204 36.38 -33.30 -18.53
N MET E 205 37.32 -33.03 -19.40
CA MET E 205 37.10 -32.35 -20.66
C MET E 205 36.22 -33.24 -21.49
N ARG E 206 36.46 -34.54 -21.46
CA ARG E 206 35.57 -35.49 -22.09
C ARG E 206 34.12 -35.39 -21.58
N GLU E 207 33.92 -35.34 -20.27
CA GLU E 207 32.58 -35.17 -19.72
C GLU E 207 31.91 -33.85 -20.06
N ALA E 208 32.63 -32.74 -19.95
CA ALA E 208 32.11 -31.44 -20.34
C ALA E 208 31.77 -31.44 -21.83
N ILE E 209 32.66 -31.98 -22.67
CA ILE E 209 32.32 -32.10 -24.07
C ILE E 209 31.08 -32.97 -24.36
N ASP E 210 30.95 -34.12 -23.69
CA ASP E 210 29.97 -35.08 -24.05
C ASP E 210 28.68 -34.42 -23.49
N TYR E 211 28.68 -33.84 -22.30
CA TYR E 211 27.51 -33.10 -21.84
C TYR E 211 27.01 -32.08 -22.88
N LEU E 212 27.94 -31.31 -23.47
CA LEU E 212 27.56 -30.17 -24.24
C LEU E 212 27.05 -30.61 -25.58
N ARG E 213 27.68 -31.61 -26.19
CA ARG E 213 27.14 -32.15 -27.40
C ARG E 213 25.80 -32.91 -27.23
N ALA E 214 25.58 -33.49 -26.05
CA ALA E 214 24.33 -34.16 -25.73
C ALA E 214 23.22 -33.13 -25.69
N MET E 215 23.53 -31.96 -25.15
CA MET E 215 22.60 -30.84 -25.08
C MET E 215 22.44 -29.93 -26.31
N THR E 216 23.06 -30.29 -27.43
CA THR E 216 23.06 -29.55 -28.67
C THR E 216 22.27 -30.27 -29.77
N HIS E 217 21.17 -29.61 -30.15
CA HIS E 217 20.23 -30.16 -31.08
C HIS E 217 19.43 -29.01 -31.75
N PRO E 218 20.04 -28.40 -32.76
CA PRO E 218 19.42 -27.27 -33.45
C PRO E 218 17.99 -27.65 -33.86
N PRO E 219 16.98 -26.78 -33.69
CA PRO E 219 17.00 -25.40 -33.28
C PRO E 219 16.69 -25.17 -31.83
N TYR E 220 16.70 -26.20 -31.01
CA TYR E 220 16.35 -25.99 -29.65
C TYR E 220 17.47 -25.33 -28.90
N LYS E 221 17.11 -24.77 -27.75
CA LYS E 221 18.02 -24.17 -26.83
C LYS E 221 17.78 -24.85 -25.52
N ASN E 222 18.83 -25.47 -24.98
CA ASN E 222 18.68 -26.40 -23.87
C ASN E 222 19.55 -26.17 -22.69
N SER E 223 20.87 -26.26 -22.84
CA SER E 223 21.71 -26.11 -21.65
C SER E 223 22.05 -24.66 -21.49
N TYR E 224 22.08 -24.20 -20.24
CA TYR E 224 22.26 -22.82 -19.91
C TYR E 224 22.97 -22.78 -18.59
N PHE E 225 23.69 -21.67 -18.41
CA PHE E 225 24.13 -21.28 -17.09
C PHE E 225 23.58 -19.92 -16.73
N ILE E 226 23.68 -19.57 -15.44
CA ILE E 226 23.37 -18.26 -14.93
C ILE E 226 24.71 -17.70 -14.46
N ASP E 227 25.10 -16.51 -14.89
CA ASP E 227 26.41 -16.00 -14.49
C ASP E 227 26.21 -15.24 -13.21
N GLU E 228 27.30 -14.66 -12.73
CA GLU E 228 27.31 -13.95 -11.46
C GLU E 228 26.41 -12.71 -11.40
N HIS E 229 26.15 -12.05 -12.53
CA HIS E 229 25.25 -10.91 -12.53
C HIS E 229 23.83 -11.39 -12.73
N GLY E 230 23.59 -12.69 -12.81
CA GLY E 230 22.24 -13.17 -13.00
C GLY E 230 21.83 -13.33 -14.45
N ASN E 231 22.71 -13.10 -15.41
CA ASN E 231 22.40 -13.42 -16.81
C ASN E 231 22.30 -14.91 -17.10
N LYS E 232 21.23 -15.29 -17.79
CA LYS E 232 21.03 -16.67 -18.25
C LYS E 232 21.58 -16.79 -19.67
N VAL E 233 22.43 -17.78 -19.89
CA VAL E 233 23.19 -17.80 -21.12
C VAL E 233 23.09 -19.20 -21.60
N PHE E 234 22.59 -19.40 -22.80
CA PHE E 234 22.45 -20.74 -23.35
C PHE E 234 23.76 -21.07 -24.03
N VAL E 235 24.04 -22.36 -24.16
CA VAL E 235 25.30 -22.84 -24.70
C VAL E 235 25.07 -23.98 -25.65
N ALA E 236 25.89 -24.02 -26.69
CA ALA E 236 25.83 -25.13 -27.61
C ALA E 236 27.21 -25.40 -28.15
N LEU E 237 27.46 -26.65 -28.54
CA LEU E 237 28.78 -27.00 -29.08
C LEU E 237 28.67 -27.31 -30.55
N GLU E 238 29.69 -27.01 -31.34
CA GLU E 238 29.75 -27.38 -32.73
C GLU E 238 30.96 -28.29 -32.88
N LEU E 239 30.90 -29.30 -33.75
CA LEU E 239 32.03 -30.22 -33.76
C LEU E 239 32.14 -30.57 -35.18
N GLU E 240 33.37 -30.69 -35.66
CA GLU E 240 33.65 -30.94 -37.06
C GLU E 240 34.79 -31.97 -37.17
N LYS E 241 34.48 -33.19 -37.62
CA LYS E 241 35.47 -34.18 -38.03
C LYS E 241 36.29 -33.66 -39.22
N ILE E 242 37.60 -33.52 -39.02
CA ILE E 242 38.50 -33.29 -40.16
C ILE E 242 39.02 -34.69 -40.59
N SER E 243 39.60 -35.40 -39.63
CA SER E 243 40.25 -36.72 -39.79
C SER E 243 39.49 -37.82 -39.07
N MET F 3 57.33 19.82 -41.20
CA MET F 3 56.70 18.63 -41.88
C MET F 3 57.18 17.27 -41.32
N LYS F 4 56.36 16.63 -40.51
CA LYS F 4 56.72 15.35 -39.90
C LYS F 4 56.53 14.18 -40.86
N LYS F 5 57.54 13.33 -41.00
CA LYS F 5 57.43 12.12 -41.82
C LYS F 5 57.34 10.84 -40.98
N ILE F 6 56.30 10.06 -41.30
CA ILE F 6 55.78 8.96 -40.52
C ILE F 6 55.69 7.73 -41.39
N PHE F 7 56.08 6.57 -40.87
CA PHE F 7 55.76 5.29 -41.50
C PHE F 7 54.79 4.49 -40.60
N VAL F 8 53.87 3.78 -41.23
CA VAL F 8 52.94 2.96 -40.50
C VAL F 8 53.02 1.58 -41.09
N VAL F 9 53.27 0.59 -40.26
CA VAL F 9 53.25 -0.80 -40.69
C VAL F 9 52.05 -1.58 -40.14
N THR F 10 51.26 -2.13 -41.06
CA THR F 10 50.12 -2.90 -40.67
C THR F 10 49.84 -3.97 -41.70
N ASP F 11 49.11 -4.99 -41.29
CA ASP F 11 48.70 -6.07 -42.14
C ASP F 11 47.22 -6.30 -41.98
N ASN F 12 46.46 -5.32 -41.48
CA ASN F 12 45.00 -5.49 -41.26
C ASN F 12 44.29 -4.38 -42.01
N ARG F 13 43.31 -4.72 -42.85
CA ARG F 13 42.73 -3.76 -43.82
C ARG F 13 41.92 -2.66 -43.15
N THR F 14 41.33 -2.95 -42.02
CA THR F 14 40.51 -1.96 -41.33
C THR F 14 41.38 -0.96 -40.59
N ILE F 15 42.37 -1.49 -39.87
CA ILE F 15 43.47 -0.68 -39.29
C ILE F 15 44.02 0.26 -40.33
N LEU F 16 44.41 -0.28 -41.49
CA LEU F 16 44.97 0.54 -42.54
C LEU F 16 43.95 1.63 -42.85
N SER F 17 42.69 1.22 -42.88
CA SER F 17 41.64 2.20 -43.17
C SER F 17 41.40 3.24 -42.10
N ASP F 18 41.32 2.85 -40.84
CA ASP F 18 41.23 3.85 -39.75
C ASP F 18 42.44 4.82 -39.62
N PHE F 19 43.64 4.26 -39.75
CA PHE F 19 44.85 5.09 -39.73
C PHE F 19 44.81 6.09 -40.87
N LYS F 20 44.37 5.74 -42.08
CA LYS F 20 44.32 6.81 -43.11
C LYS F 20 43.41 8.00 -42.67
N ASN F 21 42.34 7.74 -41.93
CA ASN F 21 41.43 8.85 -41.56
C ASN F 21 42.04 9.79 -40.54
N ILE F 22 42.61 9.15 -39.53
CA ILE F 22 43.10 9.81 -38.34
C ILE F 22 44.35 10.59 -38.76
N ILE F 23 45.30 9.94 -39.44
CA ILE F 23 46.59 10.57 -39.74
C ILE F 23 46.44 11.54 -40.92
N GLY F 24 45.71 11.12 -41.95
CA GLY F 24 45.10 12.04 -42.94
C GLY F 24 44.58 13.39 -42.45
N SER F 25 43.90 13.43 -41.31
CA SER F 25 43.38 14.68 -40.76
C SER F 25 44.46 15.57 -40.14
N LYS F 26 45.71 15.12 -40.07
CA LYS F 26 46.70 16.00 -39.47
C LYS F 26 47.41 16.78 -40.56
N ASN F 27 47.87 17.95 -40.13
CA ASN F 27 48.54 18.92 -40.92
C ASN F 27 50.03 18.78 -40.71
N ASP F 28 50.75 18.90 -41.81
CA ASP F 28 52.21 18.87 -41.73
C ASP F 28 52.62 17.49 -41.20
N VAL F 29 51.91 16.48 -41.69
CA VAL F 29 52.40 15.10 -41.66
C VAL F 29 52.45 14.61 -43.08
N GLN F 30 53.31 13.66 -43.29
CA GLN F 30 53.33 12.91 -44.55
C GLN F 30 53.65 11.47 -44.11
N VAL F 31 52.88 10.51 -44.60
CA VAL F 31 52.77 9.21 -44.02
C VAL F 31 52.96 8.18 -45.11
N ASP F 32 53.86 7.21 -44.94
CA ASP F 32 53.96 6.08 -45.85
C ASP F 32 53.54 4.76 -45.14
N TYR F 33 52.81 3.90 -45.85
CA TYR F 33 52.12 2.73 -45.25
C TYR F 33 52.82 1.48 -45.80
N PHE F 34 53.21 0.58 -44.91
CA PHE F 34 53.84 -0.66 -45.35
C PHE F 34 53.10 -1.87 -44.81
N CYS F 35 53.16 -2.98 -45.52
CA CYS F 35 52.64 -4.27 -45.05
C CYS F 35 53.69 -5.39 -45.25
N SER F 36 53.38 -6.60 -44.82
CA SER F 36 54.29 -7.73 -45.02
C SER F 36 54.18 -8.16 -46.47
N PHE F 37 55.28 -8.72 -47.01
CA PHE F 37 55.18 -9.45 -48.28
C PHE F 37 54.19 -10.62 -48.31
N LYS F 38 53.90 -11.20 -47.15
CA LYS F 38 52.87 -12.24 -47.03
C LYS F 38 51.46 -11.72 -47.07
N SER F 39 51.24 -10.41 -47.08
CA SER F 39 49.90 -9.83 -47.26
C SER F 39 49.68 -9.31 -48.66
N GLN F 40 50.46 -9.78 -49.62
CA GLN F 40 50.40 -9.24 -50.98
C GLN F 40 49.09 -9.61 -51.67
N THR F 41 48.55 -10.78 -51.35
CA THR F 41 47.24 -11.17 -51.86
C THR F 41 46.17 -10.38 -51.12
N SER F 42 46.16 -10.46 -49.79
CA SER F 42 45.08 -9.81 -49.08
C SER F 42 45.05 -8.29 -49.30
N PHE F 43 46.18 -7.63 -49.53
CA PHE F 43 46.14 -6.20 -49.84
C PHE F 43 46.25 -5.84 -51.33
N ALA F 44 46.01 -6.80 -52.22
CA ALA F 44 46.03 -6.60 -53.68
C ALA F 44 45.56 -5.23 -54.13
N LYS F 45 44.30 -4.87 -53.89
CA LYS F 45 43.82 -3.55 -54.35
C LYS F 45 44.66 -2.38 -53.84
N GLU F 46 45.13 -2.46 -52.60
CA GLU F 46 45.66 -1.25 -51.97
C GLU F 46 47.10 -1.05 -52.44
N ILE F 47 47.78 -2.17 -52.59
CA ILE F 47 49.10 -2.25 -53.19
C ILE F 47 49.06 -1.61 -54.59
N TYR F 48 48.20 -2.15 -55.45
CA TYR F 48 47.80 -1.50 -56.70
C TYR F 48 47.69 0.04 -56.67
N ASN F 49 46.97 0.60 -55.71
CA ASN F 49 46.78 2.06 -55.73
C ASN F 49 47.77 2.94 -55.01
N SER F 50 48.94 2.38 -54.67
CA SER F 50 49.92 3.12 -53.84
C SER F 50 49.29 3.58 -52.53
N GLU F 51 48.48 2.72 -51.90
CA GLU F 51 47.97 3.00 -50.56
C GLU F 51 48.88 2.41 -49.50
N ILE F 52 49.66 1.40 -49.86
CA ILE F 52 50.50 0.65 -48.92
C ILE F 52 51.46 -0.12 -49.83
N LYS F 53 52.62 -0.53 -49.32
CA LYS F 53 53.61 -1.31 -50.09
C LYS F 53 54.27 -2.35 -49.19
N PRO F 54 54.52 -3.53 -49.75
CA PRO F 54 55.21 -4.56 -48.98
C PRO F 54 56.57 -4.12 -48.54
N ILE F 55 57.04 -4.63 -47.42
CA ILE F 55 58.34 -4.32 -46.95
C ILE F 55 58.87 -5.44 -46.08
N ASP F 56 60.18 -5.65 -46.18
CA ASP F 56 60.92 -6.61 -45.39
C ASP F 56 61.65 -5.97 -44.23
N MET F 57 60.99 -5.98 -43.06
CA MET F 57 61.45 -5.16 -41.93
C MET F 57 62.82 -5.64 -41.44
N LYS F 58 62.93 -6.94 -41.27
CA LYS F 58 64.21 -7.62 -40.93
C LYS F 58 65.34 -6.99 -41.76
N LYS F 59 65.16 -7.01 -43.08
CA LYS F 59 66.22 -6.74 -44.04
C LYS F 59 66.40 -5.23 -44.26
N ASN F 60 65.28 -4.56 -44.56
CA ASN F 60 65.31 -3.17 -44.98
C ASN F 60 64.72 -2.15 -44.01
N GLY F 61 64.27 -2.55 -42.82
CA GLY F 61 63.72 -1.55 -41.92
C GLY F 61 64.70 -0.53 -41.37
N ASN F 62 65.98 -0.92 -41.32
CA ASN F 62 67.01 -0.03 -40.77
C ASN F 62 67.35 1.11 -41.69
N ASP F 63 67.03 0.91 -42.98
CA ASP F 63 67.04 1.99 -43.97
C ASP F 63 66.08 3.15 -43.77
N LEU F 64 65.10 3.01 -42.88
CA LEU F 64 64.06 4.03 -42.70
C LEU F 64 64.69 5.07 -41.78
N ILE F 65 65.75 4.62 -41.12
CA ILE F 65 66.44 5.45 -40.19
C ILE F 65 66.94 6.62 -41.00
N GLY F 66 66.66 7.83 -40.53
CA GLY F 66 67.18 8.99 -41.23
C GLY F 66 66.11 9.56 -42.11
N LYS F 67 65.16 8.72 -42.52
CA LYS F 67 64.14 9.14 -43.46
C LYS F 67 62.79 9.46 -42.84
N TYR F 68 62.53 8.99 -41.62
CA TYR F 68 61.26 9.28 -40.95
C TYR F 68 61.47 9.73 -39.52
N ASP F 69 60.56 10.59 -39.07
CA ASP F 69 60.67 11.06 -37.69
C ASP F 69 60.00 10.17 -36.61
N LEU F 70 59.26 9.17 -37.06
CA LEU F 70 58.24 8.47 -36.27
C LEU F 70 57.69 7.27 -37.01
N GLY F 71 57.63 6.12 -36.34
CA GLY F 71 57.02 4.96 -36.88
C GLY F 71 55.94 4.36 -36.00
N PHE F 72 54.96 3.71 -36.62
CA PHE F 72 53.99 2.97 -35.89
C PHE F 72 53.82 1.55 -36.44
N SER F 73 53.52 0.68 -35.50
CA SER F 73 53.11 -0.63 -35.83
C SER F 73 51.76 -0.92 -35.23
N CYS F 74 50.89 -1.46 -36.05
CA CYS F 74 49.58 -1.91 -35.56
C CYS F 74 49.03 -3.10 -36.36
N HIS F 75 48.91 -4.25 -35.69
CA HIS F 75 48.50 -5.49 -36.30
C HIS F 75 49.39 -5.86 -37.51
N SER F 76 50.69 -5.94 -37.26
CA SER F 76 51.74 -6.12 -38.24
C SER F 76 52.26 -7.53 -37.97
N LYS F 77 52.38 -8.32 -39.04
CA LYS F 77 53.03 -9.62 -38.91
C LYS F 77 54.51 -9.53 -38.61
N GLN F 78 55.15 -8.37 -38.69
CA GLN F 78 56.60 -8.30 -38.48
C GLN F 78 57.12 -7.45 -37.32
N LEU F 79 58.22 -7.94 -36.76
CA LEU F 79 59.00 -7.26 -35.75
C LEU F 79 59.84 -6.16 -36.35
N PHE F 80 60.08 -5.12 -35.59
CA PHE F 80 60.87 -4.03 -36.12
C PHE F 80 62.31 -4.39 -35.71
N PRO F 81 63.29 -4.12 -36.58
CA PRO F 81 64.71 -4.33 -36.22
C PRO F 81 65.22 -3.46 -35.08
N ALA F 82 66.19 -3.94 -34.30
CA ALA F 82 66.73 -3.19 -33.16
C ALA F 82 67.22 -1.75 -33.40
N LYS F 83 67.99 -1.54 -34.48
CA LYS F 83 68.59 -0.23 -34.70
C LYS F 83 67.56 0.89 -35.01
N LEU F 84 66.59 0.59 -35.87
CA LEU F 84 65.40 1.39 -36.09
C LEU F 84 64.71 1.83 -34.80
N VAL F 85 64.46 0.87 -33.94
CA VAL F 85 63.63 1.11 -32.78
C VAL F 85 64.39 1.97 -31.78
N ASN F 86 65.72 1.86 -31.79
CA ASN F 86 66.61 2.74 -31.01
C ASN F 86 66.92 4.06 -31.66
N SER F 87 66.98 4.15 -32.97
CA SER F 87 67.18 5.42 -33.66
C SER F 87 65.96 6.30 -33.97
N VAL F 88 64.78 5.69 -34.09
CA VAL F 88 63.56 6.39 -34.45
C VAL F 88 62.50 6.07 -33.40
N LEU F 89 61.71 7.09 -33.09
CA LEU F 89 60.64 6.86 -32.16
C LEU F 89 59.70 5.87 -32.84
N CYS F 90 59.55 4.68 -32.26
CA CYS F 90 58.67 3.69 -32.84
C CYS F 90 57.60 3.34 -31.87
N ILE F 91 56.33 3.38 -32.31
CA ILE F 91 55.22 3.17 -31.38
C ILE F 91 54.30 2.01 -31.75
N ASN F 92 54.04 1.13 -30.80
CA ASN F 92 53.16 -0.03 -31.10
C ASN F 92 51.74 0.14 -30.51
N ILE F 93 50.74 -0.12 -31.32
CA ILE F 93 49.37 0.00 -30.88
C ILE F 93 48.96 -1.45 -30.77
N HIS F 94 48.80 -1.99 -29.56
CA HIS F 94 48.76 -3.44 -29.29
C HIS F 94 47.41 -3.91 -28.68
N PRO F 95 46.85 -5.03 -29.19
CA PRO F 95 45.59 -5.53 -28.60
C PRO F 95 45.70 -6.43 -27.38
N GLY F 96 46.49 -6.05 -26.40
CA GLY F 96 46.62 -6.66 -25.08
C GLY F 96 46.74 -5.54 -24.02
N LEU F 97 46.60 -5.89 -22.75
CA LEU F 97 46.90 -4.98 -21.69
C LEU F 97 48.23 -5.37 -21.08
N ASN F 98 49.30 -4.70 -21.50
CA ASN F 98 50.63 -4.96 -20.96
C ASN F 98 50.67 -4.65 -19.48
N PRO F 99 51.44 -5.47 -18.74
CA PRO F 99 52.26 -6.56 -19.25
C PRO F 99 51.58 -7.93 -19.21
N TYR F 100 50.25 -7.98 -19.10
CA TYR F 100 49.59 -9.25 -19.06
C TYR F 100 49.41 -9.90 -20.41
N ASN F 101 49.72 -11.19 -20.43
CA ASN F 101 49.60 -11.97 -21.65
C ASN F 101 50.15 -11.27 -22.90
N ARG F 102 51.36 -10.76 -22.82
CA ARG F 102 52.12 -10.27 -23.98
C ARG F 102 52.37 -11.44 -24.95
N GLY F 103 52.62 -11.16 -26.23
CA GLY F 103 52.64 -12.22 -27.23
C GLY F 103 51.30 -12.47 -27.91
N TRP F 104 51.06 -13.76 -28.24
CA TRP F 104 50.04 -14.20 -29.21
C TRP F 104 48.63 -14.34 -28.62
N PHE F 105 47.65 -13.72 -29.23
CA PHE F 105 46.21 -13.88 -28.86
C PHE F 105 45.97 -13.59 -27.38
N PRO F 106 46.32 -12.39 -26.96
CA PRO F 106 46.23 -12.06 -25.55
C PRO F 106 44.81 -12.33 -24.99
N GLN F 107 43.79 -12.11 -25.80
CA GLN F 107 42.42 -12.21 -25.30
C GLN F 107 42.05 -13.68 -25.09
N VAL F 108 42.64 -14.52 -25.94
CA VAL F 108 42.54 -15.94 -25.72
C VAL F 108 43.03 -16.38 -24.37
N PHE F 109 44.28 -16.02 -24.03
CA PHE F 109 44.84 -16.44 -22.78
C PHE F 109 44.06 -15.76 -21.65
N SER F 110 43.69 -14.50 -21.88
CA SER F 110 42.99 -13.76 -20.79
C SER F 110 41.64 -14.38 -20.47
N ILE F 111 40.83 -14.80 -21.44
CA ILE F 111 39.55 -15.48 -21.12
C ILE F 111 39.83 -16.74 -20.27
N ILE F 112 41.00 -17.35 -20.49
CA ILE F 112 41.34 -18.53 -19.73
C ILE F 112 41.94 -18.23 -18.35
N ASN F 113 43.03 -17.45 -18.28
CA ASN F 113 43.76 -17.28 -17.03
C ASN F 113 43.33 -16.08 -16.24
N LYS F 114 42.40 -15.28 -16.78
CA LYS F 114 41.79 -14.16 -16.04
C LYS F 114 42.69 -12.95 -15.81
N LEU F 115 43.88 -12.93 -16.40
CA LEU F 115 44.65 -11.69 -16.31
C LEU F 115 43.88 -10.65 -17.14
N PRO F 116 44.04 -9.38 -16.81
CA PRO F 116 43.40 -8.29 -17.52
C PRO F 116 43.64 -8.31 -19.03
N ILE F 117 42.63 -7.87 -19.78
CA ILE F 117 42.75 -7.74 -21.22
C ILE F 117 42.30 -6.31 -21.51
N GLY F 118 42.79 -5.79 -22.61
CA GLY F 118 42.58 -4.42 -23.00
C GLY F 118 43.49 -4.11 -24.17
N ALA F 119 43.70 -2.81 -24.37
CA ALA F 119 44.54 -2.34 -25.45
C ALA F 119 45.59 -1.42 -24.89
N THR F 120 46.74 -1.46 -25.53
CA THR F 120 47.93 -0.72 -25.09
C THR F 120 48.60 -0.06 -26.26
N ILE F 121 48.92 1.22 -26.06
CA ILE F 121 49.80 1.95 -26.94
C ILE F 121 51.11 2.09 -26.18
N HIS F 122 52.20 1.60 -26.76
CA HIS F 122 53.49 1.61 -26.08
C HIS F 122 54.67 1.94 -27.02
N VAL F 123 55.76 2.45 -26.42
CA VAL F 123 56.97 2.85 -27.15
C VAL F 123 57.76 1.58 -27.42
N MET F 124 58.13 1.34 -28.66
CA MET F 124 58.78 0.03 -28.96
C MET F 124 60.24 0.03 -28.47
N ASP F 125 60.64 -0.97 -27.69
CA ASP F 125 62.08 -1.24 -27.46
C ASP F 125 62.45 -2.58 -28.11
N GLU F 126 63.47 -3.26 -27.62
CA GLU F 126 63.91 -4.47 -28.29
C GLU F 126 63.11 -5.70 -27.97
N GLU F 127 62.33 -5.68 -26.90
CA GLU F 127 61.45 -6.81 -26.61
C GLU F 127 60.01 -6.67 -27.13
N ILE F 128 59.29 -7.78 -27.09
CA ILE F 128 57.92 -7.87 -27.56
C ILE F 128 56.94 -7.42 -26.47
N ASP F 129 56.31 -6.27 -26.71
CA ASP F 129 55.30 -5.75 -25.82
C ASP F 129 55.85 -5.37 -24.47
N HIS F 130 56.91 -4.58 -24.57
CA HIS F 130 57.74 -4.36 -23.40
C HIS F 130 58.01 -2.91 -23.07
N GLY F 131 58.03 -2.04 -24.06
CA GLY F 131 58.40 -0.64 -23.77
C GLY F 131 57.39 0.13 -22.95
N ASP F 132 57.77 1.38 -22.72
CA ASP F 132 57.04 2.27 -21.87
C ASP F 132 55.61 2.45 -22.38
N ILE F 133 54.67 2.36 -21.46
CA ILE F 133 53.25 2.52 -21.77
C ILE F 133 52.89 4.01 -21.93
N ILE F 134 52.38 4.39 -23.08
CA ILE F 134 51.83 5.71 -23.31
C ILE F 134 50.41 5.82 -22.76
N ILE F 135 49.54 4.88 -23.14
CA ILE F 135 48.16 4.84 -22.68
C ILE F 135 47.70 3.44 -22.89
N GLN F 136 46.99 2.95 -21.89
CA GLN F 136 46.28 1.71 -22.07
C GLN F 136 44.89 1.71 -21.43
N GLU F 137 44.04 0.74 -21.79
CA GLU F 137 42.70 0.65 -21.14
C GLU F 137 42.21 -0.76 -21.18
N GLU F 138 41.60 -1.15 -20.06
CA GLU F 138 41.10 -2.52 -19.86
C GLU F 138 39.72 -2.64 -20.51
N VAL F 139 39.40 -3.83 -21.01
CA VAL F 139 38.05 -4.20 -21.40
C VAL F 139 37.55 -5.37 -20.55
N GLU F 140 36.23 -5.39 -20.41
CA GLU F 140 35.55 -6.31 -19.53
C GLU F 140 35.39 -7.54 -20.36
N VAL F 141 35.44 -8.72 -19.73
CA VAL F 141 35.11 -9.96 -20.40
C VAL F 141 33.84 -10.51 -19.80
N ASN F 142 32.72 -10.37 -20.48
CA ASN F 142 31.53 -11.00 -20.00
C ASN F 142 31.41 -12.56 -20.11
N SER F 143 30.45 -13.16 -19.39
CA SER F 143 30.29 -14.61 -19.41
C SER F 143 29.99 -15.18 -20.77
N PHE F 144 29.35 -14.37 -21.61
CA PHE F 144 28.71 -14.83 -22.82
C PHE F 144 29.54 -14.53 -24.04
N GLU F 145 30.72 -14.00 -23.82
CA GLU F 145 31.60 -13.61 -24.93
C GLU F 145 32.67 -14.66 -25.26
N ASN F 146 33.04 -14.73 -26.52
CA ASN F 146 34.11 -15.61 -26.99
C ASN F 146 35.28 -14.73 -27.45
N SER F 147 36.30 -15.35 -28.06
CA SER F 147 37.51 -14.66 -28.47
C SER F 147 37.16 -13.57 -29.48
N PHE F 148 36.20 -13.86 -30.34
CA PHE F 148 35.86 -12.92 -31.39
C PHE F 148 35.24 -11.67 -30.75
N ASP F 149 34.35 -11.84 -29.80
CA ASP F 149 33.68 -10.72 -29.15
C ASP F 149 34.68 -9.79 -28.43
N VAL F 150 35.50 -10.40 -27.60
CA VAL F 150 36.50 -9.66 -26.87
C VAL F 150 37.49 -9.02 -27.84
N TYR F 151 37.95 -9.74 -28.86
CA TYR F 151 38.86 -9.14 -29.81
C TYR F 151 38.30 -7.86 -30.45
N ALA F 152 37.00 -7.88 -30.76
CA ALA F 152 36.36 -6.80 -31.48
C ALA F 152 36.33 -5.60 -30.54
N LYS F 153 36.11 -5.82 -29.26
CA LYS F 153 36.12 -4.69 -28.36
C LYS F 153 37.54 -4.10 -28.23
N VAL F 154 38.53 -4.98 -28.17
CA VAL F 154 39.92 -4.58 -28.00
C VAL F 154 40.36 -3.73 -29.19
N GLN F 155 40.05 -4.20 -30.38
CA GLN F 155 40.51 -3.57 -31.62
C GLN F 155 39.91 -2.16 -31.73
N LYS F 156 38.65 -2.00 -31.37
CA LYS F 156 38.12 -0.65 -31.27
C LYS F 156 38.84 0.25 -30.27
N LYS F 157 39.21 -0.34 -29.15
CA LYS F 157 39.76 0.43 -28.07
C LYS F 157 41.14 0.92 -28.47
N GLU F 158 41.83 0.12 -29.29
CA GLU F 158 43.13 0.50 -29.87
C GLU F 158 42.98 1.76 -30.69
N VAL F 159 41.91 1.85 -31.48
CA VAL F 159 41.73 3.04 -32.32
C VAL F 159 41.21 4.22 -31.52
N GLU F 160 40.34 3.97 -30.55
CA GLU F 160 39.91 5.03 -29.64
C GLU F 160 41.10 5.69 -28.91
N LEU F 161 41.95 4.87 -28.29
CA LEU F 161 43.09 5.35 -27.55
C LEU F 161 44.07 6.09 -28.43
N PHE F 162 44.29 5.54 -29.62
CA PHE F 162 45.20 6.17 -30.56
C PHE F 162 44.78 7.62 -30.85
N THR F 163 43.50 7.89 -31.12
CA THR F 163 43.03 9.20 -31.62
C THR F 163 43.21 10.15 -30.46
N LYS F 164 43.26 9.56 -29.29
CA LYS F 164 43.42 10.32 -28.10
C LYS F 164 44.84 10.77 -27.81
N VAL F 165 45.87 10.11 -28.35
CA VAL F 165 47.20 10.46 -27.94
C VAL F 165 48.04 10.92 -29.12
N ILE F 166 47.57 10.75 -30.35
CA ILE F 166 48.35 11.04 -31.54
C ILE F 166 48.92 12.47 -31.59
N ASP F 167 48.16 13.42 -31.04
CA ASP F 167 48.59 14.80 -31.06
C ASP F 167 49.78 15.03 -30.11
N ASP F 168 49.72 14.55 -28.86
CA ASP F 168 50.88 14.56 -28.01
C ASP F 168 52.10 13.82 -28.61
N ILE F 169 51.88 12.63 -29.15
CA ILE F 169 52.98 11.90 -29.84
C ILE F 169 53.53 12.74 -30.96
N LEU F 170 52.70 13.30 -31.84
CA LEU F 170 53.25 14.21 -32.86
C LEU F 170 53.95 15.49 -32.34
N ASN F 171 53.66 15.93 -31.12
CA ASN F 171 54.41 17.03 -30.48
C ASN F 171 55.68 16.58 -29.67
N ASN F 172 56.05 15.31 -29.73
CA ASN F 172 57.10 14.70 -28.91
C ASN F 172 56.97 14.95 -27.42
N LYS F 173 55.74 15.04 -26.95
CA LYS F 173 55.56 15.36 -25.55
C LYS F 173 54.42 14.56 -24.97
N PHE F 174 54.71 13.36 -24.45
CA PHE F 174 53.62 12.50 -24.01
C PHE F 174 54.06 11.75 -22.80
N THR F 175 53.10 11.22 -22.05
CA THR F 175 53.38 10.51 -20.81
C THR F 175 53.89 9.09 -21.15
N ARG F 176 54.97 8.68 -20.47
CA ARG F 176 55.53 7.34 -20.62
C ARG F 176 55.59 6.80 -19.19
N ILE F 177 55.17 5.56 -19.02
CA ILE F 177 55.14 4.95 -17.74
C ILE F 177 55.62 3.51 -17.89
N LYS F 178 56.59 3.12 -17.06
CA LYS F 178 57.16 1.78 -17.04
C LYS F 178 56.07 0.74 -16.70
N PRO F 179 56.02 -0.39 -17.40
CA PRO F 179 55.07 -1.38 -16.89
C PRO F 179 55.37 -1.83 -15.45
N ASN F 180 54.33 -2.33 -14.78
CA ASN F 180 54.38 -2.71 -13.36
C ASN F 180 55.31 -3.88 -13.06
N SER F 181 55.59 -4.70 -14.06
CA SER F 181 56.46 -5.85 -13.90
C SER F 181 56.71 -6.38 -15.27
N GLU F 182 57.44 -7.49 -15.35
CA GLU F 182 57.71 -8.17 -16.62
C GLU F 182 56.45 -8.89 -17.15
N GLY F 183 55.49 -9.14 -16.27
CA GLY F 183 54.20 -9.75 -16.65
C GLY F 183 54.29 -11.23 -17.02
N ASN F 184 53.73 -11.63 -18.14
CA ASN F 184 54.04 -12.94 -18.71
C ASN F 184 53.99 -12.92 -20.21
N TYR F 185 54.48 -13.97 -20.83
CA TYR F 185 54.58 -14.00 -22.29
C TYR F 185 54.12 -15.36 -22.85
N ASN F 186 53.34 -15.30 -23.91
CA ASN F 186 52.71 -16.46 -24.50
C ASN F 186 53.15 -16.58 -25.95
N SER F 187 53.77 -17.70 -26.29
CA SER F 187 54.38 -17.79 -27.60
C SER F 187 53.34 -18.42 -28.48
N ILE F 188 53.60 -18.35 -29.77
CA ILE F 188 52.96 -19.21 -30.74
C ILE F 188 53.00 -20.69 -30.31
N HIS F 189 54.10 -21.18 -29.73
CA HIS F 189 54.13 -22.60 -29.41
C HIS F 189 53.17 -22.92 -28.28
N ASP F 190 53.07 -22.03 -27.29
CA ASP F 190 52.18 -22.17 -26.14
C ASP F 190 50.74 -22.16 -26.68
N TYR F 191 50.41 -21.29 -27.61
CA TYR F 191 49.06 -21.24 -28.10
C TYR F 191 48.72 -22.52 -28.87
N LYS F 192 49.60 -22.96 -29.76
CA LYS F 192 49.43 -24.24 -30.43
C LYS F 192 49.26 -25.36 -29.46
N ASN F 193 50.12 -25.44 -28.46
CA ASN F 193 49.94 -26.52 -27.50
C ASN F 193 48.57 -26.41 -26.85
N MET F 194 48.12 -25.21 -26.52
CA MET F 194 46.81 -25.09 -25.88
C MET F 194 45.60 -25.49 -26.75
N CYS F 195 45.72 -25.48 -28.07
CA CYS F 195 44.64 -25.86 -28.98
C CYS F 195 44.25 -27.35 -28.97
N GLU F 196 45.18 -28.18 -28.51
CA GLU F 196 44.96 -29.61 -28.49
C GLU F 196 44.37 -30.00 -27.15
N ILE F 197 43.09 -30.37 -27.13
CA ILE F 197 42.42 -30.72 -25.88
C ILE F 197 42.92 -32.03 -25.29
N ASP F 198 43.06 -32.01 -23.98
CA ASP F 198 43.33 -33.23 -23.24
C ASP F 198 42.01 -33.66 -22.63
N LEU F 199 41.48 -34.74 -23.20
CA LEU F 199 40.18 -35.24 -22.81
C LEU F 199 40.13 -35.78 -21.39
N ASP F 200 41.30 -36.16 -20.81
CA ASP F 200 41.34 -36.59 -19.40
C ASP F 200 41.46 -35.48 -18.39
N LYS F 201 41.75 -34.28 -18.85
CA LYS F 201 42.09 -33.26 -17.92
C LYS F 201 40.90 -32.89 -17.06
N ILE F 202 41.19 -32.57 -15.80
CA ILE F 202 40.17 -32.44 -14.77
C ILE F 202 39.92 -30.95 -14.71
N VAL F 203 38.66 -30.52 -14.80
CA VAL F 203 38.29 -29.12 -14.87
C VAL F 203 36.99 -28.92 -14.13
N THR F 204 36.63 -27.68 -13.89
CA THR F 204 35.25 -27.33 -13.64
C THR F 204 34.51 -26.99 -14.94
N MET F 205 33.19 -27.04 -14.89
CA MET F 205 32.37 -26.76 -16.07
C MET F 205 32.60 -25.31 -16.46
N ARG F 206 32.74 -24.45 -15.43
CA ARG F 206 33.16 -23.08 -15.68
C ARG F 206 34.46 -23.09 -16.49
N GLU F 207 35.45 -23.82 -15.99
CA GLU F 207 36.74 -23.78 -16.67
C GLU F 207 36.64 -24.31 -18.07
N ALA F 208 35.74 -25.26 -18.30
CA ALA F 208 35.73 -25.86 -19.61
C ALA F 208 35.02 -24.92 -20.56
N ILE F 209 33.99 -24.26 -20.04
CA ILE F 209 33.26 -23.31 -20.88
C ILE F 209 34.21 -22.15 -21.29
N ASP F 210 34.97 -21.69 -20.31
CA ASP F 210 35.95 -20.60 -20.50
C ASP F 210 36.98 -21.04 -21.55
N TYR F 211 37.46 -22.26 -21.46
CA TYR F 211 38.47 -22.75 -22.45
C TYR F 211 37.92 -22.69 -23.84
N LEU F 212 36.72 -23.25 -23.99
CA LEU F 212 36.08 -23.38 -25.28
C LEU F 212 35.65 -22.04 -25.95
N ARG F 213 35.09 -21.11 -25.18
CA ARG F 213 34.69 -19.81 -25.76
C ARG F 213 35.95 -19.01 -26.08
N ALA F 214 37.04 -19.25 -25.36
CA ALA F 214 38.31 -18.60 -25.59
C ALA F 214 38.89 -19.06 -26.92
N MET F 215 38.60 -20.32 -27.27
CA MET F 215 39.11 -20.94 -28.51
C MET F 215 38.15 -20.72 -29.70
N THR F 216 37.05 -20.02 -29.48
CA THR F 216 36.08 -19.88 -30.52
C THR F 216 36.13 -18.48 -31.16
N HIS F 217 36.40 -18.48 -32.45
CA HIS F 217 36.71 -17.24 -33.13
C HIS F 217 36.57 -17.43 -34.64
N PRO F 218 35.34 -17.37 -35.14
CA PRO F 218 35.02 -17.62 -36.53
C PRO F 218 35.73 -16.67 -37.46
N PRO F 219 36.13 -17.12 -38.65
CA PRO F 219 35.81 -18.42 -39.16
C PRO F 219 36.94 -19.37 -38.81
N TYR F 220 37.79 -19.07 -37.82
CA TYR F 220 38.93 -19.95 -37.60
C TYR F 220 38.55 -21.30 -36.99
N LYS F 221 39.38 -22.32 -37.16
CA LYS F 221 39.13 -23.55 -36.44
C LYS F 221 40.30 -23.77 -35.51
N ASN F 222 40.09 -23.77 -34.19
CA ASN F 222 41.23 -23.72 -33.30
C ASN F 222 41.39 -24.94 -32.40
N SER F 223 40.50 -25.13 -31.44
CA SER F 223 40.63 -26.22 -30.47
C SER F 223 40.09 -27.48 -31.13
N TYR F 224 40.74 -28.60 -30.83
CA TYR F 224 40.41 -29.90 -31.39
C TYR F 224 40.78 -30.98 -30.37
N PHE F 225 40.08 -32.10 -30.42
CA PHE F 225 40.55 -33.31 -29.73
C PHE F 225 40.86 -34.43 -30.75
N ILE F 226 41.63 -35.46 -30.35
CA ILE F 226 41.88 -36.62 -31.21
C ILE F 226 41.15 -37.78 -30.55
N ASP F 227 40.13 -38.33 -31.16
CA ASP F 227 39.42 -39.37 -30.42
C ASP F 227 40.11 -40.74 -30.61
N GLU F 228 39.39 -41.79 -30.20
CA GLU F 228 39.96 -43.11 -29.98
C GLU F 228 40.35 -43.80 -31.30
N HIS F 229 39.72 -43.41 -32.39
CA HIS F 229 39.99 -43.97 -33.68
C HIS F 229 40.99 -43.06 -34.38
N GLY F 230 41.50 -42.03 -33.70
CA GLY F 230 42.47 -41.17 -34.36
C GLY F 230 41.80 -40.04 -35.13
N ASN F 231 40.48 -39.96 -35.05
CA ASN F 231 39.78 -38.82 -35.69
C ASN F 231 40.20 -37.46 -35.09
N LYS F 232 40.56 -36.50 -35.93
CA LYS F 232 40.66 -35.12 -35.45
C LYS F 232 39.36 -34.29 -35.54
N VAL F 233 38.90 -33.81 -34.39
CA VAL F 233 37.63 -33.11 -34.26
C VAL F 233 37.80 -31.70 -33.70
N PHE F 234 37.53 -30.71 -34.54
CA PHE F 234 37.54 -29.32 -34.12
C PHE F 234 36.27 -29.02 -33.33
N VAL F 235 36.36 -28.12 -32.40
CA VAL F 235 35.19 -27.89 -31.60
C VAL F 235 35.15 -26.38 -31.41
N ALA F 236 33.92 -25.86 -31.36
CA ALA F 236 33.63 -24.48 -31.07
C ALA F 236 32.38 -24.39 -30.16
N LEU F 237 32.30 -23.32 -29.38
CA LEU F 237 31.20 -23.09 -28.44
C LEU F 237 30.36 -21.87 -28.85
N GLU F 238 29.06 -21.97 -28.63
CA GLU F 238 28.09 -20.94 -28.95
C GLU F 238 27.38 -20.56 -27.66
N LEU F 239 27.24 -19.26 -27.44
CA LEU F 239 26.69 -18.70 -26.21
C LEU F 239 25.63 -17.70 -26.63
N GLU F 240 24.54 -17.66 -25.91
CA GLU F 240 23.56 -16.66 -26.23
C GLU F 240 22.96 -16.21 -24.94
N LYS F 241 23.21 -14.96 -24.60
CA LYS F 241 22.59 -14.35 -23.44
C LYS F 241 21.12 -14.13 -23.74
N ILE F 242 20.30 -14.35 -22.74
CA ILE F 242 18.85 -14.29 -22.84
C ILE F 242 18.29 -13.38 -21.79
N GLY G 1 -23.11 36.06 79.08
CA GLY G 1 -22.09 35.14 79.67
C GLY G 1 -22.40 33.70 79.34
N HIS G 2 -23.60 33.24 79.69
CA HIS G 2 -24.09 31.94 79.24
C HIS G 2 -24.42 32.08 77.74
N MET G 3 -23.49 31.55 76.94
CA MET G 3 -23.46 31.68 75.48
C MET G 3 -24.55 30.79 74.88
N LYS G 4 -25.09 31.18 73.72
CA LYS G 4 -25.81 30.25 72.85
C LYS G 4 -24.72 29.58 72.02
N LYS G 5 -24.70 28.25 71.99
CA LYS G 5 -23.63 27.52 71.30
C LYS G 5 -24.28 26.64 70.23
N ILE G 6 -23.79 26.80 68.99
CA ILE G 6 -24.46 26.25 67.79
C ILE G 6 -23.58 25.50 66.78
N PHE G 7 -24.27 24.79 65.90
CA PHE G 7 -23.62 24.18 64.74
C PHE G 7 -24.39 24.45 63.43
N VAL G 8 -23.57 24.58 62.39
CA VAL G 8 -24.02 24.92 61.06
C VAL G 8 -23.39 23.88 60.11
N VAL G 9 -24.27 23.06 59.54
CA VAL G 9 -23.92 22.07 58.49
C VAL G 9 -24.11 22.59 57.04
N THR G 10 -23.03 22.52 56.26
CA THR G 10 -23.06 22.90 54.84
C THR G 10 -21.90 22.42 53.98
N ASP G 11 -22.22 22.04 52.73
CA ASP G 11 -21.20 21.62 51.79
C ASP G 11 -20.89 22.68 50.72
N ASN G 12 -21.32 23.91 50.92
CA ASN G 12 -21.12 24.97 49.92
C ASN G 12 -20.11 26.04 50.37
N ARG G 13 -19.10 26.34 49.57
CA ARG G 13 -18.12 27.39 49.94
C ARG G 13 -18.68 28.81 50.00
N THR G 14 -19.69 29.15 49.22
CA THR G 14 -20.25 30.50 49.35
C THR G 14 -21.07 30.63 50.64
N ILE G 15 -22.02 29.72 50.84
CA ILE G 15 -22.78 29.68 52.08
C ILE G 15 -21.85 29.68 53.30
N LEU G 16 -20.76 28.94 53.25
CA LEU G 16 -19.81 28.95 54.34
C LEU G 16 -19.29 30.35 54.61
N SER G 17 -18.76 31.00 53.59
CA SER G 17 -18.10 32.31 53.72
C SER G 17 -19.07 33.40 54.17
N ASP G 18 -20.32 33.36 53.71
CA ASP G 18 -21.32 34.34 54.14
C ASP G 18 -21.87 34.10 55.55
N PHE G 19 -21.94 32.83 55.94
CA PHE G 19 -22.35 32.41 57.29
C PHE G 19 -21.33 32.68 58.38
N LYS G 20 -20.05 32.51 58.08
CA LYS G 20 -19.02 32.97 59.00
C LYS G 20 -19.20 34.44 59.34
N ASN G 21 -19.39 35.27 58.32
CA ASN G 21 -19.39 36.70 58.55
C ASN G 21 -20.58 37.19 59.34
N ILE G 22 -21.69 36.46 59.26
CA ILE G 22 -22.91 36.87 59.96
C ILE G 22 -22.84 36.41 61.42
N ILE G 23 -22.38 35.19 61.64
CA ILE G 23 -22.34 34.59 62.96
C ILE G 23 -21.14 35.11 63.73
N GLY G 24 -19.96 34.96 63.14
CA GLY G 24 -18.73 35.50 63.67
C GLY G 24 -18.76 36.98 63.94
N SER G 25 -19.79 37.73 63.49
CA SER G 25 -20.02 39.08 63.99
C SER G 25 -20.90 39.13 65.23
N LYS G 26 -21.22 37.98 65.82
CA LYS G 26 -21.80 37.97 67.18
C LYS G 26 -20.79 37.41 68.20
N ASN G 27 -21.13 37.63 69.45
CA ASN G 27 -20.60 36.87 70.58
C ASN G 27 -21.81 36.74 71.52
N ASP G 28 -21.63 36.26 72.74
CA ASP G 28 -22.74 35.60 73.43
C ASP G 28 -23.19 34.49 72.48
N VAL G 29 -22.24 34.03 71.66
CA VAL G 29 -22.45 33.07 70.58
C VAL G 29 -21.14 32.41 70.15
N GLN G 30 -21.20 31.10 69.92
CA GLN G 30 -20.05 30.29 69.55
C GLN G 30 -20.53 29.07 68.73
N VAL G 31 -19.75 28.64 67.75
CA VAL G 31 -20.26 27.74 66.70
C VAL G 31 -19.26 26.66 66.23
N ASP G 32 -19.77 25.48 65.86
CA ASP G 32 -18.93 24.47 65.21
C ASP G 32 -19.43 24.13 63.80
N TYR G 33 -18.48 24.12 62.88
CA TYR G 33 -18.78 24.04 61.45
C TYR G 33 -18.54 22.64 60.93
N PHE G 34 -19.51 22.11 60.18
CA PHE G 34 -19.45 20.73 59.69
C PHE G 34 -19.78 20.57 58.19
N CYS G 35 -19.07 19.65 57.55
CA CYS G 35 -19.29 19.27 56.16
C CYS G 35 -19.43 17.76 56.02
N SER G 36 -19.48 17.28 54.78
CA SER G 36 -19.38 15.86 54.47
C SER G 36 -17.97 15.53 53.98
N PHE G 37 -17.58 14.27 54.19
CA PHE G 37 -16.31 13.75 53.71
C PHE G 37 -16.21 13.94 52.20
N LYS G 38 -17.34 13.90 51.50
CA LYS G 38 -17.31 14.07 50.05
C LYS G 38 -16.86 15.46 49.59
N SER G 39 -16.97 16.48 50.44
CA SER G 39 -16.39 17.79 50.12
C SER G 39 -15.01 18.01 50.78
N GLN G 40 -14.37 16.90 51.14
CA GLN G 40 -12.98 16.87 51.60
C GLN G 40 -12.04 17.67 50.73
N THR G 41 -12.05 17.38 49.43
CA THR G 41 -11.05 17.90 48.49
C THR G 41 -11.13 19.41 48.39
N SER G 42 -12.36 19.93 48.43
CA SER G 42 -12.60 21.36 48.33
C SER G 42 -12.35 22.05 49.66
N PHE G 43 -12.92 21.51 50.73
CA PHE G 43 -12.68 22.08 52.05
C PHE G 43 -11.35 21.67 52.71
N ALA G 44 -10.34 21.25 51.96
CA ALA G 44 -9.06 20.81 52.55
C ALA G 44 -8.32 21.91 53.30
N LYS G 45 -8.22 23.07 52.67
CA LYS G 45 -7.47 24.18 53.25
C LYS G 45 -8.12 24.63 54.54
N GLU G 46 -9.45 24.58 54.58
CA GLU G 46 -10.21 25.02 55.74
C GLU G 46 -10.45 23.87 56.73
N ILE G 47 -10.03 22.66 56.37
CA ILE G 47 -10.13 21.51 57.26
C ILE G 47 -8.83 21.49 58.07
N TYR G 48 -7.71 21.47 57.38
CA TYR G 48 -6.38 21.64 57.95
C TYR G 48 -6.32 22.79 58.97
N ASN G 49 -6.86 23.95 58.60
CA ASN G 49 -6.99 25.04 59.56
C ASN G 49 -8.24 24.96 60.43
N SER G 50 -8.88 23.79 60.43
CA SER G 50 -10.27 23.63 60.88
C SER G 50 -11.03 24.95 61.10
N GLU G 51 -11.76 25.36 60.07
CA GLU G 51 -12.88 26.29 60.19
C GLU G 51 -14.17 25.44 60.22
N ILE G 52 -13.97 24.12 60.11
CA ILE G 52 -14.99 23.17 59.70
C ILE G 52 -14.46 21.74 59.79
N LYS G 53 -15.35 20.77 60.03
CA LYS G 53 -14.90 19.38 60.09
C LYS G 53 -15.87 18.43 59.40
N PRO G 54 -15.31 17.39 58.73
CA PRO G 54 -16.11 16.33 58.14
C PRO G 54 -17.02 15.71 59.18
N ILE G 55 -17.96 14.92 58.72
CA ILE G 55 -18.81 14.21 59.65
C ILE G 55 -19.78 13.40 58.82
N ASP G 56 -20.10 12.24 59.37
CA ASP G 56 -21.15 11.38 58.86
C ASP G 56 -22.42 11.51 59.70
N MET G 57 -23.46 12.16 59.17
CA MET G 57 -24.73 12.22 59.89
C MET G 57 -25.52 10.90 59.90
N LYS G 58 -25.13 9.93 59.07
CA LYS G 58 -25.78 8.61 59.06
C LYS G 58 -25.51 7.98 60.42
N LYS G 59 -24.23 7.83 60.77
CA LYS G 59 -23.75 7.13 61.98
C LYS G 59 -23.57 8.00 63.23
N ASN G 60 -22.75 9.03 63.12
CA ASN G 60 -22.36 9.85 64.27
C ASN G 60 -23.39 10.94 64.58
N GLY G 61 -24.37 11.07 63.68
CA GLY G 61 -25.30 12.19 63.72
C GLY G 61 -25.79 12.48 65.12
N ASN G 62 -26.41 11.50 65.76
CA ASN G 62 -27.13 11.75 66.99
C ASN G 62 -26.23 12.04 68.20
N ASP G 63 -24.91 11.86 68.05
CA ASP G 63 -23.86 12.36 68.96
C ASP G 63 -23.99 13.83 69.41
N LEU G 64 -24.81 14.61 68.72
CA LEU G 64 -24.73 16.04 68.88
C LEU G 64 -25.94 16.54 69.64
N ILE G 65 -26.74 15.61 70.16
CA ILE G 65 -27.95 16.06 70.84
C ILE G 65 -27.50 16.56 72.22
N GLY G 66 -28.32 17.42 72.84
CA GLY G 66 -27.91 18.18 74.02
C GLY G 66 -26.77 19.17 73.78
N LYS G 67 -25.58 18.64 73.46
CA LYS G 67 -24.29 19.35 73.30
C LYS G 67 -24.18 20.57 72.37
N TYR G 68 -25.32 21.16 71.96
CA TYR G 68 -25.48 22.47 71.27
C TYR G 68 -26.96 22.87 71.41
N ASP G 69 -27.27 24.17 71.54
CA ASP G 69 -28.70 24.56 71.62
C ASP G 69 -29.32 24.81 70.24
N LEU G 70 -28.47 24.80 69.20
CA LEU G 70 -28.90 25.07 67.82
C LEU G 70 -28.05 24.46 66.71
N GLY G 71 -28.78 23.84 65.77
CA GLY G 71 -28.26 23.54 64.45
C GLY G 71 -28.90 24.27 63.27
N PHE G 72 -28.06 24.60 62.30
CA PHE G 72 -28.55 25.10 61.02
C PHE G 72 -28.14 24.13 59.93
N SER G 73 -29.07 23.92 59.00
CA SER G 73 -28.62 23.48 57.68
C SER G 73 -28.77 24.49 56.56
N CYS G 74 -27.71 24.58 55.77
CA CYS G 74 -27.83 25.26 54.50
C CYS G 74 -26.89 24.64 53.44
N HIS G 75 -27.44 24.28 52.29
CA HIS G 75 -26.66 23.67 51.22
C HIS G 75 -25.81 22.48 51.71
N SER G 76 -26.46 21.59 52.47
CA SER G 76 -25.80 20.48 53.14
C SER G 76 -26.10 19.28 52.32
N LYS G 77 -25.08 18.46 52.07
CA LYS G 77 -25.22 17.24 51.25
C LYS G 77 -25.83 16.07 52.02
N GLN G 78 -26.03 16.23 53.33
CA GLN G 78 -26.53 15.16 54.20
C GLN G 78 -27.62 15.68 55.13
N LEU G 79 -28.51 14.77 55.48
CA LEU G 79 -29.68 15.04 56.31
C LEU G 79 -29.47 14.76 57.79
N PHE G 80 -30.11 15.60 58.59
CA PHE G 80 -30.09 15.42 60.02
C PHE G 80 -30.97 14.21 60.33
N PRO G 81 -30.40 13.21 61.03
CA PRO G 81 -31.14 12.03 61.49
C PRO G 81 -32.19 12.55 62.43
N ALA G 82 -33.39 11.98 62.40
CA ALA G 82 -34.54 12.62 63.05
C ALA G 82 -34.50 12.58 64.58
N LYS G 83 -33.65 11.71 65.15
CA LYS G 83 -33.30 11.80 66.57
C LYS G 83 -32.72 13.17 66.97
N LEU G 84 -31.74 13.66 66.23
CA LEU G 84 -31.21 15.03 66.40
C LEU G 84 -32.26 16.11 66.09
N VAL G 85 -33.09 15.88 65.08
CA VAL G 85 -34.08 16.86 64.66
C VAL G 85 -35.13 17.07 65.73
N ASN G 86 -35.74 15.99 66.22
CA ASN G 86 -36.90 16.11 67.12
C ASN G 86 -36.52 16.69 68.49
N SER G 87 -35.21 16.72 68.76
CA SER G 87 -34.62 17.14 70.02
C SER G 87 -34.33 18.64 70.04
N VAL G 88 -33.27 18.99 69.29
CA VAL G 88 -32.64 20.31 69.31
C VAL G 88 -33.17 21.13 68.12
N LEU G 89 -33.41 22.43 68.31
CA LEU G 89 -33.93 23.34 67.25
C LEU G 89 -32.94 23.41 66.11
N CYS G 90 -33.44 22.89 65.01
CA CYS G 90 -32.64 22.60 63.84
C CYS G 90 -33.38 23.37 62.75
N ILE G 91 -32.63 24.27 62.11
CA ILE G 91 -33.23 25.18 61.12
C ILE G 91 -32.58 25.01 59.75
N ASN G 92 -33.46 25.11 58.75
CA ASN G 92 -33.10 24.89 57.34
C ASN G 92 -33.28 26.17 56.54
N ILE G 93 -32.17 26.54 55.90
CA ILE G 93 -32.17 27.57 54.88
C ILE G 93 -32.04 26.89 53.50
N HIS G 94 -33.19 26.88 52.84
CA HIS G 94 -33.44 26.12 51.63
C HIS G 94 -33.61 27.08 50.46
N PRO G 95 -32.94 26.73 49.34
CA PRO G 95 -33.07 27.40 48.06
C PRO G 95 -34.29 27.02 47.23
N GLY G 96 -35.47 27.09 47.83
CA GLY G 96 -36.73 26.88 47.15
C GLY G 96 -37.79 27.54 48.01
N LEU G 97 -39.00 27.71 47.47
CA LEU G 97 -40.07 28.47 48.14
C LEU G 97 -41.14 27.46 48.44
N ASN G 98 -41.05 26.89 49.64
CA ASN G 98 -41.96 25.88 50.15
C ASN G 98 -43.43 26.31 50.16
N PRO G 99 -44.30 25.36 49.86
CA PRO G 99 -44.01 23.94 49.64
C PRO G 99 -43.67 23.53 48.15
N TYR G 100 -43.42 24.49 47.28
CA TYR G 100 -43.24 24.18 45.85
C TYR G 100 -41.83 23.69 45.52
N ASN G 101 -41.82 22.59 44.77
CA ASN G 101 -40.60 22.01 44.24
C ASN G 101 -39.65 21.69 45.38
N ARG G 102 -40.21 21.15 46.45
CA ARG G 102 -39.33 20.65 47.48
C ARG G 102 -38.42 19.62 46.82
N GLY G 103 -37.30 19.35 47.46
CA GLY G 103 -36.31 18.37 47.03
C GLY G 103 -35.19 19.04 46.27
N TRP G 104 -34.63 18.28 45.32
CA TRP G 104 -33.50 18.61 44.43
C TRP G 104 -33.75 19.69 43.35
N PHE G 105 -32.81 20.63 43.26
CA PHE G 105 -32.68 21.55 42.13
C PHE G 105 -33.93 22.30 41.87
N PRO G 106 -34.45 22.95 42.92
CA PRO G 106 -35.79 23.55 42.74
C PRO G 106 -35.88 24.58 41.63
N GLN G 107 -34.84 25.40 41.46
CA GLN G 107 -34.92 26.41 40.39
C GLN G 107 -35.09 25.77 38.98
N VAL G 108 -34.47 24.61 38.77
CA VAL G 108 -34.53 23.95 37.47
C VAL G 108 -35.98 23.64 37.18
N PHE G 109 -36.63 22.95 38.13
CA PHE G 109 -38.02 22.53 37.99
C PHE G 109 -38.91 23.74 37.97
N SER G 110 -38.60 24.78 38.73
CA SER G 110 -39.47 25.94 38.61
C SER G 110 -39.48 26.58 37.20
N ILE G 111 -38.30 26.65 36.58
CA ILE G 111 -38.17 27.36 35.28
C ILE G 111 -39.03 26.63 34.27
N ILE G 112 -39.06 25.32 34.41
CA ILE G 112 -39.90 24.46 33.60
C ILE G 112 -41.39 24.42 34.00
N ASN G 113 -41.71 24.02 35.23
CA ASN G 113 -43.14 23.90 35.55
C ASN G 113 -43.78 25.16 36.11
N LYS G 114 -43.16 26.34 35.98
CA LYS G 114 -43.70 27.61 36.51
C LYS G 114 -44.30 27.61 37.94
N LEU G 115 -44.03 26.61 38.78
CA LEU G 115 -44.24 26.83 40.23
C LEU G 115 -43.25 27.84 40.79
N PRO G 116 -43.68 28.58 41.83
CA PRO G 116 -42.86 29.68 42.35
C PRO G 116 -41.51 29.21 42.84
N ILE G 117 -40.59 30.15 42.74
CA ILE G 117 -39.26 29.83 43.15
C ILE G 117 -38.86 30.92 44.12
N GLY G 118 -38.02 30.53 45.04
CA GLY G 118 -37.41 31.50 45.96
C GLY G 118 -36.64 30.78 47.06
N ALA G 119 -36.58 31.43 48.23
CA ALA G 119 -35.80 30.97 49.38
C ALA G 119 -36.68 30.90 50.64
N THR G 120 -36.34 29.95 51.49
CA THR G 120 -37.23 29.55 52.56
C THR G 120 -36.35 29.19 53.73
N ILE G 121 -36.76 29.75 54.88
CA ILE G 121 -36.14 29.44 56.16
C ILE G 121 -37.21 28.78 57.02
N HIS G 122 -36.95 27.53 57.42
CA HIS G 122 -37.98 26.79 58.15
C HIS G 122 -37.36 25.85 59.18
N VAL G 123 -38.19 25.43 60.13
CA VAL G 123 -37.78 24.41 61.14
C VAL G 123 -37.72 23.02 60.52
N MET G 124 -36.72 22.23 60.88
CA MET G 124 -36.65 20.88 60.31
C MET G 124 -37.63 19.83 60.89
N ASP G 125 -38.39 19.19 60.01
CA ASP G 125 -39.22 18.01 60.32
C ASP G 125 -38.45 16.68 60.35
N GLU G 126 -39.23 15.62 60.55
CA GLU G 126 -38.86 14.28 60.11
C GLU G 126 -38.90 14.26 58.58
N GLU G 127 -39.81 15.04 57.98
CA GLU G 127 -39.92 15.17 56.53
C GLU G 127 -38.90 16.15 55.94
N ILE G 128 -38.93 16.33 54.62
CA ILE G 128 -37.86 17.00 53.88
C ILE G 128 -38.38 18.29 53.27
N ASP G 129 -37.71 19.39 53.57
CA ASP G 129 -38.17 20.72 53.14
C ASP G 129 -39.67 20.77 53.44
N HIS G 130 -40.00 20.39 54.69
CA HIS G 130 -41.37 20.16 55.16
C HIS G 130 -41.84 20.97 56.38
N GLY G 131 -40.96 21.24 57.33
CA GLY G 131 -41.39 21.83 58.60
C GLY G 131 -42.18 23.15 58.60
N ASP G 132 -42.05 23.87 59.70
CA ASP G 132 -42.67 25.19 59.78
C ASP G 132 -41.69 26.30 59.29
N ILE G 133 -42.32 27.21 58.55
CA ILE G 133 -41.69 28.37 57.92
C ILE G 133 -41.59 29.59 58.84
N ILE G 134 -40.35 29.89 59.22
CA ILE G 134 -39.99 31.16 59.83
C ILE G 134 -40.23 32.29 58.83
N ILE G 135 -39.45 32.37 57.76
CA ILE G 135 -39.72 33.37 56.72
C ILE G 135 -39.27 32.79 55.37
N GLN G 136 -39.82 33.33 54.30
CA GLN G 136 -39.46 32.83 52.97
C GLN G 136 -39.81 33.95 52.03
N GLU G 137 -39.28 33.92 50.79
CA GLU G 137 -39.54 35.00 49.86
C GLU G 137 -39.30 34.59 48.40
N GLU G 138 -40.26 34.97 47.56
CA GLU G 138 -40.21 34.70 46.13
C GLU G 138 -39.18 35.55 45.37
N VAL G 139 -38.50 34.91 44.42
CA VAL G 139 -37.70 35.62 43.43
C VAL G 139 -38.32 35.44 42.05
N GLU G 140 -38.16 36.43 41.18
CA GLU G 140 -38.60 36.35 39.80
C GLU G 140 -37.66 35.41 39.00
N VAL G 141 -38.25 34.72 38.02
CA VAL G 141 -37.54 34.04 36.91
C VAL G 141 -37.74 34.98 35.74
N ASN G 142 -36.73 35.71 35.28
CA ASN G 142 -36.83 36.44 34.01
C ASN G 142 -36.53 35.58 32.76
N SER G 143 -37.02 36.04 31.62
CA SER G 143 -37.05 35.20 30.42
C SER G 143 -35.62 34.89 29.89
N PHE G 144 -34.65 35.73 30.26
CA PHE G 144 -33.27 35.55 29.88
C PHE G 144 -32.38 34.82 30.85
N GLU G 145 -32.92 34.25 31.91
CA GLU G 145 -32.09 33.62 32.88
C GLU G 145 -32.09 32.12 32.68
N ASN G 146 -30.99 31.52 33.10
CA ASN G 146 -30.89 30.08 33.10
C ASN G 146 -30.86 29.61 34.57
N SER G 147 -30.57 28.33 34.79
CA SER G 147 -30.48 27.78 36.14
C SER G 147 -29.41 28.44 36.97
N PHE G 148 -28.24 28.62 36.40
CA PHE G 148 -27.18 29.28 37.14
C PHE G 148 -27.63 30.66 37.65
N ASP G 149 -28.21 31.51 36.80
CA ASP G 149 -28.72 32.83 37.21
C ASP G 149 -29.83 32.79 38.29
N VAL G 150 -30.82 31.92 38.14
CA VAL G 150 -31.86 31.89 39.15
C VAL G 150 -31.25 31.35 40.45
N TYR G 151 -30.37 30.36 40.36
CA TYR G 151 -29.76 29.83 41.54
C TYR G 151 -28.99 30.91 42.24
N ALA G 152 -28.19 31.69 41.52
CA ALA G 152 -27.45 32.79 42.19
C ALA G 152 -28.39 33.79 42.89
N LYS G 153 -29.45 34.24 42.22
CA LYS G 153 -30.44 35.13 42.85
C LYS G 153 -31.07 34.40 44.05
N VAL G 154 -31.29 33.09 43.98
CA VAL G 154 -31.90 32.45 45.11
C VAL G 154 -30.95 32.40 46.30
N GLN G 155 -29.72 31.95 46.07
CA GLN G 155 -28.71 31.91 47.11
C GLN G 155 -28.54 33.27 47.83
N LYS G 156 -28.73 34.37 47.13
CA LYS G 156 -28.61 35.67 47.76
C LYS G 156 -29.85 36.04 48.56
N LYS G 157 -31.01 35.53 48.15
CA LYS G 157 -32.17 35.70 48.99
C LYS G 157 -31.91 34.89 50.29
N GLU G 158 -31.35 33.69 50.19
CA GLU G 158 -31.05 32.91 51.38
C GLU G 158 -30.28 33.73 52.37
N VAL G 159 -29.13 34.20 51.91
CA VAL G 159 -28.26 34.92 52.81
C VAL G 159 -28.92 36.20 53.29
N GLU G 160 -29.61 36.91 52.44
CA GLU G 160 -30.37 38.06 52.91
C GLU G 160 -31.44 37.70 53.94
N LEU G 161 -32.12 36.56 53.81
CA LEU G 161 -33.21 36.29 54.75
C LEU G 161 -32.60 35.82 56.05
N PHE G 162 -31.54 35.05 55.97
CA PHE G 162 -30.83 34.64 57.17
C PHE G 162 -30.36 35.85 57.99
N THR G 163 -29.60 36.74 57.35
CA THR G 163 -29.21 38.03 57.91
C THR G 163 -30.32 38.70 58.69
N LYS G 164 -31.48 38.78 58.07
CA LYS G 164 -32.64 39.49 58.57
C LYS G 164 -33.31 38.84 59.77
N VAL G 165 -33.12 37.55 59.99
CA VAL G 165 -33.90 36.91 61.04
C VAL G 165 -33.05 36.21 62.10
N ILE G 166 -31.77 36.00 61.82
CA ILE G 166 -30.90 35.29 62.75
C ILE G 166 -31.08 35.84 64.19
N ASP G 167 -31.07 37.14 64.43
CA ASP G 167 -31.22 37.63 65.79
C ASP G 167 -32.51 37.14 66.47
N ASP G 168 -33.68 37.30 65.86
CA ASP G 168 -34.91 36.75 66.43
C ASP G 168 -34.87 35.24 66.58
N ILE G 169 -34.21 34.61 65.62
CA ILE G 169 -33.97 33.18 65.71
C ILE G 169 -33.30 32.88 67.04
N LEU G 170 -32.32 33.68 67.44
CA LEU G 170 -31.55 33.38 68.66
C LEU G 170 -32.26 33.67 70.01
N ASN G 171 -33.26 34.54 69.93
CA ASN G 171 -34.04 34.94 71.07
C ASN G 171 -35.43 34.35 70.87
N ASN G 172 -35.51 33.06 70.55
CA ASN G 172 -36.79 32.38 70.40
C ASN G 172 -37.98 33.30 70.01
N LYS G 173 -37.71 34.30 69.17
CA LYS G 173 -38.63 35.39 68.88
C LYS G 173 -39.43 35.20 67.61
N PHE G 174 -38.99 34.24 66.83
CA PHE G 174 -39.46 34.09 65.47
C PHE G 174 -40.86 33.50 65.35
N THR G 175 -41.62 34.02 64.37
CA THR G 175 -42.88 33.42 63.98
C THR G 175 -42.64 32.09 63.23
N ARG G 176 -43.70 31.29 63.13
CA ARG G 176 -43.73 29.98 62.49
C ARG G 176 -45.08 29.70 61.80
N ILE G 177 -45.16 29.55 60.48
CA ILE G 177 -46.43 29.12 59.86
C ILE G 177 -46.28 27.77 59.17
N LYS G 178 -47.43 27.11 59.04
CA LYS G 178 -47.48 25.88 58.27
C LYS G 178 -47.60 26.14 56.78
N PRO G 179 -46.85 25.33 56.01
CA PRO G 179 -47.02 25.38 54.57
C PRO G 179 -48.52 25.36 54.17
N ASN G 180 -48.88 26.16 53.17
CA ASN G 180 -50.25 26.14 52.63
C ASN G 180 -50.63 24.90 51.80
N SER G 181 -49.76 23.88 51.76
CA SER G 181 -50.11 22.53 51.34
C SER G 181 -48.89 21.64 51.49
N GLU G 182 -48.98 20.39 51.02
CA GLU G 182 -47.82 19.51 51.12
C GLU G 182 -46.83 19.65 49.93
N GLY G 183 -47.30 20.38 48.92
CA GLY G 183 -46.52 20.78 47.74
C GLY G 183 -46.10 19.59 46.91
N ASN G 184 -44.90 19.60 46.35
CA ASN G 184 -44.50 18.48 45.52
C ASN G 184 -43.03 18.26 45.71
N TYR G 185 -42.58 17.04 45.47
CA TYR G 185 -41.19 16.73 45.73
C TYR G 185 -40.49 16.32 44.42
N ASN G 186 -39.19 16.64 44.30
CA ASN G 186 -38.39 16.13 43.21
C ASN G 186 -37.12 15.45 43.68
N SER G 187 -36.92 14.22 43.23
CA SER G 187 -35.66 13.53 43.49
C SER G 187 -34.50 13.80 42.51
N ILE G 188 -33.31 13.38 42.93
CA ILE G 188 -32.14 13.30 42.08
C ILE G 188 -32.42 12.40 40.85
N HIS G 189 -33.24 11.36 40.95
CA HIS G 189 -33.57 10.57 39.76
C HIS G 189 -34.55 11.33 38.86
N ASP G 190 -35.41 12.17 39.40
CA ASP G 190 -36.32 12.96 38.57
C ASP G 190 -35.54 13.89 37.65
N TYR G 191 -34.55 14.53 38.23
CA TYR G 191 -33.61 15.30 37.43
C TYR G 191 -32.89 14.47 36.38
N LYS G 192 -32.26 13.36 36.78
CA LYS G 192 -31.49 12.53 35.85
C LYS G 192 -32.37 12.07 34.70
N ASN G 193 -33.59 11.65 35.01
CA ASN G 193 -34.52 11.25 33.96
C ASN G 193 -35.07 12.37 33.08
N MET G 194 -34.57 13.59 33.28
CA MET G 194 -34.95 14.76 32.47
C MET G 194 -33.83 15.22 31.50
N CYS G 195 -32.61 14.74 31.73
CA CYS G 195 -31.43 15.07 30.94
C CYS G 195 -31.36 14.51 29.51
N GLU G 196 -32.05 13.42 29.22
CA GLU G 196 -31.97 12.87 27.90
C GLU G 196 -33.13 13.38 27.04
N ILE G 197 -32.82 14.26 26.09
CA ILE G 197 -33.86 14.90 25.28
C ILE G 197 -34.50 13.84 24.41
N ASP G 198 -35.79 13.96 24.19
CA ASP G 198 -36.52 13.09 23.28
C ASP G 198 -36.76 13.98 22.07
N LEU G 199 -36.05 13.69 20.98
CA LEU G 199 -36.03 14.61 19.84
C LEU G 199 -37.37 14.64 19.14
N ASP G 200 -38.15 13.56 19.27
CA ASP G 200 -39.46 13.54 18.66
C ASP G 200 -40.54 14.23 19.48
N LYS G 201 -40.23 14.68 20.70
CA LYS G 201 -41.24 15.27 21.57
C LYS G 201 -41.73 16.60 21.06
N ILE G 202 -43.03 16.83 21.23
CA ILE G 202 -43.67 17.98 20.64
C ILE G 202 -43.89 19.07 21.67
N VAL G 203 -43.46 20.31 21.38
CA VAL G 203 -43.35 21.37 22.38
C VAL G 203 -43.55 22.69 21.73
N THR G 204 -43.74 23.77 22.48
CA THR G 204 -43.70 25.06 21.82
C THR G 204 -42.25 25.52 21.83
N MET G 205 -41.87 26.47 20.99
CA MET G 205 -40.51 26.99 21.03
C MET G 205 -40.30 27.42 22.50
N ARG G 206 -41.32 28.02 23.11
CA ARG G 206 -41.20 28.53 24.48
C ARG G 206 -40.87 27.37 25.41
N GLU G 207 -41.55 26.23 25.33
CA GLU G 207 -41.18 25.16 26.23
C GLU G 207 -39.74 24.69 25.99
N ALA G 208 -39.34 24.76 24.73
CA ALA G 208 -38.04 24.21 24.35
C ALA G 208 -36.97 25.11 24.97
N ILE G 209 -37.22 26.42 24.89
CA ILE G 209 -36.24 27.38 25.38
C ILE G 209 -36.23 27.29 26.89
N ASP G 210 -37.41 27.09 27.46
CA ASP G 210 -37.52 26.98 28.94
C ASP G 210 -36.81 25.74 29.39
N TYR G 211 -37.05 24.63 28.71
CA TYR G 211 -36.34 23.45 29.14
C TYR G 211 -34.81 23.59 29.00
N LEU G 212 -34.35 24.02 27.84
CA LEU G 212 -32.89 24.20 27.63
C LEU G 212 -32.23 25.16 28.61
N ARG G 213 -32.89 26.30 28.87
CA ARG G 213 -32.31 27.19 29.87
C ARG G 213 -32.33 26.63 31.28
N ALA G 214 -33.35 25.86 31.64
CA ALA G 214 -33.41 25.20 32.94
C ALA G 214 -32.26 24.21 33.06
N MET G 215 -31.82 23.61 31.95
CA MET G 215 -30.82 22.56 31.98
C MET G 215 -29.39 23.06 31.78
N THR G 216 -29.23 24.38 31.66
CA THR G 216 -27.95 25.04 31.50
C THR G 216 -27.43 25.68 32.75
N HIS G 217 -26.37 25.08 33.26
CA HIS G 217 -25.86 25.50 34.54
C HIS G 217 -24.38 25.18 34.55
N PRO G 218 -23.57 26.13 34.09
CA PRO G 218 -22.18 25.79 33.93
C PRO G 218 -21.57 25.54 35.29
N PRO G 219 -20.59 24.62 35.38
CA PRO G 219 -19.83 23.99 34.27
C PRO G 219 -20.40 22.62 33.98
N TYR G 220 -21.59 22.36 34.50
CA TYR G 220 -22.08 21.01 34.45
C TYR G 220 -22.56 20.75 33.07
N LYS G 221 -22.61 19.45 32.79
CA LYS G 221 -23.10 18.94 31.56
C LYS G 221 -24.35 18.21 31.88
N ASN G 222 -25.49 18.66 31.39
CA ASN G 222 -26.75 18.11 31.84
C ASN G 222 -27.56 17.53 30.69
N SER G 223 -28.16 18.35 29.81
CA SER G 223 -29.03 17.76 28.79
C SER G 223 -28.19 17.27 27.60
N TYR G 224 -28.70 16.23 26.96
CA TYR G 224 -28.07 15.65 25.77
C TYR G 224 -29.05 14.91 24.87
N PHE G 225 -28.69 14.77 23.59
CA PHE G 225 -29.39 13.85 22.74
C PHE G 225 -28.38 12.80 22.28
N ILE G 226 -28.97 11.71 21.78
CA ILE G 226 -28.26 10.63 21.07
C ILE G 226 -28.72 10.72 19.62
N ASP G 227 -27.83 11.13 18.77
CA ASP G 227 -28.23 11.26 17.37
C ASP G 227 -28.32 9.90 16.68
N GLU G 228 -28.69 9.94 15.40
CA GLU G 228 -28.98 8.75 14.62
C GLU G 228 -27.78 7.84 14.46
N HIS G 229 -26.56 8.33 14.62
CA HIS G 229 -25.35 7.49 14.51
C HIS G 229 -24.87 6.99 15.87
N GLY G 230 -25.61 7.27 16.95
CA GLY G 230 -25.21 6.94 18.32
C GLY G 230 -24.27 7.93 19.00
N ASN G 231 -24.06 9.11 18.43
CA ASN G 231 -23.35 10.19 19.09
C ASN G 231 -24.13 10.76 20.28
N LYS G 232 -23.43 10.92 21.39
CA LYS G 232 -24.07 11.62 22.50
C LYS G 232 -23.55 13.05 22.48
N VAL G 233 -24.51 13.98 22.39
CA VAL G 233 -24.23 15.40 22.21
C VAL G 233 -24.88 16.24 23.35
N PHE G 234 -24.09 16.97 24.13
CA PHE G 234 -24.64 17.79 25.18
C PHE G 234 -25.01 19.14 24.64
N VAL G 235 -26.07 19.72 25.18
CA VAL G 235 -26.62 21.01 24.72
C VAL G 235 -26.73 22.01 25.86
N ALA G 236 -26.32 23.27 25.69
CA ALA G 236 -26.61 24.35 26.65
C ALA G 236 -27.14 25.49 25.81
N LEU G 237 -27.87 26.42 26.44
CA LEU G 237 -28.44 27.60 25.82
C LEU G 237 -27.89 28.83 26.50
N GLU G 238 -27.53 29.82 25.69
CA GLU G 238 -26.96 31.08 26.09
C GLU G 238 -28.05 32.10 25.73
N LEU G 239 -28.33 33.01 26.65
CA LEU G 239 -29.33 34.07 26.46
C LEU G 239 -28.70 35.42 26.79
N GLU G 240 -29.18 36.48 26.16
CA GLU G 240 -28.69 37.82 26.45
C GLU G 240 -29.76 38.86 26.11
N LYS G 241 -30.20 39.56 27.15
CA LYS G 241 -31.15 40.65 26.93
C LYS G 241 -30.38 41.82 26.36
N ILE G 242 -30.94 42.52 25.41
CA ILE G 242 -30.25 43.60 24.72
C ILE G 242 -30.76 45.01 25.05
N MET H 3 -0.56 34.45 -22.29
CA MET H 3 -0.47 35.42 -21.15
C MET H 3 -1.82 35.98 -20.66
N LYS H 4 -2.55 35.13 -19.92
CA LYS H 4 -3.87 35.46 -19.36
C LYS H 4 -3.75 36.45 -18.22
N LYS H 5 -4.33 37.66 -18.31
CA LYS H 5 -4.52 38.44 -17.07
C LYS H 5 -5.91 38.33 -16.43
N ILE H 6 -5.88 38.09 -15.12
CA ILE H 6 -7.02 37.69 -14.34
C ILE H 6 -7.19 38.74 -13.24
N PHE H 7 -8.44 39.01 -12.91
CA PHE H 7 -8.70 39.74 -11.68
C PHE H 7 -9.52 38.89 -10.68
N VAL H 8 -9.21 39.10 -9.41
CA VAL H 8 -9.83 38.41 -8.26
C VAL H 8 -10.32 39.43 -7.25
N VAL H 9 -11.61 39.41 -6.99
CA VAL H 9 -12.16 40.25 -5.89
C VAL H 9 -12.57 39.45 -4.65
N THR H 10 -12.02 39.82 -3.48
CA THR H 10 -12.33 39.26 -2.18
C THR H 10 -12.14 40.24 -1.02
N ASP H 11 -12.91 40.03 0.04
CA ASP H 11 -12.70 40.71 1.32
C ASP H 11 -12.28 39.72 2.41
N ASN H 12 -11.86 38.51 2.04
CA ASN H 12 -11.46 37.55 3.07
C ASN H 12 -9.97 37.32 2.99
N ARG H 13 -9.27 37.51 4.10
CA ARG H 13 -7.80 37.36 4.12
C ARG H 13 -7.32 35.93 3.83
N THR H 14 -8.14 34.94 4.17
CA THR H 14 -7.75 33.53 4.05
C THR H 14 -7.88 33.17 2.57
N ILE H 15 -9.03 33.50 2.01
CA ILE H 15 -9.24 33.44 0.56
C ILE H 15 -8.12 34.08 -0.23
N LEU H 16 -7.84 35.34 0.07
CA LEU H 16 -6.79 36.04 -0.64
C LEU H 16 -5.53 35.14 -0.68
N SER H 17 -5.21 34.64 0.52
CA SER H 17 -4.02 33.85 0.74
C SER H 17 -4.05 32.51 0.02
N ASP H 18 -5.19 31.84 0.03
CA ASP H 18 -5.29 30.57 -0.72
C ASP H 18 -5.28 30.76 -2.25
N PHE H 19 -5.86 31.84 -2.76
CA PHE H 19 -5.84 32.06 -4.20
C PHE H 19 -4.43 32.33 -4.66
N LYS H 20 -3.71 33.12 -3.89
CA LYS H 20 -2.34 33.42 -4.19
C LYS H 20 -1.47 32.16 -4.23
N ASN H 21 -1.73 31.18 -3.38
CA ASN H 21 -1.03 29.87 -3.54
C ASN H 21 -1.41 29.27 -4.87
N ILE H 22 -2.71 28.98 -4.98
CA ILE H 22 -3.22 28.31 -6.14
C ILE H 22 -2.76 29.01 -7.42
N ILE H 23 -3.17 30.25 -7.62
CA ILE H 23 -2.93 30.93 -8.88
C ILE H 23 -1.48 31.38 -9.08
N GLY H 24 -0.74 31.71 -8.01
CA GLY H 24 0.64 32.18 -8.15
C GLY H 24 1.65 31.12 -8.58
N SER H 25 1.17 29.89 -8.76
CA SER H 25 2.02 28.79 -9.19
C SER H 25 1.66 28.31 -10.60
N LYS H 26 0.81 29.07 -11.28
CA LYS H 26 0.44 28.81 -12.67
C LYS H 26 1.33 29.73 -13.47
N ASN H 27 1.64 29.41 -14.72
CA ASN H 27 2.22 30.52 -15.48
C ASN H 27 1.63 30.76 -16.84
N ASP H 28 2.11 31.83 -17.45
CA ASP H 28 1.33 32.58 -18.44
C ASP H 28 0.05 33.17 -17.81
N VAL H 29 0.05 33.46 -16.50
CA VAL H 29 -1.05 34.19 -15.83
C VAL H 29 -0.49 35.34 -15.00
N GLN H 30 -1.09 36.51 -15.09
CA GLN H 30 -0.85 37.65 -14.22
C GLN H 30 -2.23 37.94 -13.54
N VAL H 31 -2.21 38.15 -12.22
CA VAL H 31 -3.41 38.29 -11.44
C VAL H 31 -3.31 39.59 -10.64
N ASP H 32 -4.40 40.34 -10.57
CA ASP H 32 -4.52 41.53 -9.75
C ASP H 32 -5.70 41.27 -8.80
N TYR H 33 -5.49 41.58 -7.54
CA TYR H 33 -6.47 41.30 -6.50
C TYR H 33 -7.08 42.63 -6.08
N PHE H 34 -8.38 42.63 -5.87
CA PHE H 34 -9.06 43.80 -5.39
C PHE H 34 -9.91 43.49 -4.19
N CYS H 35 -10.11 44.51 -3.37
CA CYS H 35 -11.03 44.43 -2.22
C CYS H 35 -11.89 45.67 -2.20
N SER H 36 -12.76 45.69 -1.20
CA SER H 36 -13.63 46.82 -0.98
C SER H 36 -12.93 47.92 -0.17
N PHE H 37 -13.33 49.18 -0.36
CA PHE H 37 -12.80 50.23 0.50
C PHE H 37 -13.12 50.00 1.97
N LYS H 38 -14.17 49.25 2.27
CA LYS H 38 -14.50 48.82 3.65
C LYS H 38 -13.44 47.97 4.31
N SER H 39 -12.61 47.25 3.55
CA SER H 39 -11.55 46.45 4.17
C SER H 39 -10.21 47.19 4.11
N GLN H 40 -10.29 48.47 3.77
CA GLN H 40 -9.09 49.22 3.56
C GLN H 40 -8.16 49.15 4.77
N THR H 41 -8.76 49.21 5.96
CA THR H 41 -7.97 49.12 7.19
C THR H 41 -7.47 47.72 7.51
N SER H 42 -8.37 46.74 7.43
CA SER H 42 -8.00 45.32 7.69
C SER H 42 -6.92 44.75 6.81
N PHE H 43 -6.86 45.19 5.56
CA PHE H 43 -5.91 44.68 4.60
C PHE H 43 -4.71 45.60 4.49
N ALA H 44 -4.63 46.56 5.40
CA ALA H 44 -3.61 47.62 5.27
C ALA H 44 -2.26 47.00 4.93
N LYS H 45 -1.89 45.98 5.69
CA LYS H 45 -0.58 45.42 5.48
C LYS H 45 -0.41 44.94 4.05
N GLU H 46 -1.45 44.27 3.56
CA GLU H 46 -1.36 43.65 2.24
C GLU H 46 -1.36 44.75 1.16
N ILE H 47 -1.93 45.90 1.49
CA ILE H 47 -2.03 47.04 0.60
C ILE H 47 -0.66 47.68 0.51
N TYR H 48 0.03 47.81 1.65
CA TYR H 48 1.43 48.26 1.65
C TYR H 48 2.33 47.31 0.88
N ASN H 49 2.04 46.01 0.88
CA ASN H 49 2.91 45.12 0.09
C ASN H 49 2.44 44.98 -1.34
N SER H 50 1.46 45.76 -1.75
CA SER H 50 0.86 45.59 -3.06
C SER H 50 0.29 44.20 -3.35
N GLU H 51 -0.32 43.58 -2.36
CA GLU H 51 -0.91 42.26 -2.58
C GLU H 51 -2.37 42.32 -2.98
N ILE H 52 -2.97 43.48 -2.75
CA ILE H 52 -4.37 43.78 -3.04
C ILE H 52 -4.57 45.29 -3.10
N LYS H 53 -5.60 45.78 -3.79
CA LYS H 53 -6.01 47.18 -3.86
C LYS H 53 -7.51 47.33 -3.75
N PRO H 54 -8.00 48.38 -3.10
CA PRO H 54 -9.48 48.55 -3.09
C PRO H 54 -10.03 49.02 -4.39
N ILE H 55 -11.29 48.72 -4.66
CA ILE H 55 -11.88 49.22 -5.87
C ILE H 55 -13.32 49.44 -5.47
N ASP H 56 -14.00 50.40 -6.09
CA ASP H 56 -15.43 50.57 -5.98
C ASP H 56 -15.99 49.87 -7.20
N MET H 57 -16.54 48.67 -7.05
CA MET H 57 -16.98 47.97 -8.25
C MET H 57 -18.17 48.69 -8.89
N LYS H 58 -18.95 49.43 -8.09
CA LYS H 58 -20.09 50.20 -8.58
C LYS H 58 -19.67 51.32 -9.55
N LYS H 59 -18.98 52.34 -9.04
CA LYS H 59 -18.39 53.34 -9.90
C LYS H 59 -17.26 52.97 -10.88
N ASN H 60 -16.72 51.75 -10.91
CA ASN H 60 -15.48 51.42 -11.72
C ASN H 60 -15.28 50.02 -12.32
N GLY H 61 -16.03 49.05 -11.83
CA GLY H 61 -15.98 47.70 -12.33
C GLY H 61 -15.78 47.70 -13.82
N ASN H 62 -16.57 48.51 -14.51
CA ASN H 62 -16.56 48.55 -15.97
C ASN H 62 -15.29 49.06 -16.66
N ASP H 63 -14.49 49.82 -15.93
CA ASP H 63 -13.10 50.13 -16.30
C ASP H 63 -12.24 48.88 -16.52
N LEU H 64 -12.60 47.74 -15.95
CA LEU H 64 -11.79 46.53 -16.06
C LEU H 64 -11.98 45.91 -17.42
N ILE H 65 -13.08 46.30 -18.09
CA ILE H 65 -13.42 45.65 -19.34
C ILE H 65 -12.29 45.95 -20.28
N GLY H 66 -11.84 44.95 -21.00
CA GLY H 66 -10.77 45.18 -21.95
C GLY H 66 -9.41 45.27 -21.29
N LYS H 67 -9.31 45.16 -19.97
CA LYS H 67 -7.99 45.01 -19.38
C LYS H 67 -7.63 43.60 -18.86
N TYR H 68 -8.55 42.65 -18.96
CA TYR H 68 -8.47 41.39 -18.18
C TYR H 68 -9.28 40.44 -19.01
N ASP H 69 -8.80 39.19 -19.11
CA ASP H 69 -9.47 38.07 -19.74
C ASP H 69 -10.51 37.33 -18.91
N LEU H 70 -10.45 37.46 -17.59
CA LEU H 70 -11.10 36.52 -16.68
C LEU H 70 -11.20 37.15 -15.29
N GLY H 71 -12.37 37.06 -14.68
CA GLY H 71 -12.51 37.63 -13.38
C GLY H 71 -13.17 36.62 -12.47
N PHE H 72 -12.85 36.71 -11.19
CA PHE H 72 -13.39 35.86 -10.12
C PHE H 72 -13.84 36.72 -8.94
N SER H 73 -14.93 36.27 -8.35
CA SER H 73 -15.38 36.79 -7.07
C SER H 73 -15.52 35.67 -6.06
N CYS H 74 -14.97 35.87 -4.88
CA CYS H 74 -15.08 34.96 -3.77
C CYS H 74 -15.15 35.71 -2.44
N HIS H 75 -16.21 35.48 -1.70
CA HIS H 75 -16.36 36.23 -0.40
C HIS H 75 -16.10 37.72 -0.53
N SER H 76 -16.74 38.35 -1.50
CA SER H 76 -16.56 39.77 -1.77
C SER H 76 -17.75 40.47 -1.15
N LYS H 77 -17.54 41.67 -0.64
CA LYS H 77 -18.67 42.51 -0.25
C LYS H 77 -19.38 43.17 -1.43
N GLN H 78 -18.96 42.97 -2.69
CA GLN H 78 -19.43 43.76 -3.83
C GLN H 78 -20.03 42.95 -4.96
N LEU H 79 -20.99 43.53 -5.64
CA LEU H 79 -21.53 42.90 -6.83
C LEU H 79 -20.67 43.35 -8.01
N PHE H 80 -20.72 42.65 -9.13
CA PHE H 80 -20.04 43.12 -10.32
C PHE H 80 -21.09 43.83 -11.20
N PRO H 81 -20.70 44.93 -11.86
CA PRO H 81 -21.67 45.55 -12.79
C PRO H 81 -22.02 44.63 -13.95
N ALA H 82 -23.20 44.88 -14.53
CA ALA H 82 -23.78 43.96 -15.50
C ALA H 82 -22.97 44.00 -16.77
N LYS H 83 -22.38 45.14 -17.07
CA LYS H 83 -21.71 45.31 -18.32
C LYS H 83 -20.42 44.45 -18.31
N LEU H 84 -19.68 44.54 -17.22
CA LEU H 84 -18.47 43.77 -17.00
C LEU H 84 -18.75 42.28 -17.16
N VAL H 85 -19.82 41.84 -16.51
CA VAL H 85 -20.23 40.44 -16.52
C VAL H 85 -20.60 39.96 -17.88
N ASN H 86 -21.10 40.84 -18.73
CA ASN H 86 -21.36 40.51 -20.13
C ASN H 86 -20.13 40.67 -20.98
N SER H 87 -19.27 41.64 -20.68
CA SER H 87 -18.07 41.81 -21.50
C SER H 87 -16.91 40.85 -21.23
N VAL H 88 -16.82 40.28 -20.03
CA VAL H 88 -15.68 39.43 -19.64
C VAL H 88 -16.13 38.22 -18.88
N LEU H 89 -15.47 37.08 -19.11
CA LEU H 89 -15.90 35.92 -18.39
C LEU H 89 -15.70 36.24 -16.91
N CYS H 90 -16.76 36.07 -16.17
CA CYS H 90 -16.76 36.35 -14.77
C CYS H 90 -17.28 35.17 -14.00
N ILE H 91 -16.50 34.71 -13.01
CA ILE H 91 -16.90 33.53 -12.32
C ILE H 91 -17.01 33.80 -10.80
N ASN H 92 -18.07 33.25 -10.24
CA ASN H 92 -18.43 33.45 -8.82
C ASN H 92 -18.23 32.15 -8.06
N ILE H 93 -17.42 32.22 -7.01
CA ILE H 93 -17.22 31.05 -6.20
C ILE H 93 -18.09 31.29 -5.01
N HIS H 94 -19.10 30.45 -4.82
CA HIS H 94 -20.19 30.73 -3.90
C HIS H 94 -20.34 29.71 -2.75
N PRO H 95 -20.62 30.18 -1.51
CA PRO H 95 -20.87 29.29 -0.41
C PRO H 95 -22.33 28.80 -0.28
N GLY H 96 -22.82 28.07 -1.27
CA GLY H 96 -24.08 27.35 -1.20
C GLY H 96 -24.19 26.38 -2.37
N LEU H 97 -25.21 25.53 -2.30
CA LEU H 97 -25.50 24.53 -3.31
C LEU H 97 -26.64 24.95 -4.26
N ASN H 98 -26.27 25.69 -5.29
CA ASN H 98 -27.28 26.16 -6.27
C ASN H 98 -28.05 25.00 -6.91
N PRO H 99 -29.35 25.19 -7.14
CA PRO H 99 -30.07 26.42 -6.88
C PRO H 99 -30.80 26.41 -5.52
N TYR H 100 -30.28 25.66 -4.56
CA TYR H 100 -30.93 25.62 -3.25
C TYR H 100 -30.52 26.69 -2.31
N ASN H 101 -31.51 27.32 -1.68
CA ASN H 101 -31.24 28.30 -0.64
C ASN H 101 -30.31 29.37 -1.15
N ARG H 102 -30.67 29.84 -2.35
CA ARG H 102 -30.03 30.97 -2.95
C ARG H 102 -30.35 32.16 -2.06
N GLY H 103 -29.48 33.17 -2.09
CA GLY H 103 -29.61 34.33 -1.22
C GLY H 103 -28.86 34.34 0.09
N TRP H 104 -29.52 34.82 1.14
CA TRP H 104 -28.91 35.02 2.46
C TRP H 104 -28.59 33.71 3.20
N PHE H 105 -27.35 33.64 3.63
CA PHE H 105 -26.87 32.62 4.55
C PHE H 105 -27.41 31.24 4.25
N PRO H 106 -26.96 30.70 3.12
CA PRO H 106 -27.51 29.44 2.65
C PRO H 106 -27.49 28.34 3.68
N GLN H 107 -26.45 28.29 4.48
CA GLN H 107 -26.30 27.17 5.37
C GLN H 107 -27.32 27.30 6.49
N VAL H 108 -27.65 28.53 6.85
CA VAL H 108 -28.62 28.69 7.97
C VAL H 108 -29.97 28.02 7.60
N PHE H 109 -30.46 28.39 6.44
CA PHE H 109 -31.64 27.72 5.85
C PHE H 109 -31.57 26.22 5.70
N SER H 110 -30.45 25.73 5.18
CA SER H 110 -30.37 24.29 4.94
C SER H 110 -30.43 23.48 6.24
N ILE H 111 -29.89 24.06 7.28
CA ILE H 111 -29.87 23.38 8.58
C ILE H 111 -31.31 23.37 9.11
N ILE H 112 -32.10 24.38 8.77
CA ILE H 112 -33.52 24.32 9.16
C ILE H 112 -34.34 23.46 8.18
N ASN H 113 -34.25 23.78 6.89
CA ASN H 113 -35.16 23.21 5.93
C ASN H 113 -34.58 21.99 5.21
N LYS H 114 -33.32 21.60 5.47
CA LYS H 114 -32.78 20.31 5.00
C LYS H 114 -32.55 20.18 3.53
N LEU H 115 -32.69 21.26 2.79
CA LEU H 115 -32.18 21.27 1.43
C LEU H 115 -30.66 21.23 1.42
N PRO H 116 -30.10 20.69 0.33
CA PRO H 116 -28.66 20.64 0.18
C PRO H 116 -27.94 21.95 0.44
N ILE H 117 -26.82 21.79 1.12
CA ILE H 117 -25.82 22.84 1.30
C ILE H 117 -24.46 22.30 0.82
N GLY H 118 -23.59 23.26 0.47
CA GLY H 118 -22.34 23.00 -0.21
C GLY H 118 -21.85 24.28 -0.80
N ALA H 119 -20.90 24.15 -1.73
CA ALA H 119 -20.35 25.22 -2.48
C ALA H 119 -20.47 24.97 -3.99
N THR H 120 -20.38 26.06 -4.73
CA THR H 120 -20.76 26.16 -6.10
C THR H 120 -19.85 27.19 -6.73
N ILE H 121 -19.23 26.76 -7.82
CA ILE H 121 -18.52 27.72 -8.68
C ILE H 121 -19.42 27.89 -9.91
N HIS H 122 -19.76 29.11 -10.35
CA HIS H 122 -20.72 29.26 -11.42
C HIS H 122 -20.42 30.50 -12.22
N VAL H 123 -20.91 30.54 -13.46
CA VAL H 123 -20.59 31.70 -14.33
C VAL H 123 -21.51 32.84 -13.84
N MET H 124 -21.03 34.08 -13.80
CA MET H 124 -21.85 35.20 -13.28
C MET H 124 -22.73 35.71 -14.41
N ASP H 125 -24.00 35.89 -14.11
CA ASP H 125 -24.93 36.56 -15.02
C ASP H 125 -25.62 37.68 -14.23
N GLU H 126 -26.64 38.30 -14.81
CA GLU H 126 -27.30 39.45 -14.17
C GLU H 126 -28.16 39.08 -12.96
N GLU H 127 -28.41 37.80 -12.69
CA GLU H 127 -29.09 37.36 -11.48
C GLU H 127 -28.24 36.85 -10.28
N ILE H 128 -28.66 37.22 -9.07
CA ILE H 128 -28.01 36.80 -7.82
C ILE H 128 -28.02 35.27 -7.80
N ASP H 129 -26.87 34.72 -7.43
CA ASP H 129 -26.59 33.26 -7.31
C ASP H 129 -27.21 32.45 -8.44
N HIS H 130 -26.83 32.72 -9.69
CA HIS H 130 -27.63 32.21 -10.82
C HIS H 130 -27.08 31.50 -12.07
N GLY H 131 -25.90 31.82 -12.57
CA GLY H 131 -25.50 31.24 -13.87
C GLY H 131 -25.17 29.77 -14.02
N ASP H 132 -24.69 29.38 -15.20
CA ASP H 132 -24.24 28.04 -15.46
C ASP H 132 -23.30 27.54 -14.34
N ILE H 133 -23.54 26.37 -13.82
CA ILE H 133 -22.69 25.75 -12.82
C ILE H 133 -21.52 24.98 -13.45
N ILE H 134 -20.31 25.32 -13.03
CA ILE H 134 -19.07 24.74 -13.55
C ILE H 134 -18.83 23.51 -12.71
N ILE H 135 -19.00 23.61 -11.40
CA ILE H 135 -18.81 22.48 -10.50
C ILE H 135 -19.38 22.87 -9.15
N GLN H 136 -19.87 21.86 -8.44
CA GLN H 136 -20.35 22.10 -7.11
C GLN H 136 -20.30 20.80 -6.35
N GLU H 137 -20.42 20.91 -5.04
CA GLU H 137 -20.38 19.76 -4.17
C GLU H 137 -21.07 20.02 -2.84
N GLU H 138 -21.89 19.07 -2.44
CA GLU H 138 -22.64 19.07 -1.18
C GLU H 138 -21.72 18.77 -0.02
N VAL H 139 -22.00 19.36 1.12
CA VAL H 139 -21.33 18.97 2.35
C VAL H 139 -22.40 18.47 3.29
N GLU H 140 -21.95 17.62 4.20
CA GLU H 140 -22.85 17.00 5.12
C GLU H 140 -23.08 17.90 6.34
N VAL H 141 -24.26 17.78 6.93
CA VAL H 141 -24.59 18.45 8.19
C VAL H 141 -24.86 17.42 9.26
N ASN H 142 -23.96 17.40 10.23
CA ASN H 142 -24.01 16.49 11.35
C ASN H 142 -24.78 17.10 12.55
N SER H 143 -25.18 16.27 13.51
CA SER H 143 -26.17 16.66 14.54
C SER H 143 -25.66 17.72 15.45
N PHE H 144 -24.34 17.82 15.59
CA PHE H 144 -23.66 18.64 16.58
C PHE H 144 -23.11 19.95 16.04
N GLU H 145 -23.38 20.25 14.78
CA GLU H 145 -22.81 21.41 14.08
C GLU H 145 -23.74 22.61 14.06
N ASN H 146 -23.17 23.78 14.13
CA ASN H 146 -23.97 25.00 13.98
C ASN H 146 -23.58 25.65 12.65
N SER H 147 -24.10 26.84 12.47
CA SER H 147 -23.85 27.57 11.26
C SER H 147 -22.36 27.82 11.06
N PHE H 148 -21.64 28.09 12.13
CA PHE H 148 -20.26 28.45 12.02
C PHE H 148 -19.56 27.20 11.46
N ASP H 149 -19.87 26.03 11.97
CA ASP H 149 -19.11 24.81 11.61
C ASP H 149 -19.41 24.45 10.15
N VAL H 150 -20.64 24.71 9.75
CA VAL H 150 -21.02 24.26 8.43
C VAL H 150 -20.39 25.14 7.39
N TYR H 151 -20.38 26.42 7.69
CA TYR H 151 -19.81 27.44 6.81
C TYR H 151 -18.32 27.20 6.65
N ALA H 152 -17.65 26.81 7.73
CA ALA H 152 -16.27 26.56 7.67
C ALA H 152 -16.00 25.37 6.68
N LYS H 153 -16.87 24.38 6.63
CA LYS H 153 -16.80 23.30 5.70
C LYS H 153 -17.05 23.76 4.27
N VAL H 154 -17.92 24.76 4.14
CA VAL H 154 -18.29 25.22 2.85
C VAL H 154 -17.19 26.05 2.27
N GLN H 155 -16.60 26.86 3.11
CA GLN H 155 -15.56 27.72 2.66
C GLN H 155 -14.33 26.92 2.19
N LYS H 156 -13.97 25.90 2.94
CA LYS H 156 -12.93 24.92 2.48
C LYS H 156 -13.22 24.28 1.13
N LYS H 157 -14.47 23.86 0.94
CA LYS H 157 -14.95 23.25 -0.26
C LYS H 157 -14.84 24.20 -1.43
N GLU H 158 -15.18 25.48 -1.23
CA GLU H 158 -15.04 26.47 -2.30
C GLU H 158 -13.60 26.48 -2.80
N VAL H 159 -12.68 26.34 -1.87
CA VAL H 159 -11.31 26.51 -2.29
C VAL H 159 -10.81 25.24 -3.01
N GLU H 160 -11.16 24.10 -2.44
CA GLU H 160 -10.91 22.82 -3.10
C GLU H 160 -11.41 22.77 -4.54
N LEU H 161 -12.66 23.16 -4.77
CA LEU H 161 -13.29 23.16 -6.09
C LEU H 161 -12.61 24.07 -7.08
N PHE H 162 -12.18 25.19 -6.60
CA PHE H 162 -11.49 26.08 -7.44
C PHE H 162 -10.27 25.36 -7.99
N THR H 163 -9.48 24.71 -7.14
CA THR H 163 -8.26 24.05 -7.64
C THR H 163 -8.60 23.00 -8.63
N LYS H 164 -9.81 22.43 -8.60
CA LYS H 164 -10.15 21.40 -9.53
C LYS H 164 -10.47 21.86 -10.96
N VAL H 165 -10.99 23.07 -11.12
CA VAL H 165 -11.44 23.58 -12.42
C VAL H 165 -10.65 24.80 -12.94
N ILE H 166 -9.68 25.32 -12.20
CA ILE H 166 -8.98 26.47 -12.65
C ILE H 166 -8.13 26.26 -13.94
N ASP H 167 -7.49 25.11 -14.12
CA ASP H 167 -6.83 24.89 -15.42
C ASP H 167 -7.79 24.82 -16.61
N ASP H 168 -8.84 24.01 -16.55
CA ASP H 168 -9.90 24.08 -17.53
C ASP H 168 -10.41 25.51 -17.85
N ILE H 169 -10.59 26.34 -16.83
CA ILE H 169 -11.16 27.68 -17.02
C ILE H 169 -10.07 28.50 -17.68
N LEU H 170 -8.80 28.29 -17.32
CA LEU H 170 -7.75 29.07 -18.00
C LEU H 170 -7.62 28.63 -19.47
N ASN H 171 -8.10 27.42 -19.79
CA ASN H 171 -8.02 26.86 -21.12
C ASN H 171 -9.25 27.22 -21.95
N ASN H 172 -10.14 28.06 -21.43
CA ASN H 172 -11.47 28.26 -21.99
C ASN H 172 -12.21 27.04 -22.43
N LYS H 173 -12.27 26.03 -21.59
CA LYS H 173 -13.01 24.89 -21.98
C LYS H 173 -13.31 24.11 -20.74
N PHE H 174 -14.52 24.33 -20.25
CA PHE H 174 -14.90 23.86 -18.95
C PHE H 174 -16.35 23.54 -18.99
N THR H 175 -16.75 22.66 -18.10
CA THR H 175 -18.11 22.21 -17.92
C THR H 175 -19.05 23.33 -17.54
N ARG H 176 -20.23 23.45 -18.18
CA ARG H 176 -21.14 24.53 -17.78
C ARG H 176 -22.47 23.87 -17.90
N ILE H 177 -23.18 23.84 -16.78
CA ILE H 177 -24.47 23.19 -16.73
C ILE H 177 -25.53 24.11 -16.11
N LYS H 178 -26.71 24.16 -16.73
CA LYS H 178 -27.85 24.91 -16.25
C LYS H 178 -28.33 24.30 -14.95
N PRO H 179 -28.62 25.15 -13.94
CA PRO H 179 -29.17 24.59 -12.69
C PRO H 179 -30.44 23.80 -12.97
N ASN H 180 -30.64 22.63 -12.35
CA ASN H 180 -31.75 21.73 -12.68
C ASN H 180 -33.17 22.26 -12.40
N SER H 181 -33.27 23.47 -11.84
CA SER H 181 -34.55 24.03 -11.46
C SER H 181 -34.24 25.47 -11.06
N GLU H 182 -35.26 26.19 -10.62
CA GLU H 182 -35.09 27.54 -10.08
C GLU H 182 -34.76 27.46 -8.58
N GLY H 183 -34.92 26.29 -7.98
CA GLY H 183 -34.55 26.11 -6.58
C GLY H 183 -35.30 27.16 -5.79
N ASN H 184 -34.72 27.79 -4.80
CA ASN H 184 -35.48 28.76 -4.02
C ASN H 184 -34.60 29.88 -3.61
N TYR H 185 -35.24 30.98 -3.21
CA TYR H 185 -34.46 32.13 -2.87
C TYR H 185 -34.90 32.71 -1.52
N ASN H 186 -33.92 33.11 -0.71
CA ASN H 186 -34.18 33.81 0.55
C ASN H 186 -33.64 35.23 0.61
N SER H 187 -34.53 36.23 0.65
CA SER H 187 -34.19 37.66 0.78
C SER H 187 -33.75 38.11 2.15
N ILE H 188 -33.28 39.35 2.26
CA ILE H 188 -32.97 39.92 3.56
C ILE H 188 -34.14 39.69 4.48
N HIS H 189 -35.37 39.95 3.98
CA HIS H 189 -36.61 39.90 4.76
C HIS H 189 -37.02 38.54 5.22
N ASP H 190 -36.92 37.55 4.34
CA ASP H 190 -37.08 36.16 4.69
C ASP H 190 -36.17 35.79 5.87
N TYR H 191 -34.94 36.28 5.88
CA TYR H 191 -34.01 35.95 6.95
C TYR H 191 -34.39 36.71 8.22
N LYS H 192 -34.66 38.01 8.16
CA LYS H 192 -34.99 38.75 9.37
C LYS H 192 -36.20 38.13 10.01
N ASN H 193 -37.18 37.74 9.22
CA ASN H 193 -38.37 37.18 9.83
C ASN H 193 -38.03 35.89 10.58
N MET H 194 -37.11 35.13 10.01
CA MET H 194 -36.73 33.85 10.61
C MET H 194 -35.89 34.01 11.90
N CYS H 195 -35.01 35.02 11.99
CA CYS H 195 -34.33 35.37 13.20
C CYS H 195 -35.25 35.59 14.42
N GLU H 196 -36.53 35.89 14.16
CA GLU H 196 -37.47 36.18 15.22
C GLU H 196 -38.20 34.94 15.57
N ILE H 197 -37.92 34.47 16.77
CA ILE H 197 -38.57 33.31 17.26
C ILE H 197 -40.02 33.65 17.55
N ASP H 198 -40.87 32.68 17.23
CA ASP H 198 -42.26 32.64 17.61
C ASP H 198 -42.45 31.66 18.75
N LEU H 199 -42.60 32.23 19.97
CA LEU H 199 -42.64 31.41 21.19
C LEU H 199 -43.74 30.39 21.19
N ASP H 200 -44.79 30.62 20.41
CA ASP H 200 -45.92 29.68 20.46
C ASP H 200 -45.85 28.69 19.32
N LYS H 201 -44.96 28.93 18.34
CA LYS H 201 -44.86 28.00 17.20
C LYS H 201 -44.65 26.62 17.72
N ILE H 202 -45.49 25.67 17.34
CA ILE H 202 -45.41 24.29 17.81
C ILE H 202 -44.31 23.61 16.97
N VAL H 203 -43.44 22.82 17.59
CA VAL H 203 -42.31 22.18 16.91
C VAL H 203 -41.93 20.96 17.67
N THR H 204 -41.02 20.16 17.11
CA THR H 204 -40.41 19.16 17.92
C THR H 204 -39.11 19.72 18.48
N MET H 205 -38.55 18.93 19.38
CA MET H 205 -37.28 19.16 20.02
C MET H 205 -36.14 19.07 19.01
N ARG H 206 -36.20 18.08 18.13
CA ARG H 206 -35.24 18.09 16.99
C ARG H 206 -35.23 19.41 16.23
N GLU H 207 -36.43 19.90 15.91
CA GLU H 207 -36.62 21.16 15.19
C GLU H 207 -36.22 22.44 15.92
N ALA H 208 -36.42 22.47 17.23
CA ALA H 208 -36.04 23.63 18.02
C ALA H 208 -34.53 23.57 18.05
N ILE H 209 -33.97 22.37 18.21
CA ILE H 209 -32.51 22.28 18.34
C ILE H 209 -31.93 22.70 16.98
N ASP H 210 -32.60 22.33 15.92
CA ASP H 210 -32.00 22.52 14.59
C ASP H 210 -32.08 24.00 14.29
N TYR H 211 -33.21 24.60 14.64
CA TYR H 211 -33.31 26.07 14.52
C TYR H 211 -32.22 26.82 15.24
N LEU H 212 -31.99 26.38 16.46
CA LEU H 212 -31.15 27.21 17.28
C LEU H 212 -29.69 27.05 16.81
N ARG H 213 -29.30 25.82 16.50
CA ARG H 213 -27.91 25.66 15.96
C ARG H 213 -27.74 26.38 14.59
N ALA H 214 -28.76 26.35 13.73
CA ALA H 214 -28.72 27.12 12.49
C ALA H 214 -28.39 28.59 12.70
N MET H 215 -28.80 29.10 13.86
CA MET H 215 -28.87 30.51 14.14
C MET H 215 -27.62 30.92 14.91
N THR H 216 -26.89 29.92 15.39
CA THR H 216 -25.69 30.15 16.11
C THR H 216 -24.42 30.18 15.21
N HIS H 217 -23.73 31.30 15.34
CA HIS H 217 -22.60 31.61 14.52
C HIS H 217 -21.70 32.62 15.18
N PRO H 218 -20.91 32.17 16.16
CA PRO H 218 -20.06 33.08 16.90
C PRO H 218 -19.18 33.93 15.96
N PRO H 219 -18.99 35.20 16.22
CA PRO H 219 -19.43 35.96 17.36
C PRO H 219 -20.73 36.68 17.13
N TYR H 220 -21.50 36.32 16.13
CA TYR H 220 -22.71 37.09 15.80
C TYR H 220 -23.89 36.78 16.71
N LYS H 221 -24.81 37.70 16.86
CA LYS H 221 -26.03 37.42 17.58
C LYS H 221 -27.15 37.46 16.56
N ASN H 222 -27.98 36.43 16.42
CA ASN H 222 -28.83 36.32 15.29
C ASN H 222 -30.25 36.08 15.73
N SER H 223 -30.55 34.90 16.24
CA SER H 223 -31.91 34.64 16.60
C SER H 223 -32.28 35.33 17.92
N TYR H 224 -33.56 35.73 18.06
CA TYR H 224 -34.07 36.36 19.30
C TYR H 224 -35.57 36.08 19.47
N PHE H 225 -36.00 36.10 20.73
CA PHE H 225 -37.40 36.16 21.09
C PHE H 225 -37.71 37.51 21.78
N ILE H 226 -38.98 37.88 21.83
CA ILE H 226 -39.37 39.13 22.53
C ILE H 226 -40.32 38.66 23.63
N ASP H 227 -39.95 38.89 24.89
CA ASP H 227 -40.81 38.37 25.95
C ASP H 227 -41.99 39.35 26.17
N GLU H 228 -42.97 38.97 26.98
CA GLU H 228 -44.19 39.78 27.05
C GLU H 228 -43.89 41.19 27.59
N HIS H 229 -42.79 41.37 28.30
CA HIS H 229 -42.36 42.69 28.72
C HIS H 229 -41.75 43.53 27.64
N GLY H 230 -41.55 43.01 26.43
CA GLY H 230 -40.89 43.77 25.39
C GLY H 230 -39.39 43.62 25.53
N ASN H 231 -38.93 42.65 26.31
CA ASN H 231 -37.47 42.44 26.30
C ASN H 231 -37.05 41.66 25.04
N LYS H 232 -36.09 42.19 24.29
CA LYS H 232 -35.40 41.47 23.23
C LYS H 232 -34.32 40.62 23.85
N VAL H 233 -34.49 39.31 23.69
CA VAL H 233 -33.47 38.39 24.15
C VAL H 233 -32.81 37.56 23.04
N PHE H 234 -31.52 37.76 22.80
CA PHE H 234 -30.75 36.92 21.86
C PHE H 234 -30.40 35.53 22.40
N VAL H 235 -30.48 34.54 21.56
CA VAL H 235 -30.29 33.18 21.99
C VAL H 235 -29.19 32.50 21.15
N ALA H 236 -28.48 31.52 21.70
CA ALA H 236 -27.49 30.73 20.93
C ALA H 236 -27.36 29.42 21.63
N LEU H 237 -27.10 28.37 20.85
CA LEU H 237 -26.98 27.03 21.40
C LEU H 237 -25.54 26.57 21.35
N GLU H 238 -25.12 25.79 22.32
CA GLU H 238 -23.82 25.23 22.40
C GLU H 238 -24.04 23.69 22.41
N LEU H 239 -23.32 22.97 21.55
CA LEU H 239 -23.39 21.52 21.47
C LEU H 239 -21.98 20.97 21.55
N GLU H 240 -21.87 19.86 22.24
CA GLU H 240 -20.64 19.18 22.47
C GLU H 240 -20.89 17.68 22.36
N LYS H 241 -20.49 17.11 21.24
CA LYS H 241 -20.34 15.68 21.08
C LYS H 241 -19.29 15.19 22.04
N ILE H 242 -19.64 14.21 22.85
CA ILE H 242 -18.69 13.65 23.82
C ILE H 242 -18.60 12.16 23.50
N SER H 243 -17.42 11.67 23.17
CA SER H 243 -17.26 10.21 23.01
C SER H 243 -16.49 9.67 24.22
O4P 0FX I . 13.94 13.24 -26.42
P2 0FX I . 13.24 14.31 -25.55
O3P 0FX I . 13.17 14.37 -24.04
O1G 0FX I . 12.99 15.66 -26.36
C1G 0FX I . 14.06 16.49 -26.73
C2G 0FX I . 13.32 17.53 -27.54
O2G 0FX I . 12.08 17.90 -26.92
C3G 0FX I . 13.01 17.03 -28.94
O3G 0FX I . 12.49 18.21 -29.59
C4G 0FX I . 14.30 16.45 -29.55
N4A 0FX I . 14.13 16.03 -30.93
C5G 0FX I . 14.88 15.30 -28.73
C6G 0FX I . 16.18 14.78 -29.33
O5G 0FX I . 15.12 15.79 -27.41
OPP 0FX I . 11.65 14.21 -25.36
P 0FX I . 10.42 13.91 -26.30
O1P 0FX I . 10.00 15.03 -27.23
O2P 0FX I . 9.64 13.32 -25.13
O5 0FX I . 10.68 12.56 -27.14
C5 0FX I . 11.02 11.38 -26.40
C4 0FX I . 10.40 10.13 -27.01
O4 0FX I . 9.02 10.11 -26.73
C3 0FX I . 10.50 10.00 -28.50
O3 0FX I . 11.66 9.25 -28.92
C2 0FX I . 9.29 9.12 -28.85
C1 0FX I . 8.28 9.52 -27.78
N11 0FX I . 7.25 10.37 -28.37
C61 0FX I . 7.40 11.71 -28.36
C51 0FX I . 6.44 12.52 -28.93
C5A 0FX I . 6.51 14.03 -29.03
C21 0FX I . 6.16 9.80 -28.92
O21 0FX I . 5.96 8.46 -28.91
N31 0FX I . 5.16 10.52 -29.44
C41 0FX I . 5.33 11.87 -29.43
O41 0FX I . 4.43 12.68 -29.98
P PO4 J . -13.39 -0.50 -41.43
O1 PO4 J . -12.15 -1.40 -41.40
O2 PO4 J . -14.52 -1.21 -42.14
O3 PO4 J . -13.11 0.79 -42.18
O4 PO4 J . -13.88 -0.04 -40.07
PA TYD K . -15.66 -15.73 -17.69
O1A TYD K . -15.13 -17.15 -17.46
O2A TYD K . -15.10 -14.41 -17.19
O3A TYD K . -16.91 -15.43 -16.70
PB TYD K . -18.46 -15.77 -16.73
O1B TYD K . -18.90 -17.21 -17.16
O2B TYD K . -18.65 -14.64 -17.73
O3B TYD K . -18.89 -15.30 -15.36
O5' TYD K . -15.82 -15.77 -19.31
C5' TYD K . -16.02 -14.53 -19.98
C4' TYD K . -14.99 -14.06 -21.03
O4' TYD K . -13.64 -13.79 -20.56
C3' TYD K . -14.89 -14.97 -22.23
O3' TYD K . -15.90 -14.53 -23.13
C2' TYD K . -13.52 -14.58 -22.82
C1' TYD K . -12.76 -14.00 -21.65
N1 TYD K . -11.75 -14.97 -21.21
C2 TYD K . -10.53 -14.85 -21.79
O2 TYD K . -10.37 -14.00 -22.70
N3 TYD K . -9.52 -15.69 -21.46
C4 TYD K . -9.68 -16.60 -20.50
O4 TYD K . -8.74 -17.35 -20.20
C5 TYD K . -10.93 -16.71 -19.87
C5M TYD K . -11.10 -17.73 -18.77
C6 TYD K . -11.96 -15.84 -20.22
O4P 0FX L . 2.20 1.21 9.58
P2 0FX L . 2.38 -0.24 9.19
O3P 0FX L . 1.20 -1.12 8.83
O1G 0FX L . 3.67 -0.47 8.29
C1G 0FX L . 4.11 0.26 7.15
C2G 0FX L . 5.60 -0.02 7.31
O2G 0FX L . 5.66 -1.19 8.16
C3G 0FX L . 6.45 1.12 7.86
O3G 0FX L . 7.80 0.96 7.39
C4G 0FX L . 5.91 2.48 7.41
N4A 0FX L . 6.68 3.54 8.04
C5G 0FX L . 4.45 2.65 7.76
C6G 0FX L . 3.94 4.01 7.26
O5G 0FX L . 3.66 1.61 7.13
OPP 0FX L . 2.94 -1.14 10.39
P 0FX L . 3.83 -0.78 11.65
O1P 0FX L . 5.30 -0.48 11.39
O2P 0FX L . 3.03 -1.86 12.37
O5 0FX L . 3.29 0.49 12.47
C5 0FX L . 1.97 0.45 12.90
C4 0FX L . 2.10 1.04 14.30
O4 0FX L . 2.41 0.09 15.33
C3 0FX L . 3.11 2.16 14.42
O3 0FX L . 2.44 3.36 14.10
C2 0FX L . 3.50 2.17 15.90
C1 0FX L . 3.19 0.75 16.30
N11 0FX L . 4.49 0.13 16.53
C61 0FX L . 5.14 -0.49 15.52
C51 0FX L . 6.40 -1.05 15.75
C5A 0FX L . 7.12 -1.74 14.60
C21 0FX L . 5.03 0.21 17.77
O21 0FX L . 4.39 0.82 18.81
N31 0FX L . 6.28 -0.28 18.02
C41 0FX L . 6.95 -0.96 17.03
O41 0FX L . 8.16 -1.49 17.35
PA TYD M . -9.19 -8.80 49.03
O1A TYD M . -9.15 -9.31 47.59
O2A TYD M . -10.17 -7.92 49.80
O3A TYD M . -9.22 -10.35 49.50
PB TYD M . -8.85 -11.03 50.89
O1B TYD M . -9.40 -12.37 50.55
O2B TYD M . -7.37 -11.24 50.70
O3B TYD M . -9.37 -10.17 52.08
O5' TYD M . -7.81 -8.00 49.20
C5' TYD M . -6.67 -8.41 48.52
C4' TYD M . -6.10 -7.26 47.73
O4' TYD M . -6.90 -6.99 46.56
C3' TYD M . -6.00 -5.98 48.55
O3' TYD M . -4.78 -5.85 49.26
C2' TYD M . -5.89 -5.01 47.36
C1' TYD M . -6.66 -5.65 46.23
N1 TYD M . -7.93 -4.91 46.13
C2 TYD M . -7.86 -3.84 45.32
O2 TYD M . -6.78 -3.60 44.71
N3 TYD M . -8.94 -3.06 45.16
C4 TYD M . -10.14 -3.34 45.69
O4 TYD M . -11.16 -2.60 45.55
C5 TYD M . -10.19 -4.42 46.55
C5M TYD M . -11.52 -4.71 47.18
C6 TYD M . -9.06 -5.21 46.77
P PO4 N . 15.68 2.26 40.91
O1 PO4 N . 15.64 0.81 40.48
O2 PO4 N . 16.83 2.85 40.10
O3 PO4 N . 14.42 3.01 40.57
O4 PO4 N . 15.75 2.40 42.43
C4 4TG O . 13.76 -29.51 -26.89
C5 4TG O . 12.88 -30.26 -27.64
O4 4TG O . 13.30 -28.47 -26.14
C6 4TG O . 13.36 -31.30 -28.45
N1 4TG O . 14.68 -31.53 -28.44
N3 4TG O . 15.08 -29.77 -26.91
O2B 4TG O . 8.82 -35.73 -33.19
PB 4TG O . 9.52 -35.77 -31.87
O1B 4TG O . 10.57 -36.86 -31.68
O3B 4TG O . 8.52 -35.90 -30.63
C1Q 4TG O . 7.33 -36.64 -30.55
O5Q 4TG O . 7.67 -38.00 -30.25
C5Q 4TG O . 8.32 -38.17 -29.00
C6Q 4TG O . 8.70 -39.64 -28.79
C4Q 4TG O . 7.47 -37.65 -27.84
N4Q 4TG O . 8.31 -37.56 -26.65
C 4TG O . 8.15 -38.48 -25.54
O 4TG O . 7.27 -39.36 -25.57
C3Q 4TG O . 7.04 -36.19 -28.01
O3Q 4TG O . 6.10 -35.82 -26.98
C2Q 4TG O . 6.56 -35.92 -29.44
O2Q 4TG O . 6.74 -34.50 -29.59
O3A 4TG O . 10.17 -34.32 -31.50
PA 4TG O . 10.53 -33.89 -30.00
O2A 4TG O . 10.52 -35.00 -28.95
O1A 4TG O . 9.69 -32.72 -29.57
O5' 4TG O . 12.09 -33.57 -30.21
C5' 4TG O . 12.96 -34.39 -30.99
C4' 4TG O . 14.35 -34.26 -30.39
O4' 4TG O . 14.69 -32.86 -30.39
C1' 4TG O . 15.39 -32.55 -29.20
C2' 4TG O . 15.56 -33.83 -28.37
C3' 4TG O . 14.51 -34.75 -28.94
O3' 4TG O . 14.88 -36.12 -28.80
C2 4TG O . 15.48 -30.76 -27.72
O2 4TG O . 16.79 -31.09 -27.75
C5M 4TG O . 11.40 -29.92 -27.55
P PO4 P . 30.54 -16.38 -13.20
O1 PO4 P . 31.20 -17.47 -14.07
O2 PO4 P . 29.76 -17.10 -12.12
O3 PO4 P . 29.78 -15.41 -14.10
O4 PO4 P . 31.57 -15.53 -12.47
O4P 0FX Q . 45.19 -9.18 -35.58
P2 0FX Q . 45.46 -9.53 -37.04
O3P 0FX Q . 45.19 -8.62 -38.19
O1G 0FX Q . 46.96 -10.14 -36.99
C1G 0FX Q . 48.17 -9.37 -36.77
C2G 0FX Q . 49.25 -10.29 -37.33
O2G 0FX Q . 48.73 -10.75 -38.57
C3G 0FX Q . 49.62 -11.41 -36.36
O3G 0FX Q . 50.55 -12.41 -36.81
C4G 0FX Q . 50.20 -10.67 -35.16
N4A 0FX Q . 50.96 -11.53 -34.27
C5G 0FX Q . 49.00 -9.97 -34.51
C6G 0FX Q . 49.41 -9.40 -33.16
O5G 0FX Q . 48.44 -8.98 -35.41
OPP 0FX Q . 44.48 -10.66 -37.58
P 0FX Q . 44.53 -12.19 -37.06
O1P 0FX Q . 45.82 -12.98 -37.21
O2P 0FX Q . 43.17 -12.49 -37.63
O5 0FX Q . 44.33 -12.15 -35.47
C5 0FX Q . 43.07 -11.76 -34.94
C4 0FX Q . 42.40 -12.81 -34.07
O4 0FX Q . 41.81 -13.89 -34.83
C3 0FX Q . 43.36 -13.41 -33.02
O3 0FX Q . 43.41 -12.70 -31.79
C2 0FX Q . 42.79 -14.80 -32.80
C1 0FX Q . 41.96 -15.10 -34.06
N11 0FX Q . 42.60 -16.20 -34.79
C61 0FX Q . 43.47 -16.00 -35.78
C51 0FX Q . 44.08 -17.05 -36.46
C5A 0FX Q . 45.07 -16.70 -37.56
C21 0FX Q . 42.30 -17.47 -34.51
O21 0FX Q . 41.40 -17.63 -33.52
N31 0FX Q . 42.83 -18.57 -35.15
C41 0FX Q . 43.75 -18.36 -36.14
O41 0FX Q . 44.33 -19.41 -36.78
O4P 0FX R . -26.80 23.50 45.99
P2 0FX R . -25.47 22.91 46.40
O3P 0FX R . -24.37 23.62 47.08
O1G 0FX R . -25.63 21.41 46.97
C1G 0FX R . -26.02 20.98 48.27
C2G 0FX R . -26.12 19.46 48.11
O2G 0FX R . -25.09 18.99 47.23
C3G 0FX R . -27.45 19.04 47.50
O3G 0FX R . -27.49 17.62 47.30
C4G 0FX R . -28.56 19.64 48.36
N4A 0FX R . -29.90 19.13 48.07
C5G 0FX R . -28.47 21.16 48.14
C6G 0FX R . -29.69 21.90 48.67
O5G 0FX R . -27.24 21.62 48.71
OPP 0FX R . -24.59 22.48 45.10
P 0FX R . -24.83 21.30 44.02
O1P 0FX R . -25.57 20.00 44.29
O2P 0FX R . -23.44 21.11 43.52
O5 0FX R . -25.92 22.13 43.13
C5 0FX R . -25.75 23.45 42.65
C4 0FX R . -26.61 23.67 41.40
O4 0FX R . -25.83 23.18 40.30
C3 0FX R . -27.93 22.94 41.28
O3 0FX R . -29.09 23.61 41.77
C2 0FX R . -28.09 22.83 39.76
C1 0FX R . -26.66 22.74 39.26
N11 0FX R . -26.28 21.38 38.84
C61 0FX R . -25.64 20.62 39.72
C51 0FX R . -25.27 19.33 39.39
C5A 0FX R . -24.56 18.46 40.40
C21 0FX R . -26.56 20.95 37.59
O21 0FX R . -27.23 21.71 36.67
N31 0FX R . -26.18 19.72 37.21
C41 0FX R . -25.56 18.93 38.10
O41 0FX R . -25.27 17.72 37.68
PA TYD S . -18.94 37.00 6.92
O1A TYD S . -18.43 36.96 8.33
O2A TYD S . -20.13 37.67 6.21
O3A TYD S . -17.55 37.00 6.07
PB TYD S . -17.40 36.65 4.49
O1B TYD S . -17.27 35.15 4.72
O2B TYD S . -16.03 37.12 4.04
O3B TYD S . -18.63 37.25 3.79
O5' TYD S . -19.44 35.47 6.98
C5' TYD S . -20.79 35.22 6.57
C4' TYD S . -21.33 34.26 7.58
O4' TYD S . -21.21 34.77 8.94
C3' TYD S . -22.79 34.03 7.20
O3' TYD S . -22.96 32.91 6.32
C2' TYD S . -23.37 33.73 8.55
C1' TYD S . -22.53 34.56 9.48
N1 TYD S . -23.19 35.83 9.89
C2 TYD S . -24.12 35.77 10.88
O2 TYD S . -24.49 34.64 11.31
N3 TYD S . -24.73 36.92 11.32
C4 TYD S . -24.34 38.13 10.89
O4 TYD S . -24.85 39.18 11.36
C5 TYD S . -23.31 38.22 9.94
C5M TYD S . -22.88 39.56 9.40
C6 TYD S . -22.75 37.03 9.44
P PO4 T . -43.20 35.18 27.37
O1 PO4 T . -42.35 33.91 27.44
O2 PO4 T . -44.54 34.87 27.99
O3 PO4 T . -43.38 35.63 25.92
O4 PO4 T . -42.60 36.36 28.12
P PO4 U . -31.14 12.43 14.12
O1 PO4 U . -31.31 12.18 12.63
O2 PO4 U . -29.66 12.69 14.42
O3 PO4 U . -31.64 11.26 14.96
O4 PO4 U . -31.96 13.67 14.46
#